data_9O07
#
_entry.id   9O07
#
_cell.length_a   212.712
_cell.length_b   69.293
_cell.length_c   141.169
_cell.angle_alpha   90.000
_cell.angle_beta   103.481
_cell.angle_gamma   90.000
#
_symmetry.space_group_name_H-M   'C 1 2 1'
#
loop_
_entity.id
_entity.type
_entity.pdbx_description
1 polymer 'Major histocompatibility complex class I-related gene protein'
2 polymer TCR-alpha
3 polymer TCR-beta
4 polymer Beta-2-microglobulin
5 non-polymer LUMIFLAVIN
6 non-polymer 'SODIUM ION'
7 non-polymer GLYCEROL
8 water water
#
loop_
_entity_poly.entity_id
_entity_poly.type
_entity_poly.pdbx_seq_one_letter_code
_entity_poly.pdbx_strand_id
1 'polypeptide(L)'
;MRTHSLRYFRLGVSDPIHGVPEFISVGYVDSHPITTYDSVTRQKEPRAPWMAENLAPDHWERYTQLLRGWQQMFKVELKR
LQRHYNHSGSHTYQRMIGCELLEDGSTTGFLQYAYDGQDFLIFNKDTLSWLAVDNVAHTIKQAWEANQHELLYQKNWLEE
ECIAWLKRFLEYGKDTLQRTEPPLVRVNRKETFPGVTALFCKAHGFYPPEIYMTWMKNGEEIVQEIDYGDILPSGDGTYQ
AWASIELDPQSSNLYSCHVEHSGVHMVLQVP
;
C,A
2 'polypeptide(L)'
;MGQNIDQPTEMTATEGAIVQINCTYQTSGFNGLFWYQQHAGEAPTFLSYNVLDGLEEKGRFSSFLSRSKGYSYLLLKELQ
MKDSASYLCAVKDSNYQLIWGAGTKLIIKPDIQNPDPAVYQLRDSKSSDKSVCLFTDFDSQTNVSQSKDSDVYITDKCVL
DMRSMDFKSNSAVAWSNKSDFACANAFNNSIIPEDTFFPSPESS
;
D,B
3 'polypeptide(L)'
;MNAGVTQTPKFQVLKTGQSMTLQCAQDMNHNSMYWYRQDPGMGLRLIYYSASEGTTDKGEVPNGYNVSRLNKREFSLRLE
SAAPSQTSVYFCASSVWTGEGSGELFFGEGSRLTVLEDLKNVFPPEVAVFEPSEAEISHTQKATLVCLATGFYPDHVELS
WWVNGKEVHSGVCTDPQPLKEQPALNDSRYALSSRLRVSATFWQNPRNHFRCQVQFYGLSENDEWTQDRAKPVTQIVSAE
AWGRAD
;
E,G
4 'polypeptide(L)'
;MIQRTPKIQVYSRHPAENGKSNFLNCYVSGFHPSDIEVDLLKNGERIEKVEHSDLSFSKDWSFYLLYYTEFTPTEKDEYA
CRVNHVTLSQPKIVKWDRDM
;
F,H
#
loop_
_chem_comp.id
_chem_comp.type
_chem_comp.name
_chem_comp.formula
GOL non-polymer GLYCEROL 'C3 H8 O3'
LFN non-polymer LUMIFLAVIN 'C13 H12 N4 O2'
NA non-polymer 'SODIUM ION' 'Na 1'
#
# COMPACT_ATOMS: atom_id res chain seq x y z
N ARG A 2 23.55 -13.17 15.37
CA ARG A 2 22.18 -12.63 15.32
C ARG A 2 21.86 -12.34 13.86
N THR A 3 20.76 -11.64 13.59
CA THR A 3 20.35 -11.33 12.21
CA THR A 3 20.35 -11.33 12.21
C THR A 3 20.90 -9.97 11.79
N HIS A 4 21.63 -9.95 10.67
CA HIS A 4 22.21 -8.73 10.15
C HIS A 4 21.66 -8.51 8.75
N SER A 5 21.76 -7.26 8.29
CA SER A 5 21.20 -6.92 7.00
C SER A 5 22.03 -5.81 6.36
N LEU A 6 22.05 -5.83 5.03
CA LEU A 6 22.65 -4.79 4.22
C LEU A 6 21.55 -4.32 3.26
N ARG A 7 21.37 -3.02 3.13
CA ARG A 7 20.37 -2.54 2.19
CA ARG A 7 20.35 -2.52 2.21
C ARG A 7 20.75 -1.15 1.69
N TYR A 8 20.37 -0.87 0.45
CA TYR A 8 20.64 0.40 -0.19
C TYR A 8 19.31 0.94 -0.69
N PHE A 9 19.05 2.22 -0.39
CA PHE A 9 17.85 2.92 -0.84
C PHE A 9 18.23 3.95 -1.90
N ARG A 10 17.32 4.21 -2.82
CA ARG A 10 17.36 5.37 -3.69
C ARG A 10 16.05 6.13 -3.57
N LEU A 11 16.13 7.45 -3.63
CA LEU A 11 14.94 8.30 -3.65
C LEU A 11 15.09 9.31 -4.79
N GLY A 12 14.09 9.38 -5.64
CA GLY A 12 14.03 10.43 -6.65
C GLY A 12 12.80 11.28 -6.42
N VAL A 13 12.96 12.59 -6.59
CA VAL A 13 11.86 13.52 -6.46
C VAL A 13 11.81 14.35 -7.72
N SER A 14 10.64 14.45 -8.32
CA SER A 14 10.49 15.26 -9.51
C SER A 14 10.08 16.67 -9.09
N ASP A 15 10.53 17.66 -9.85
CA ASP A 15 10.24 19.06 -9.60
C ASP A 15 10.43 19.43 -8.11
N PRO A 16 11.61 19.14 -7.54
CA PRO A 16 11.79 19.36 -6.10
C PRO A 16 11.72 20.83 -5.75
N ILE A 17 11.40 21.10 -4.48
CA ILE A 17 11.40 22.45 -3.93
C ILE A 17 12.84 22.92 -3.74
N HIS A 18 13.00 24.14 -3.20
CA HIS A 18 14.30 24.81 -3.25
C HIS A 18 15.42 23.98 -2.62
N GLY A 19 15.17 23.38 -1.46
CA GLY A 19 16.22 22.69 -0.73
C GLY A 19 16.23 21.17 -0.80
N VAL A 20 15.41 20.55 -1.64
CA VAL A 20 15.26 19.10 -1.68
C VAL A 20 16.08 18.56 -2.84
N PRO A 21 17.06 17.69 -2.61
CA PRO A 21 17.80 17.11 -3.73
C PRO A 21 16.87 16.31 -4.61
N GLU A 22 17.15 16.33 -5.91
CA GLU A 22 16.42 15.50 -6.86
C GLU A 22 16.66 14.00 -6.63
N PHE A 23 17.79 13.64 -6.04
CA PHE A 23 18.16 12.22 -5.90
C PHE A 23 18.99 12.07 -4.64
N ILE A 24 18.66 11.05 -3.84
CA ILE A 24 19.40 10.72 -2.62
C ILE A 24 19.54 9.21 -2.60
N SER A 25 20.72 8.72 -2.20
CA SER A 25 20.90 7.28 -2.01
C SER A 25 21.70 7.03 -0.74
N VAL A 26 21.18 6.16 0.12
CA VAL A 26 21.82 5.85 1.40
C VAL A 26 21.86 4.34 1.59
N GLY A 27 22.94 3.84 2.18
CA GLY A 27 23.10 2.44 2.50
C GLY A 27 23.15 2.26 4.00
N TYR A 28 22.70 1.08 4.46
CA TYR A 28 22.65 0.73 5.87
C TYR A 28 23.17 -0.69 6.07
N VAL A 29 23.89 -0.89 7.17
CA VAL A 29 24.07 -2.22 7.74
C VAL A 29 23.34 -2.22 9.08
N ASP A 30 22.42 -3.16 9.28
CA ASP A 30 21.51 -3.16 10.45
C ASP A 30 20.89 -1.76 10.53
N SER A 31 20.93 -1.10 11.67
CA SER A 31 20.35 0.23 11.81
C SER A 31 21.33 1.35 11.52
N HIS A 32 22.51 1.05 10.96
CA HIS A 32 23.59 2.02 10.86
C HIS A 32 23.71 2.52 9.44
N PRO A 33 23.61 3.84 9.21
CA PRO A 33 23.93 4.34 7.87
C PRO A 33 25.40 4.11 7.61
N ILE A 34 25.72 3.62 6.41
CA ILE A 34 27.11 3.37 6.06
C ILE A 34 27.61 4.31 4.95
N THR A 35 26.73 4.75 4.05
CA THR A 35 27.13 5.53 2.88
CA THR A 35 27.16 5.59 2.94
C THR A 35 26.03 6.52 2.54
N THR A 36 26.40 7.59 1.83
CA THR A 36 25.43 8.56 1.36
C THR A 36 25.90 9.17 0.06
N TYR A 37 24.94 9.58 -0.76
CA TYR A 37 25.15 10.22 -2.04
C TYR A 37 23.93 11.07 -2.32
N ASP A 38 24.11 12.26 -2.88
CA ASP A 38 22.94 12.96 -3.42
C ASP A 38 23.34 13.80 -4.63
N SER A 39 22.30 14.29 -5.33
CA SER A 39 22.48 15.05 -6.55
C SER A 39 23.10 16.41 -6.31
N VAL A 40 23.23 16.85 -5.06
CA VAL A 40 23.91 18.11 -4.77
C VAL A 40 25.41 17.91 -4.63
N THR A 41 25.83 16.97 -3.77
CA THR A 41 27.25 16.68 -3.61
C THR A 41 27.82 15.95 -4.82
N ARG A 42 27.02 15.06 -5.43
CA ARG A 42 27.47 14.17 -6.52
C ARG A 42 28.67 13.32 -6.11
N GLN A 43 28.76 13.01 -4.83
CA GLN A 43 29.92 12.31 -4.26
CA GLN A 43 29.91 12.30 -4.28
C GLN A 43 29.40 11.28 -3.27
N LYS A 44 29.87 10.04 -3.41
CA LYS A 44 29.54 9.01 -2.42
C LYS A 44 30.51 9.11 -1.25
N GLU A 45 29.96 9.17 -0.03
CA GLU A 45 30.73 9.43 1.15
C GLU A 45 30.37 8.44 2.26
N PRO A 46 31.34 7.99 3.05
CA PRO A 46 31.02 7.12 4.20
C PRO A 46 30.23 7.86 5.27
N ARG A 47 29.40 7.10 5.99
CA ARG A 47 28.65 7.59 7.15
C ARG A 47 28.94 6.79 8.41
N ALA A 48 29.87 5.85 8.36
CA ALA A 48 30.32 5.16 9.57
C ALA A 48 31.83 5.15 9.57
N PRO A 49 32.47 5.39 10.72
CA PRO A 49 33.94 5.43 10.75
C PRO A 49 34.57 4.12 10.33
N TRP A 50 33.95 3.00 10.68
CA TRP A 50 34.50 1.71 10.34
C TRP A 50 34.32 1.36 8.86
N MET A 51 33.48 2.09 8.12
CA MET A 51 33.47 1.99 6.68
C MET A 51 34.59 2.83 6.07
N ALA A 52 34.71 4.08 6.52
CA ALA A 52 35.75 4.98 6.02
C ALA A 52 37.14 4.40 6.22
N GLU A 53 37.40 3.81 7.39
CA GLU A 53 38.74 3.32 7.70
C GLU A 53 39.14 2.09 6.89
N ASN A 54 38.18 1.34 6.33
CA ASN A 54 38.50 0.08 5.67
C ASN A 54 38.32 0.10 4.16
N LEU A 55 37.91 1.23 3.58
CA LEU A 55 37.68 1.32 2.14
C LEU A 55 38.46 2.50 1.56
N ALA A 56 39.39 2.20 0.66
CA ALA A 56 40.31 3.20 0.13
C ALA A 56 39.59 4.16 -0.83
N PRO A 57 40.20 5.32 -1.13
CA PRO A 57 39.56 6.29 -2.02
C PRO A 57 39.11 5.74 -3.36
N ASP A 58 39.81 4.77 -3.96
CA ASP A 58 39.40 4.22 -5.25
CA ASP A 58 39.37 4.30 -5.26
C ASP A 58 37.99 3.64 -5.18
N HIS A 59 37.64 3.03 -4.05
CA HIS A 59 36.29 2.49 -3.87
C HIS A 59 35.25 3.61 -3.96
N TRP A 60 35.45 4.69 -3.18
CA TRP A 60 34.50 5.79 -3.19
C TRP A 60 34.44 6.44 -4.56
N GLU A 61 35.58 6.54 -5.26
CA GLU A 61 35.57 7.11 -6.59
C GLU A 61 34.77 6.23 -7.56
N ARG A 62 34.95 4.91 -7.47
CA ARG A 62 34.26 4.01 -8.39
C ARG A 62 32.76 4.10 -8.21
N TYR A 63 32.29 4.01 -6.95
CA TYR A 63 30.87 4.00 -6.71
C TYR A 63 30.25 5.38 -6.86
N THR A 64 31.03 6.45 -6.73
CA THR A 64 30.55 7.77 -7.13
C THR A 64 30.15 7.77 -8.61
N GLN A 65 30.99 7.21 -9.47
CA GLN A 65 30.68 7.16 -10.90
C GLN A 65 29.41 6.35 -11.15
N LEU A 66 29.28 5.19 -10.50
CA LEU A 66 28.08 4.39 -10.67
C LEU A 66 26.83 5.12 -10.18
N LEU A 67 26.91 5.79 -9.01
CA LEU A 67 25.76 6.52 -8.48
C LEU A 67 25.35 7.68 -9.41
N ARG A 68 26.30 8.34 -10.03
CA ARG A 68 25.92 9.38 -10.99
C ARG A 68 25.12 8.79 -12.15
N GLY A 69 25.47 7.59 -12.60
CA GLY A 69 24.63 6.91 -13.58
C GLY A 69 23.29 6.49 -13.00
N TRP A 70 23.30 5.95 -11.78
CA TRP A 70 22.03 5.53 -11.19
C TRP A 70 21.10 6.72 -10.97
N GLN A 71 21.66 7.89 -10.66
CA GLN A 71 20.85 9.10 -10.56
C GLN A 71 20.16 9.43 -11.87
N GLN A 72 20.91 9.36 -12.98
CA GLN A 72 20.32 9.68 -14.27
C GLN A 72 19.24 8.67 -14.64
N MET A 73 19.49 7.39 -14.37
CA MET A 73 18.50 6.37 -14.68
C MET A 73 17.24 6.55 -13.84
N PHE A 74 17.40 6.95 -12.58
CA PHE A 74 16.23 7.18 -11.73
C PHE A 74 15.41 8.34 -12.25
N LYS A 75 16.08 9.41 -12.67
CA LYS A 75 15.38 10.58 -13.19
C LYS A 75 14.50 10.22 -14.38
N VAL A 76 15.03 9.42 -15.29
CA VAL A 76 14.28 9.03 -16.49
C VAL A 76 13.16 8.05 -16.14
N GLU A 77 13.43 7.09 -15.25
CA GLU A 77 12.38 6.13 -14.89
C GLU A 77 11.20 6.84 -14.22
N LEU A 78 11.48 7.82 -13.36
CA LEU A 78 10.40 8.58 -12.72
C LEU A 78 9.62 9.39 -13.74
N LYS A 79 10.30 10.05 -14.68
CA LYS A 79 9.60 10.74 -15.77
C LYS A 79 8.66 9.79 -16.52
N ARG A 80 9.10 8.56 -16.77
CA ARG A 80 8.23 7.64 -17.50
C ARG A 80 7.05 7.18 -16.65
N LEU A 81 7.24 7.02 -15.35
CA LEU A 81 6.13 6.60 -14.50
C LEU A 81 5.06 7.69 -14.40
N GLN A 82 5.47 8.95 -14.20
CA GLN A 82 4.48 10.02 -14.17
C GLN A 82 3.69 10.08 -15.46
N ARG A 83 4.34 9.80 -16.59
CA ARG A 83 3.63 9.81 -17.86
C ARG A 83 2.56 8.72 -17.89
N HIS A 84 2.89 7.51 -17.42
CA HIS A 84 1.91 6.42 -17.44
C HIS A 84 0.69 6.78 -16.62
N TYR A 85 0.89 7.36 -15.43
CA TYR A 85 -0.19 7.82 -14.58
C TYR A 85 -0.78 9.15 -15.02
N ASN A 86 -0.17 9.81 -16.02
CA ASN A 86 -0.57 11.16 -16.43
C ASN A 86 -0.61 12.12 -15.24
N HIS A 87 0.47 12.09 -14.46
CA HIS A 87 0.65 12.93 -13.29
C HIS A 87 1.56 14.11 -13.61
N SER A 88 1.25 15.26 -13.03
CA SER A 88 2.10 16.43 -13.11
C SER A 88 2.50 16.84 -11.69
N GLY A 89 3.35 17.85 -11.61
CA GLY A 89 3.85 18.26 -10.32
C GLY A 89 4.89 17.29 -9.77
N SER A 90 5.05 17.33 -8.44
CA SER A 90 6.12 16.61 -7.75
C SER A 90 5.66 15.24 -7.28
N HIS A 91 6.42 14.20 -7.66
CA HIS A 91 6.14 12.84 -7.24
C HIS A 91 7.45 12.19 -6.86
N THR A 92 7.37 11.06 -6.16
CA THR A 92 8.57 10.38 -5.68
C THR A 92 8.66 8.97 -6.24
N TYR A 93 9.90 8.51 -6.34
CA TYR A 93 10.24 7.16 -6.79
C TYR A 93 11.29 6.65 -5.82
N GLN A 94 11.17 5.40 -5.40
CA GLN A 94 12.08 4.85 -4.41
C GLN A 94 12.41 3.41 -4.77
N ARG A 95 13.65 3.03 -4.44
CA ARG A 95 14.14 1.68 -4.60
C ARG A 95 14.76 1.23 -3.28
N MET A 96 14.58 -0.06 -2.97
CA MET A 96 15.31 -0.70 -1.88
C MET A 96 15.78 -2.07 -2.33
N ILE A 97 17.08 -2.34 -2.21
CA ILE A 97 17.64 -3.67 -2.45
C ILE A 97 18.43 -4.09 -1.21
N GLY A 98 18.46 -5.37 -0.92
CA GLY A 98 19.32 -5.83 0.15
C GLY A 98 19.15 -7.30 0.46
N CYS A 99 19.83 -7.71 1.54
CA CYS A 99 19.83 -9.09 1.96
C CYS A 99 19.99 -9.13 3.47
N GLU A 100 19.57 -10.25 4.04
CA GLU A 100 19.74 -10.52 5.45
C GLU A 100 20.45 -11.85 5.65
N LEU A 101 21.28 -11.90 6.69
CA LEU A 101 21.88 -13.15 7.16
C LEU A 101 21.31 -13.39 8.55
N LEU A 102 20.54 -14.46 8.70
CA LEU A 102 19.90 -14.75 9.97
C LEU A 102 20.76 -15.70 10.80
N GLU A 103 20.34 -15.90 12.06
CA GLU A 103 21.12 -16.69 13.00
C GLU A 103 21.37 -18.12 12.49
N ASP A 104 20.36 -18.78 11.92
CA ASP A 104 20.58 -20.18 11.54
C ASP A 104 21.41 -20.34 10.28
N GLY A 105 21.92 -19.24 9.72
CA GLY A 105 22.71 -19.33 8.51
C GLY A 105 21.92 -19.21 7.23
N SER A 106 20.59 -19.14 7.32
CA SER A 106 19.78 -18.92 6.14
C SER A 106 19.75 -17.43 5.78
N THR A 107 19.47 -17.15 4.51
CA THR A 107 19.56 -15.81 3.96
C THR A 107 18.24 -15.38 3.35
N THR A 108 18.00 -14.07 3.31
CA THR A 108 16.92 -13.46 2.56
C THR A 108 17.50 -12.43 1.59
N GLY A 109 16.72 -12.10 0.56
CA GLY A 109 17.13 -11.11 -0.41
C GLY A 109 15.91 -10.41 -0.93
N PHE A 110 15.97 -9.09 -1.15
CA PHE A 110 14.77 -8.36 -1.53
C PHE A 110 15.15 -7.23 -2.45
N LEU A 111 14.21 -6.86 -3.31
CA LEU A 111 14.41 -5.77 -4.26
C LEU A 111 13.03 -5.24 -4.59
N GLN A 112 12.79 -3.96 -4.34
CA GLN A 112 11.43 -3.44 -4.38
C GLN A 112 11.48 -2.00 -4.79
N TYR A 113 10.41 -1.55 -5.44
CA TYR A 113 10.26 -0.17 -5.89
C TYR A 113 8.94 0.37 -5.36
N ALA A 114 8.89 1.68 -5.15
CA ALA A 114 7.71 2.37 -4.69
C ALA A 114 7.51 3.65 -5.49
N TYR A 115 6.27 3.99 -5.74
CA TYR A 115 5.91 5.24 -6.40
C TYR A 115 5.03 6.03 -5.43
N ASP A 116 5.42 7.29 -5.19
CA ASP A 116 4.68 8.13 -4.24
C ASP A 116 4.53 7.41 -2.89
N GLY A 117 5.57 6.68 -2.50
CA GLY A 117 5.65 6.05 -1.19
C GLY A 117 4.80 4.81 -1.00
N GLN A 118 4.27 4.25 -2.08
CA GLN A 118 3.45 3.04 -2.03
C GLN A 118 4.12 1.95 -2.84
N ASP A 119 4.01 0.70 -2.37
CA ASP A 119 4.54 -0.44 -3.13
C ASP A 119 4.13 -0.34 -4.60
N PHE A 120 5.08 -0.64 -5.48
CA PHE A 120 4.85 -0.55 -6.92
C PHE A 120 5.25 -1.86 -7.60
N LEU A 121 6.50 -2.26 -7.43
CA LEU A 121 7.02 -3.52 -7.99
C LEU A 121 7.84 -4.23 -6.93
N ILE A 122 7.60 -5.54 -6.75
CA ILE A 122 8.30 -6.38 -5.77
C ILE A 122 8.93 -7.54 -6.53
N PHE A 123 10.24 -7.72 -6.39
CA PHE A 123 10.94 -8.84 -6.99
C PHE A 123 10.89 -10.03 -6.05
N ASN A 124 10.57 -11.18 -6.59
CA ASN A 124 10.67 -12.46 -5.88
C ASN A 124 11.81 -13.23 -6.53
N LYS A 125 12.97 -13.25 -5.88
CA LYS A 125 14.14 -13.92 -6.44
C LYS A 125 13.95 -15.43 -6.54
N ASP A 126 13.02 -16.00 -5.76
CA ASP A 126 12.87 -17.45 -5.79
C ASP A 126 12.12 -17.92 -7.01
N THR A 127 11.17 -17.13 -7.51
CA THR A 127 10.45 -17.45 -8.74
C THR A 127 10.94 -16.65 -9.95
N LEU A 128 11.83 -15.67 -9.76
CA LEU A 128 12.33 -14.79 -10.83
C LEU A 128 11.20 -14.00 -11.50
N SER A 129 10.33 -13.41 -10.69
CA SER A 129 9.23 -12.67 -11.28
C SER A 129 9.02 -11.37 -10.51
N TRP A 130 8.35 -10.45 -11.17
CA TRP A 130 8.03 -9.17 -10.58
C TRP A 130 6.54 -9.15 -10.30
N LEU A 131 6.18 -8.81 -9.07
CA LEU A 131 4.78 -8.63 -8.71
CA LEU A 131 4.79 -8.62 -8.69
C LEU A 131 4.44 -7.14 -8.84
N ALA A 132 3.37 -6.85 -9.56
CA ALA A 132 2.96 -5.49 -9.87
C ALA A 132 1.66 -5.16 -9.15
N VAL A 133 1.54 -3.94 -8.63
CA VAL A 133 0.35 -3.57 -7.87
C VAL A 133 -0.81 -3.09 -8.74
N ASP A 134 -0.56 -2.60 -9.95
CA ASP A 134 -1.62 -2.07 -10.80
C ASP A 134 -1.19 -2.22 -12.26
N ASN A 135 -1.99 -1.67 -13.18
CA ASN A 135 -1.74 -1.87 -14.60
CA ASN A 135 -1.72 -1.89 -14.59
C ASN A 135 -0.48 -1.16 -15.07
N VAL A 136 -0.16 -0.01 -14.48
CA VAL A 136 1.06 0.69 -14.86
C VAL A 136 2.28 -0.13 -14.49
N ALA A 137 2.30 -0.65 -13.26
CA ALA A 137 3.40 -1.52 -12.85
C ALA A 137 3.43 -2.79 -13.70
N HIS A 138 2.25 -3.32 -14.05
CA HIS A 138 2.22 -4.49 -14.92
C HIS A 138 2.90 -4.20 -16.26
N THR A 139 2.75 -2.97 -16.77
CA THR A 139 3.43 -2.60 -18.00
C THR A 139 4.94 -2.67 -17.83
N ILE A 140 5.46 -2.11 -16.73
CA ILE A 140 6.90 -2.15 -16.49
C ILE A 140 7.37 -3.57 -16.23
N LYS A 141 6.58 -4.34 -15.48
CA LYS A 141 6.90 -5.75 -15.21
C LYS A 141 7.15 -6.53 -16.50
N GLN A 142 6.26 -6.39 -17.49
CA GLN A 142 6.41 -7.12 -18.74
C GLN A 142 7.78 -6.88 -19.36
N ALA A 143 8.17 -5.61 -19.48
CA ALA A 143 9.49 -5.28 -20.01
C ALA A 143 10.60 -5.96 -19.23
N TRP A 144 10.56 -5.87 -17.89
CA TRP A 144 11.66 -6.40 -17.08
C TRP A 144 11.71 -7.92 -17.14
N GLU A 145 10.55 -8.58 -17.22
CA GLU A 145 10.54 -10.04 -17.23
C GLU A 145 10.94 -10.61 -18.59
N ALA A 146 10.93 -9.81 -19.65
CA ALA A 146 11.41 -10.26 -20.95
C ALA A 146 12.92 -10.40 -20.99
N ASN A 147 13.64 -9.80 -20.03
CA ASN A 147 15.10 -9.89 -20.01
C ASN A 147 15.50 -10.97 -19.01
N GLN A 148 15.52 -12.20 -19.50
CA GLN A 148 15.81 -13.34 -18.62
C GLN A 148 17.15 -13.19 -17.93
N HIS A 149 18.19 -12.75 -18.66
CA HIS A 149 19.53 -12.65 -18.09
C HIS A 149 19.56 -11.65 -16.93
N GLU A 150 18.84 -10.54 -17.04
CA GLU A 150 18.84 -9.58 -15.95
C GLU A 150 18.18 -10.15 -14.70
N LEU A 151 17.13 -10.94 -14.88
CA LEU A 151 16.49 -11.62 -13.75
C LEU A 151 17.47 -12.55 -13.04
N LEU A 152 18.22 -13.34 -13.82
CA LEU A 152 19.21 -14.25 -13.25
C LEU A 152 20.31 -13.47 -12.55
N TYR A 153 20.73 -12.34 -13.14
CA TYR A 153 21.75 -11.51 -12.52
C TYR A 153 21.30 -11.02 -11.14
N GLN A 154 20.03 -10.60 -11.01
N GLN A 154 20.03 -10.62 -11.01
CA GLN A 154 19.55 -10.09 -9.73
CA GLN A 154 19.55 -10.09 -9.75
C GLN A 154 19.52 -11.20 -8.68
C GLN A 154 19.46 -11.18 -8.69
N LYS A 155 19.12 -12.41 -9.08
CA LYS A 155 19.12 -13.52 -8.13
C LYS A 155 20.53 -13.79 -7.62
N ASN A 156 21.52 -13.87 -8.53
CA ASN A 156 22.89 -14.06 -8.09
C ASN A 156 23.36 -12.92 -7.18
N TRP A 157 23.04 -11.67 -7.51
CA TRP A 157 23.51 -10.56 -6.68
C TRP A 157 22.92 -10.67 -5.27
N LEU A 158 21.61 -10.87 -5.17
CA LEU A 158 20.95 -10.98 -3.87
C LEU A 158 21.47 -12.14 -3.04
N GLU A 159 21.63 -13.33 -3.66
CA GLU A 159 21.97 -14.52 -2.88
C GLU A 159 23.46 -14.66 -2.61
N GLU A 160 24.33 -14.16 -3.48
CA GLU A 160 25.75 -14.39 -3.30
C GLU A 160 26.50 -13.09 -3.04
N GLU A 161 26.44 -12.12 -3.96
CA GLU A 161 27.22 -10.90 -3.82
C GLU A 161 26.80 -10.11 -2.57
N CYS A 162 25.51 -9.89 -2.40
CA CYS A 162 25.03 -9.05 -1.30
C CYS A 162 25.44 -9.65 0.06
N ILE A 163 25.32 -10.97 0.18
CA ILE A 163 25.73 -11.65 1.41
C ILE A 163 27.24 -11.52 1.63
N ALA A 164 28.03 -11.64 0.57
CA ALA A 164 29.48 -11.52 0.74
C ALA A 164 29.85 -10.10 1.20
N TRP A 165 29.22 -9.09 0.62
CA TRP A 165 29.51 -7.72 1.04
C TRP A 165 29.08 -7.49 2.49
N LEU A 166 27.92 -8.02 2.86
CA LEU A 166 27.45 -7.89 4.23
C LEU A 166 28.44 -8.52 5.22
N LYS A 167 28.91 -9.74 4.94
CA LYS A 167 29.89 -10.35 5.83
C LYS A 167 31.16 -9.51 5.91
N ARG A 168 31.57 -8.93 4.79
CA ARG A 168 32.74 -8.07 4.80
C ARG A 168 32.54 -6.86 5.70
N PHE A 169 31.40 -6.16 5.53
CA PHE A 169 31.10 -5.00 6.37
C PHE A 169 30.93 -5.39 7.83
N LEU A 170 30.34 -6.57 8.09
CA LEU A 170 30.15 -6.99 9.48
C LEU A 170 31.48 -7.13 10.19
N GLU A 171 32.51 -7.59 9.47
CA GLU A 171 33.83 -7.68 10.07
C GLU A 171 34.44 -6.30 10.26
N TYR A 172 34.29 -5.40 9.26
CA TYR A 172 34.78 -4.03 9.41
C TYR A 172 34.20 -3.38 10.66
N GLY A 173 32.89 -3.50 10.87
CA GLY A 173 32.24 -2.86 12.00
C GLY A 173 31.99 -3.72 13.22
N LYS A 174 32.78 -4.79 13.40
CA LYS A 174 32.42 -5.79 14.42
C LYS A 174 32.36 -5.20 15.82
N ASP A 175 33.27 -4.28 16.17
CA ASP A 175 33.23 -3.73 17.52
C ASP A 175 31.91 -2.98 17.79
N THR A 176 31.27 -2.46 16.75
CA THR A 176 29.96 -1.81 16.88
C THR A 176 28.81 -2.79 16.68
N LEU A 177 28.81 -3.51 15.56
CA LEU A 177 27.66 -4.29 15.11
C LEU A 177 27.45 -5.58 15.89
N GLN A 178 28.52 -6.15 16.45
CA GLN A 178 28.40 -7.43 17.12
C GLN A 178 28.47 -7.31 18.64
N ARG A 179 28.52 -6.09 19.17
CA ARG A 179 28.51 -5.93 20.61
C ARG A 179 27.10 -6.13 21.17
N THR A 180 27.03 -6.29 22.49
CA THR A 180 25.77 -6.43 23.20
C THR A 180 25.78 -5.47 24.38
N GLU A 181 24.78 -4.61 24.47
CA GLU A 181 24.61 -3.82 25.68
C GLU A 181 23.26 -4.19 26.28
N PRO A 182 23.23 -4.91 27.40
CA PRO A 182 21.95 -5.42 27.91
C PRO A 182 21.06 -4.28 28.36
N PRO A 183 19.75 -4.48 28.39
CA PRO A 183 18.83 -3.41 28.81
C PRO A 183 18.83 -3.20 30.32
N LEU A 184 18.63 -1.94 30.69
CA LEU A 184 18.25 -1.60 32.06
C LEU A 184 16.73 -1.55 32.10
N VAL A 185 16.11 -2.36 32.95
CA VAL A 185 14.67 -2.53 32.93
C VAL A 185 14.11 -2.22 34.31
N ARG A 186 13.00 -1.49 34.33
CA ARG A 186 12.34 -1.16 35.58
C ARG A 186 10.83 -1.21 35.36
N VAL A 187 10.11 -1.53 36.43
CA VAL A 187 8.66 -1.52 36.44
C VAL A 187 8.19 -0.40 37.36
N ASN A 188 7.29 0.44 36.86
CA ASN A 188 6.68 1.50 37.64
C ASN A 188 5.19 1.23 37.75
N ARG A 189 4.62 1.42 38.94
CA ARG A 189 3.18 1.36 39.08
C ARG A 189 2.67 2.69 39.62
N LYS A 190 1.44 3.03 39.23
CA LYS A 190 0.85 4.31 39.61
C LYS A 190 -0.66 4.20 39.46
N GLU A 191 -1.39 4.66 40.48
CA GLU A 191 -2.82 4.85 40.30
C GLU A 191 -3.04 6.09 39.44
N THR A 192 -3.82 5.94 38.36
CA THR A 192 -4.04 7.05 37.44
C THR A 192 -5.44 7.62 37.64
N PHE A 193 -6.33 7.39 36.70
CA PHE A 193 -7.74 7.60 36.97
C PHE A 193 -8.11 6.84 38.23
N PRO A 194 -8.94 7.39 39.11
CA PRO A 194 -9.24 6.71 40.38
C PRO A 194 -9.68 5.26 40.16
N GLY A 195 -9.00 4.34 40.86
CA GLY A 195 -9.26 2.91 40.73
C GLY A 195 -8.60 2.25 39.55
N VAL A 196 -7.77 2.96 38.79
CA VAL A 196 -7.12 2.43 37.61
C VAL A 196 -5.62 2.49 37.85
N THR A 197 -4.98 1.34 38.02
CA THR A 197 -3.54 1.27 38.21
C THR A 197 -2.87 0.90 36.90
N ALA A 198 -1.88 1.69 36.50
CA ALA A 198 -1.11 1.44 35.29
C ALA A 198 0.25 0.88 35.66
N LEU A 199 0.68 -0.14 34.92
CA LEU A 199 2.00 -0.74 35.10
C LEU A 199 2.81 -0.48 33.83
N PHE A 200 3.97 0.13 34.00
CA PHE A 200 4.87 0.39 32.88
C PHE A 200 6.14 -0.40 33.09
N CYS A 201 6.54 -1.14 32.07
CA CYS A 201 7.82 -1.84 32.04
C CYS A 201 8.71 -1.11 31.05
N LYS A 202 9.79 -0.52 31.54
CA LYS A 202 10.57 0.41 30.74
C LYS A 202 12.01 -0.07 30.67
N ALA A 203 12.54 -0.11 29.44
CA ALA A 203 13.88 -0.58 29.17
C ALA A 203 14.64 0.51 28.44
N HIS A 204 15.91 0.69 28.78
CA HIS A 204 16.76 1.59 28.02
C HIS A 204 18.21 1.13 28.14
N GLY A 205 19.06 1.76 27.34
CA GLY A 205 20.48 1.48 27.34
C GLY A 205 20.89 0.24 26.57
N PHE A 206 20.02 -0.34 25.75
CA PHE A 206 20.35 -1.63 25.15
C PHE A 206 20.76 -1.48 23.69
N TYR A 207 21.56 -2.45 23.22
CA TYR A 207 21.99 -2.59 21.84
C TYR A 207 22.23 -4.08 21.64
N PRO A 208 21.72 -4.69 20.57
CA PRO A 208 21.07 -4.10 19.39
C PRO A 208 19.63 -3.67 19.69
N PRO A 209 18.99 -2.93 18.79
CA PRO A 209 17.64 -2.42 19.09
C PRO A 209 16.58 -3.51 19.26
N GLU A 210 16.77 -4.69 18.67
CA GLU A 210 15.77 -5.76 18.79
C GLU A 210 15.61 -6.22 20.23
N ILE A 211 14.39 -6.14 20.75
CA ILE A 211 14.10 -6.52 22.14
C ILE A 211 12.66 -7.01 22.22
N TYR A 212 12.42 -8.01 23.04
CA TYR A 212 11.09 -8.55 23.26
CA TYR A 212 11.09 -8.57 23.26
C TYR A 212 10.64 -8.19 24.67
N MET A 213 9.43 -7.63 24.78
CA MET A 213 8.88 -7.23 26.07
C MET A 213 7.41 -7.64 26.11
N THR A 214 6.99 -8.27 27.19
CA THR A 214 5.58 -8.62 27.31
C THR A 214 5.20 -8.67 28.78
N TRP A 215 3.88 -8.66 29.01
CA TRP A 215 3.31 -8.79 30.35
C TRP A 215 2.59 -10.12 30.45
N MET A 216 2.82 -10.80 31.56
CA MET A 216 2.18 -12.08 31.85
CA MET A 216 2.14 -12.06 31.84
C MET A 216 1.42 -11.97 33.17
N LYS A 217 0.40 -12.82 33.32
CA LYS A 217 -0.43 -12.90 34.51
C LYS A 217 -0.27 -14.30 35.09
N ASN A 218 0.01 -14.37 36.39
CA ASN A 218 0.12 -15.64 37.11
C ASN A 218 1.11 -16.59 36.44
N GLY A 219 2.08 -16.03 35.73
CA GLY A 219 3.18 -16.78 35.15
C GLY A 219 2.91 -17.43 33.80
N GLU A 220 1.66 -17.83 33.54
CA GLU A 220 1.37 -18.67 32.38
C GLU A 220 0.77 -17.90 31.20
N GLU A 221 -0.12 -16.96 31.45
CA GLU A 221 -0.93 -16.37 30.40
C GLU A 221 -0.48 -14.94 30.13
N ILE A 222 -0.51 -14.54 28.85
CA ILE A 222 -0.19 -13.16 28.50
C ILE A 222 -1.38 -12.26 28.80
N VAL A 223 -1.08 -11.02 29.19
CA VAL A 223 -2.12 -10.06 29.51
C VAL A 223 -2.77 -9.57 28.23
N GLN A 224 -4.09 -9.32 28.29
CA GLN A 224 -4.89 -9.01 27.12
C GLN A 224 -4.46 -7.71 26.42
N GLU A 225 -4.82 -6.56 26.99
CA GLU A 225 -4.62 -5.28 26.31
C GLU A 225 -3.29 -4.67 26.73
N ILE A 226 -2.25 -4.87 25.92
CA ILE A 226 -0.92 -4.32 26.19
C ILE A 226 -0.67 -3.18 25.22
N ASP A 227 -0.12 -2.09 25.73
CA ASP A 227 0.33 -0.98 24.92
CA ASP A 227 0.32 -0.98 24.91
C ASP A 227 1.84 -1.05 24.77
N TYR A 228 2.33 -0.94 23.54
CA TYR A 228 3.76 -1.09 23.27
C TYR A 228 4.36 0.25 22.84
N GLY A 229 5.42 0.66 23.51
CA GLY A 229 6.18 1.80 23.04
C GLY A 229 7.13 1.42 21.91
N ASP A 230 7.32 2.35 20.99
CA ASP A 230 8.29 2.20 19.91
C ASP A 230 9.70 2.00 20.48
N ILE A 231 10.52 1.27 19.73
CA ILE A 231 11.95 1.17 20.01
C ILE A 231 12.61 2.43 19.45
N LEU A 232 13.12 3.29 20.34
CA LEU A 232 13.56 4.65 20.00
C LEU A 232 15.06 4.82 20.24
N PRO A 233 15.78 5.49 19.34
CA PRO A 233 17.21 5.71 19.57
C PRO A 233 17.41 6.75 20.67
N SER A 234 18.28 6.44 21.61
CA SER A 234 18.55 7.39 22.69
C SER A 234 19.59 8.43 22.32
N GLY A 235 20.29 8.24 21.20
CA GLY A 235 21.22 9.19 20.67
C GLY A 235 22.67 8.89 20.96
N ASP A 236 22.93 7.99 21.92
CA ASP A 236 24.29 7.56 22.25
C ASP A 236 24.64 6.20 21.65
N GLY A 237 23.89 5.72 20.66
CA GLY A 237 24.09 4.39 20.11
C GLY A 237 23.22 3.30 20.73
N THR A 238 22.54 3.58 21.83
CA THR A 238 21.64 2.62 22.48
C THR A 238 20.20 3.05 22.26
N TYR A 239 19.27 2.18 22.69
CA TYR A 239 17.86 2.32 22.38
C TYR A 239 17.01 2.16 23.64
N GLN A 240 15.74 2.56 23.55
CA GLN A 240 14.81 2.44 24.65
C GLN A 240 13.44 2.00 24.13
N ALA A 241 12.65 1.40 25.03
CA ALA A 241 11.32 0.91 24.70
C ALA A 241 10.56 0.61 26.00
N TRP A 242 9.25 0.37 25.87
CA TRP A 242 8.43 0.08 27.04
C TRP A 242 7.19 -0.72 26.61
N ALA A 243 6.52 -1.30 27.60
CA ALA A 243 5.23 -1.94 27.41
C ALA A 243 4.40 -1.71 28.67
N SER A 244 3.08 -1.49 28.51
CA SER A 244 2.27 -1.17 29.67
C SER A 244 0.94 -1.90 29.63
N ILE A 245 0.36 -2.08 30.83
CA ILE A 245 -0.96 -2.64 31.03
C ILE A 245 -1.64 -1.89 32.18
N GLU A 246 -2.95 -2.12 32.32
CA GLU A 246 -3.69 -1.70 33.49
C GLU A 246 -3.99 -2.92 34.34
N LEU A 247 -3.77 -2.79 35.65
CA LEU A 247 -4.06 -3.84 36.62
C LEU A 247 -5.54 -3.76 37.03
N ASP A 248 -6.05 -4.89 37.53
CA ASP A 248 -7.46 -4.93 37.96
C ASP A 248 -7.68 -4.12 39.24
N ASN A 253 -3.90 -11.85 39.05
CA ASN A 253 -3.65 -11.15 40.30
C ASN A 253 -2.16 -10.86 40.49
N LEU A 254 -1.30 -11.67 39.85
CA LEU A 254 0.15 -11.48 39.94
C LEU A 254 0.71 -11.22 38.54
N TYR A 255 1.31 -10.05 38.35
CA TYR A 255 1.77 -9.61 37.05
C TYR A 255 3.30 -9.58 36.98
N SER A 256 3.82 -9.90 35.80
CA SER A 256 5.25 -9.83 35.59
C SER A 256 5.55 -9.33 34.18
N CYS A 257 6.60 -8.52 34.09
CA CYS A 257 7.14 -8.11 32.82
C CYS A 257 8.23 -9.10 32.42
N HIS A 258 8.17 -9.59 31.19
CA HIS A 258 9.17 -10.49 30.66
C HIS A 258 9.91 -9.81 29.52
N VAL A 259 11.24 -9.83 29.58
CA VAL A 259 12.09 -9.15 28.61
C VAL A 259 13.11 -10.14 28.07
N GLU A 260 13.27 -10.18 26.77
CA GLU A 260 14.28 -11.02 26.15
C GLU A 260 15.16 -10.14 25.28
N HIS A 261 16.46 -10.19 25.50
CA HIS A 261 17.38 -9.39 24.70
C HIS A 261 18.62 -10.21 24.47
N SER A 262 18.94 -10.44 23.20
CA SER A 262 20.19 -11.08 22.79
C SER A 262 20.45 -12.37 23.56
N GLY A 263 19.44 -13.23 23.63
CA GLY A 263 19.60 -14.52 24.25
C GLY A 263 19.54 -14.55 25.77
N VAL A 264 19.22 -13.44 26.43
CA VAL A 264 19.05 -13.43 27.88
C VAL A 264 17.60 -13.09 28.20
N HIS A 265 17.00 -13.88 29.09
CA HIS A 265 15.63 -13.64 29.50
CA HIS A 265 15.63 -13.64 29.50
C HIS A 265 15.63 -12.99 30.88
N MET A 266 14.69 -12.06 31.10
CA MET A 266 14.58 -11.36 32.36
CA MET A 266 14.57 -11.34 32.36
C MET A 266 13.11 -11.29 32.77
N VAL A 267 12.85 -11.46 34.06
CA VAL A 267 11.50 -11.39 34.60
C VAL A 267 11.49 -10.39 35.75
N LEU A 268 10.50 -9.51 35.76
CA LEU A 268 10.32 -8.50 36.80
C LEU A 268 8.90 -8.69 37.34
N GLN A 269 8.79 -9.33 38.51
CA GLN A 269 7.51 -9.52 39.17
CA GLN A 269 7.50 -9.52 39.16
C GLN A 269 7.08 -8.23 39.86
N VAL A 270 5.79 -7.93 39.76
CA VAL A 270 5.21 -6.78 40.46
C VAL A 270 4.72 -7.29 41.82
N PRO A 271 5.28 -6.82 42.94
CA PRO A 271 4.98 -7.30 44.29
C PRO A 271 3.59 -6.90 44.81
N GLY B 2 45.73 -10.49 -6.41
CA GLY B 2 44.93 -9.77 -7.39
C GLY B 2 44.00 -10.67 -8.16
N GLN B 3 43.26 -10.09 -9.10
CA GLN B 3 42.28 -10.84 -9.88
C GLN B 3 42.88 -11.30 -11.20
N ASN B 4 42.43 -12.46 -11.67
CA ASN B 4 42.96 -13.02 -12.89
CA ASN B 4 42.97 -13.06 -12.86
C ASN B 4 41.85 -13.79 -13.60
N ILE B 5 41.93 -13.77 -14.92
CA ILE B 5 41.05 -14.55 -15.78
C ILE B 5 41.93 -15.20 -16.84
N ASP B 6 41.80 -16.51 -17.00
CA ASP B 6 42.71 -17.31 -17.83
C ASP B 6 41.92 -18.06 -18.90
N GLN B 7 42.40 -18.00 -20.14
CA GLN B 7 41.90 -18.82 -21.22
C GLN B 7 43.07 -19.18 -22.11
N PRO B 8 43.04 -20.35 -22.76
CA PRO B 8 44.21 -20.75 -23.57
C PRO B 8 44.46 -19.75 -24.68
N THR B 9 45.74 -19.62 -25.04
CA THR B 9 46.11 -18.71 -26.12
C THR B 9 45.52 -19.17 -27.45
N GLU B 10 45.56 -20.47 -27.71
CA GLU B 10 45.19 -20.97 -29.01
C GLU B 10 44.64 -22.38 -28.88
N MET B 11 43.65 -22.71 -29.69
CA MET B 11 43.14 -24.07 -29.77
C MET B 11 42.96 -24.47 -31.23
N THR B 12 43.14 -25.76 -31.51
CA THR B 12 43.00 -26.28 -32.85
C THR B 12 42.11 -27.51 -32.79
N ALA B 13 41.11 -27.55 -33.68
CA ALA B 13 40.18 -28.67 -33.74
C ALA B 13 39.85 -28.91 -35.19
N THR B 14 39.12 -30.00 -35.46
CA THR B 14 38.87 -30.44 -36.82
C THR B 14 37.46 -30.06 -37.26
N GLU B 15 37.34 -29.64 -38.52
CA GLU B 15 36.04 -29.39 -39.12
C GLU B 15 35.08 -30.54 -38.83
N GLY B 16 33.84 -30.20 -38.49
CA GLY B 16 32.82 -31.17 -38.16
C GLY B 16 32.80 -31.62 -36.70
N ALA B 17 33.88 -31.40 -35.97
CA ALA B 17 34.00 -31.92 -34.61
C ALA B 17 33.50 -30.87 -33.61
N ILE B 18 33.82 -31.04 -32.34
CA ILE B 18 33.45 -30.06 -31.31
C ILE B 18 34.71 -29.44 -30.75
N VAL B 19 34.55 -28.29 -30.09
CA VAL B 19 35.63 -27.75 -29.28
C VAL B 19 35.03 -27.06 -28.06
N GLN B 20 35.75 -27.16 -26.95
CA GLN B 20 35.36 -26.55 -25.69
CA GLN B 20 35.37 -26.57 -25.67
C GLN B 20 36.45 -25.57 -25.28
N ILE B 21 36.11 -24.29 -25.23
CA ILE B 21 37.07 -23.25 -24.86
C ILE B 21 36.82 -22.86 -23.42
N ASN B 22 37.80 -23.10 -22.55
CA ASN B 22 37.65 -22.87 -21.12
C ASN B 22 38.07 -21.45 -20.74
N CYS B 23 37.41 -20.93 -19.73
CA CYS B 23 37.74 -19.63 -19.15
CA CYS B 23 37.75 -19.63 -19.14
C CYS B 23 37.63 -19.78 -17.63
N THR B 24 38.75 -19.73 -16.92
CA THR B 24 38.75 -19.79 -15.47
C THR B 24 38.99 -18.39 -14.93
N TYR B 25 38.37 -18.08 -13.80
CA TYR B 25 38.51 -16.75 -13.23
C TYR B 25 38.73 -16.84 -11.73
N GLN B 26 39.58 -15.95 -11.23
CA GLN B 26 39.85 -15.80 -9.81
C GLN B 26 39.58 -14.33 -9.49
N THR B 27 38.43 -14.06 -8.89
CA THR B 27 37.97 -12.72 -8.55
C THR B 27 37.43 -12.75 -7.13
N SER B 28 37.35 -11.57 -6.50
CA SER B 28 36.79 -11.53 -5.15
C SER B 28 35.28 -11.74 -5.17
N GLY B 29 34.62 -11.30 -6.25
CA GLY B 29 33.19 -11.50 -6.40
C GLY B 29 32.87 -11.73 -7.86
N PHE B 30 31.59 -11.94 -8.14
CA PHE B 30 31.23 -12.37 -9.48
C PHE B 30 29.84 -11.87 -9.83
N ASN B 31 29.73 -11.21 -10.98
CA ASN B 31 28.44 -10.67 -11.43
C ASN B 31 28.13 -11.09 -12.87
N GLY B 32 28.80 -12.11 -13.38
CA GLY B 32 28.46 -12.62 -14.71
C GLY B 32 29.69 -12.84 -15.57
N LEU B 33 29.57 -13.76 -16.52
CA LEU B 33 30.65 -14.07 -17.45
C LEU B 33 30.14 -13.94 -18.87
N PHE B 34 30.88 -13.18 -19.69
CA PHE B 34 30.53 -12.94 -21.08
C PHE B 34 31.50 -13.65 -22.01
N TRP B 35 30.99 -14.11 -23.14
CA TRP B 35 31.84 -14.52 -24.25
C TRP B 35 31.57 -13.60 -25.42
N TYR B 36 32.64 -13.22 -26.11
CA TYR B 36 32.61 -12.41 -27.31
C TYR B 36 33.39 -13.13 -28.40
N GLN B 37 32.93 -12.98 -29.63
CA GLN B 37 33.65 -13.47 -30.81
C GLN B 37 34.29 -12.30 -31.55
N GLN B 38 35.55 -12.47 -31.93
CA GLN B 38 36.27 -11.44 -32.67
C GLN B 38 37.00 -12.06 -33.85
N HIS B 39 36.44 -11.93 -35.05
CA HIS B 39 37.17 -12.32 -36.25
C HIS B 39 38.35 -11.39 -36.46
N ALA B 40 39.40 -11.92 -37.09
CA ALA B 40 40.62 -11.16 -37.29
C ALA B 40 40.31 -9.88 -38.04
N GLY B 41 40.78 -8.76 -37.50
CA GLY B 41 40.57 -7.47 -38.12
C GLY B 41 39.20 -6.87 -37.87
N GLU B 42 38.35 -7.52 -37.08
CA GLU B 42 37.00 -7.05 -36.79
C GLU B 42 36.86 -6.75 -35.30
N ALA B 43 35.72 -6.21 -34.96
CA ALA B 43 35.38 -5.88 -33.59
C ALA B 43 34.75 -7.07 -32.88
N PRO B 44 34.93 -7.17 -31.56
CA PRO B 44 34.24 -8.22 -30.81
C PRO B 44 32.75 -8.02 -30.87
N THR B 45 32.01 -9.14 -30.91
CA THR B 45 30.56 -9.12 -30.88
C THR B 45 30.09 -10.08 -29.80
N PHE B 46 29.03 -9.68 -29.09
CA PHE B 46 28.54 -10.47 -27.97
C PHE B 46 28.03 -11.83 -28.43
N LEU B 47 28.47 -12.88 -27.74
CA LEU B 47 27.98 -14.24 -27.96
C LEU B 47 27.08 -14.74 -26.83
N SER B 48 27.47 -14.59 -25.57
CA SER B 48 26.72 -15.25 -24.52
C SER B 48 27.00 -14.64 -23.17
N TYR B 49 26.07 -14.90 -22.24
CA TYR B 49 26.18 -14.45 -20.85
C TYR B 49 25.67 -15.54 -19.93
N ASN B 50 26.46 -15.85 -18.90
CA ASN B 50 26.04 -16.76 -17.83
C ASN B 50 26.27 -16.09 -16.49
N VAL B 51 25.36 -16.31 -15.54
CA VAL B 51 25.62 -15.81 -14.19
C VAL B 51 25.20 -16.83 -13.13
N LEU B 52 24.26 -17.74 -13.45
CA LEU B 52 23.99 -18.87 -12.57
C LEU B 52 24.50 -20.16 -13.23
N ASP B 53 24.37 -21.27 -12.50
CA ASP B 53 25.02 -22.50 -12.91
C ASP B 53 24.18 -23.25 -13.97
N GLY B 54 24.83 -23.66 -15.04
CA GLY B 54 24.17 -24.47 -16.04
C GLY B 54 24.71 -24.15 -17.42
N LEU B 55 24.02 -24.69 -18.41
CA LEU B 55 24.46 -24.66 -19.80
C LEU B 55 23.34 -24.01 -20.61
N GLU B 56 23.69 -22.99 -21.37
CA GLU B 56 22.72 -22.25 -22.16
C GLU B 56 23.07 -22.38 -23.63
N GLU B 57 22.15 -22.92 -24.43
CA GLU B 57 22.41 -23.21 -25.82
C GLU B 57 21.82 -22.13 -26.72
N LYS B 58 22.60 -21.75 -27.76
CA LYS B 58 22.20 -20.77 -28.78
C LYS B 58 22.71 -21.30 -30.13
N GLY B 59 21.94 -22.18 -30.74
CA GLY B 59 22.34 -22.73 -32.02
C GLY B 59 23.48 -23.71 -31.88
N ARG B 60 24.52 -23.55 -32.70
CA ARG B 60 25.70 -24.39 -32.59
C ARG B 60 26.56 -24.05 -31.38
N PHE B 61 26.34 -22.90 -30.74
CA PHE B 61 27.14 -22.48 -29.59
C PHE B 61 26.36 -22.65 -28.29
N SER B 62 27.06 -23.14 -27.27
CA SER B 62 26.53 -23.22 -25.92
C SER B 62 27.56 -22.68 -24.96
N SER B 63 27.10 -22.11 -23.84
CA SER B 63 28.01 -21.62 -22.82
C SER B 63 27.61 -22.14 -21.45
N PHE B 64 28.61 -22.59 -20.71
CA PHE B 64 28.43 -23.27 -19.44
C PHE B 64 29.09 -22.45 -18.34
N LEU B 65 28.51 -22.50 -17.15
CA LEU B 65 29.11 -21.83 -16.00
C LEU B 65 29.02 -22.73 -14.78
N SER B 66 30.11 -22.80 -14.03
CA SER B 66 30.13 -23.38 -12.69
C SER B 66 30.69 -22.33 -11.75
N ARG B 67 29.82 -21.72 -10.94
CA ARG B 67 30.28 -20.67 -10.04
C ARG B 67 31.21 -21.23 -8.96
N SER B 68 30.92 -22.45 -8.48
CA SER B 68 31.71 -23.01 -7.40
C SER B 68 33.11 -23.42 -7.88
N LYS B 69 33.24 -23.81 -9.14
CA LYS B 69 34.55 -24.12 -9.70
C LYS B 69 35.20 -22.91 -10.38
N GLY B 70 34.48 -21.80 -10.51
CA GLY B 70 35.05 -20.61 -11.10
C GLY B 70 35.51 -20.77 -12.54
N TYR B 71 34.71 -21.46 -13.37
CA TYR B 71 35.08 -21.56 -14.76
C TYR B 71 33.85 -21.64 -15.64
N SER B 72 34.07 -21.32 -16.90
CA SER B 72 33.05 -21.35 -17.92
C SER B 72 33.68 -22.00 -19.13
N TYR B 73 32.86 -22.57 -20.00
CA TYR B 73 33.38 -22.92 -21.32
C TYR B 73 32.39 -22.50 -22.39
N LEU B 74 32.94 -22.25 -23.56
CA LEU B 74 32.17 -22.01 -24.76
C LEU B 74 32.29 -23.26 -25.62
N LEU B 75 31.16 -23.85 -25.97
CA LEU B 75 31.12 -25.10 -26.71
C LEU B 75 30.66 -24.80 -28.13
N LEU B 76 31.49 -25.15 -29.11
CA LEU B 76 31.15 -25.05 -30.53
C LEU B 76 30.95 -26.44 -31.09
N LYS B 77 29.74 -26.73 -31.53
CA LYS B 77 29.40 -28.01 -32.14
C LYS B 77 29.46 -27.88 -33.67
N GLU B 78 29.69 -29.02 -34.32
CA GLU B 78 29.74 -29.13 -35.78
C GLU B 78 30.56 -27.99 -36.39
N LEU B 79 31.84 -27.96 -36.00
CA LEU B 79 32.72 -26.85 -36.35
C LEU B 79 32.78 -26.60 -37.85
N GLN B 80 32.79 -25.32 -38.23
CA GLN B 80 32.95 -24.91 -39.61
C GLN B 80 34.18 -24.01 -39.72
N MET B 81 34.75 -23.93 -40.93
CA MET B 81 35.89 -23.04 -41.15
C MET B 81 35.57 -21.62 -40.71
N LYS B 82 34.33 -21.18 -40.91
CA LYS B 82 33.96 -19.81 -40.54
C LYS B 82 33.96 -19.59 -39.03
N ASP B 83 34.09 -20.64 -38.23
CA ASP B 83 34.25 -20.45 -36.79
C ASP B 83 35.67 -20.03 -36.39
N SER B 84 36.61 -20.00 -37.34
CA SER B 84 37.96 -19.51 -37.06
C SER B 84 37.89 -18.04 -36.65
N ALA B 85 38.31 -17.76 -35.44
CA ALA B 85 38.18 -16.43 -34.85
C ALA B 85 38.88 -16.47 -33.51
N SER B 86 38.94 -15.31 -32.86
CA SER B 86 39.31 -15.25 -31.46
C SER B 86 38.05 -15.16 -30.61
N TYR B 87 38.09 -15.79 -29.44
CA TYR B 87 36.96 -15.85 -28.54
C TYR B 87 37.41 -15.27 -27.21
N LEU B 88 36.74 -14.20 -26.78
CA LEU B 88 37.15 -13.45 -25.61
C LEU B 88 36.18 -13.72 -24.48
N CYS B 89 36.72 -14.06 -23.31
CA CYS B 89 35.87 -14.13 -22.14
CA CYS B 89 35.97 -14.20 -22.08
C CYS B 89 36.15 -12.94 -21.23
N ALA B 90 35.10 -12.52 -20.55
CA ALA B 90 35.14 -11.34 -19.70
C ALA B 90 34.26 -11.58 -18.48
N VAL B 91 34.78 -11.24 -17.31
CA VAL B 91 34.06 -11.43 -16.05
C VAL B 91 33.80 -10.08 -15.42
N LYS B 92 32.58 -9.90 -14.92
CA LYS B 92 32.21 -8.70 -14.17
C LYS B 92 32.48 -8.97 -12.68
N ASP B 93 33.39 -8.21 -12.09
CA ASP B 93 33.83 -8.51 -10.73
C ASP B 93 32.86 -7.90 -9.70
N SER B 94 33.25 -7.88 -8.42
CA SER B 94 32.33 -7.49 -7.36
C SER B 94 32.01 -5.99 -7.37
N ASN B 95 32.82 -5.18 -8.05
CA ASN B 95 32.56 -3.76 -8.24
C ASN B 95 32.05 -3.48 -9.66
N TYR B 96 31.50 -4.51 -10.30
CA TYR B 96 30.85 -4.42 -11.61
C TYR B 96 31.82 -4.01 -12.71
N GLN B 97 33.11 -4.22 -12.51
CA GLN B 97 34.10 -3.94 -13.53
C GLN B 97 34.41 -5.20 -14.33
N LEU B 98 34.56 -5.06 -15.64
CA LEU B 98 34.89 -6.21 -16.48
C LEU B 98 36.38 -6.47 -16.49
N ILE B 99 36.78 -7.70 -16.20
CA ILE B 99 38.15 -8.15 -16.38
C ILE B 99 38.17 -9.02 -17.63
N TRP B 100 39.09 -8.76 -18.54
CA TRP B 100 39.10 -9.43 -19.84
C TRP B 100 40.20 -10.49 -19.88
N GLY B 101 39.84 -11.70 -20.34
CA GLY B 101 40.85 -12.66 -20.71
C GLY B 101 41.59 -12.23 -21.97
N ALA B 102 42.78 -12.80 -22.17
CA ALA B 102 43.59 -12.39 -23.32
C ALA B 102 43.10 -13.00 -24.64
N GLY B 103 42.01 -13.76 -24.63
CA GLY B 103 41.50 -14.28 -25.89
C GLY B 103 42.07 -15.63 -26.25
N THR B 104 41.25 -16.45 -26.91
CA THR B 104 41.63 -17.75 -27.44
C THR B 104 41.44 -17.75 -28.95
N LYS B 105 42.54 -17.87 -29.70
CA LYS B 105 42.46 -18.01 -31.15
C LYS B 105 42.11 -19.45 -31.50
N LEU B 106 40.97 -19.65 -32.17
CA LEU B 106 40.51 -20.98 -32.55
C LEU B 106 40.87 -21.22 -34.02
N ILE B 107 41.63 -22.28 -34.27
CA ILE B 107 42.06 -22.66 -35.61
C ILE B 107 41.36 -23.96 -35.97
N ILE B 108 40.79 -24.04 -37.17
CA ILE B 108 40.03 -25.20 -37.60
C ILE B 108 40.80 -25.90 -38.71
N LYS B 109 41.00 -27.21 -38.56
CA LYS B 109 41.68 -28.00 -39.58
C LYS B 109 40.66 -28.57 -40.55
N PRO B 110 40.74 -28.25 -41.84
CA PRO B 110 39.74 -28.76 -42.77
C PRO B 110 39.92 -30.26 -42.96
N ASP B 111 38.82 -30.92 -43.30
CA ASP B 111 38.86 -32.34 -43.62
C ASP B 111 39.21 -32.49 -45.10
N ILE B 112 40.47 -32.76 -45.38
CA ILE B 112 40.95 -32.89 -46.76
C ILE B 112 40.54 -34.27 -47.26
N GLN B 113 39.64 -34.31 -48.24
CA GLN B 113 39.09 -35.59 -48.69
C GLN B 113 40.12 -36.39 -49.47
N ASN B 114 40.88 -35.73 -50.36
CA ASN B 114 41.80 -36.42 -51.27
C ASN B 114 43.13 -35.68 -51.30
N PRO B 115 43.99 -35.88 -50.30
CA PRO B 115 45.25 -35.14 -50.25
C PRO B 115 46.13 -35.43 -51.46
N ASP B 116 46.89 -34.43 -51.86
CA ASP B 116 47.68 -34.51 -53.09
C ASP B 116 48.89 -33.59 -52.95
N PRO B 117 49.75 -33.80 -51.94
CA PRO B 117 50.74 -32.77 -51.60
C PRO B 117 51.71 -32.50 -52.74
N ALA B 118 52.03 -31.21 -52.92
CA ALA B 118 52.88 -30.78 -54.02
C ALA B 118 53.50 -29.43 -53.69
N VAL B 119 54.62 -29.14 -54.35
CA VAL B 119 55.29 -27.85 -54.26
C VAL B 119 55.48 -27.34 -55.69
N TYR B 120 54.71 -26.33 -56.07
CA TYR B 120 54.77 -25.78 -57.42
C TYR B 120 55.55 -24.47 -57.44
N GLN B 121 56.11 -24.15 -58.60
CA GLN B 121 56.76 -22.86 -58.82
C GLN B 121 55.86 -21.98 -59.69
N LEU B 122 55.59 -20.77 -59.23
CA LEU B 122 54.81 -19.79 -59.98
C LEU B 122 55.73 -18.65 -60.43
N ARG B 123 55.47 -18.12 -61.63
CA ARG B 123 56.27 -17.02 -62.16
C ARG B 123 55.46 -15.73 -62.20
N ASP B 124 56.17 -14.61 -62.18
CA ASP B 124 55.55 -13.26 -62.24
C ASP B 124 54.72 -13.05 -63.52
N SER B 131 59.51 -17.44 -59.01
CA SER B 131 60.20 -16.81 -57.89
C SER B 131 59.41 -17.06 -56.58
N VAL B 132 58.20 -17.59 -56.76
CA VAL B 132 57.33 -17.97 -55.66
C VAL B 132 57.11 -19.48 -55.69
N CYS B 133 57.05 -20.10 -54.51
CA CYS B 133 56.83 -21.52 -54.36
C CYS B 133 55.54 -21.75 -53.57
N LEU B 134 54.69 -22.65 -54.07
CA LEU B 134 53.41 -22.95 -53.46
C LEU B 134 53.38 -24.41 -53.01
N PHE B 135 53.43 -24.63 -51.70
CA PHE B 135 53.17 -25.94 -51.10
C PHE B 135 51.67 -26.06 -50.87
N THR B 136 51.02 -27.03 -51.52
CA THR B 136 49.56 -27.04 -51.52
C THR B 136 49.01 -28.45 -51.51
N ASP B 137 47.74 -28.55 -51.11
CA ASP B 137 46.91 -29.75 -51.20
C ASP B 137 47.35 -30.84 -50.23
N PHE B 138 48.13 -30.49 -49.21
CA PHE B 138 48.52 -31.47 -48.21
C PHE B 138 47.43 -31.65 -47.16
N ASP B 139 47.56 -32.74 -46.41
CA ASP B 139 46.62 -33.08 -45.35
C ASP B 139 46.80 -32.16 -44.15
N SER B 140 45.67 -31.91 -43.43
CA SER B 140 45.66 -30.92 -42.37
C SER B 140 46.57 -31.29 -41.20
N GLN B 141 47.00 -32.55 -41.09
CA GLN B 141 47.92 -32.92 -40.02
C GLN B 141 49.32 -32.34 -40.23
N THR B 142 49.64 -31.86 -41.43
CA THR B 142 50.94 -31.28 -41.72
C THR B 142 51.02 -29.84 -41.22
N ASN B 143 52.14 -29.50 -40.59
CA ASN B 143 52.42 -28.15 -40.13
C ASN B 143 53.61 -27.58 -40.91
N VAL B 144 53.57 -26.27 -41.13
CA VAL B 144 54.57 -25.57 -41.92
C VAL B 144 55.43 -24.70 -41.00
N SER B 145 56.74 -24.86 -41.06
CA SER B 145 57.66 -24.15 -40.19
C SER B 145 58.21 -22.91 -40.88
N GLN B 146 58.58 -21.92 -40.07
CA GLN B 146 59.19 -20.70 -40.58
C GLN B 146 60.56 -21.00 -41.18
N SER B 147 61.06 -20.06 -41.97
CA SER B 147 62.33 -20.25 -42.64
C SER B 147 63.49 -19.89 -41.71
N LYS B 148 64.59 -20.63 -41.87
CA LYS B 148 65.84 -20.35 -41.16
C LYS B 148 66.79 -19.53 -42.03
N ASP B 149 66.24 -18.52 -42.73
CA ASP B 149 67.03 -17.59 -43.52
C ASP B 149 66.35 -16.23 -43.44
N SER B 150 67.13 -15.20 -43.13
CA SER B 150 66.57 -13.85 -43.02
C SER B 150 65.94 -13.38 -44.33
N ASP B 151 66.50 -13.81 -45.47
CA ASP B 151 66.05 -13.38 -46.78
C ASP B 151 65.08 -14.36 -47.45
N VAL B 152 64.61 -15.37 -46.71
CA VAL B 152 63.65 -16.36 -47.23
C VAL B 152 62.39 -16.28 -46.38
N TYR B 153 61.26 -16.06 -47.03
CA TYR B 153 59.99 -15.80 -46.35
C TYR B 153 59.03 -16.96 -46.61
N ILE B 154 58.40 -17.45 -45.54
CA ILE B 154 57.44 -18.54 -45.63
C ILE B 154 56.20 -18.14 -44.84
N THR B 155 55.03 -18.30 -45.46
CA THR B 155 53.77 -17.93 -44.80
C THR B 155 53.26 -19.07 -43.93
N ASP B 156 52.28 -18.75 -43.09
CA ASP B 156 51.56 -19.80 -42.40
C ASP B 156 50.62 -20.53 -43.35
N LYS B 157 50.17 -21.70 -42.92
CA LYS B 157 49.16 -22.45 -43.62
C LYS B 157 47.89 -21.63 -43.80
N CYS B 158 47.27 -21.72 -44.99
CA CYS B 158 46.03 -21.02 -45.33
C CYS B 158 45.05 -22.01 -45.95
N VAL B 159 43.78 -21.92 -45.56
CA VAL B 159 42.73 -22.78 -46.12
C VAL B 159 41.83 -21.96 -47.04
N LEU B 160 41.72 -22.39 -48.30
CA LEU B 160 40.81 -21.77 -49.25
C LEU B 160 39.67 -22.74 -49.58
N ASP B 161 38.53 -22.17 -49.96
CA ASP B 161 37.29 -22.92 -50.12
C ASP B 161 36.74 -22.59 -51.51
N MET B 162 36.87 -23.52 -52.45
CA MET B 162 36.25 -23.35 -53.76
C MET B 162 34.80 -23.81 -53.63
N ARG B 163 33.94 -22.85 -53.26
CA ARG B 163 32.61 -23.17 -52.75
C ARG B 163 31.77 -23.95 -53.77
N SER B 164 31.78 -23.50 -55.02
CA SER B 164 30.93 -24.14 -56.03
C SER B 164 31.36 -25.58 -56.31
N MET B 165 32.59 -25.96 -55.98
CA MET B 165 33.07 -27.32 -56.17
C MET B 165 33.09 -28.14 -54.88
N ASP B 166 32.69 -27.56 -53.75
CA ASP B 166 32.75 -28.23 -52.45
C ASP B 166 34.15 -28.81 -52.21
N PHE B 167 35.15 -27.95 -52.38
CA PHE B 167 36.56 -28.34 -52.33
C PHE B 167 37.33 -27.35 -51.46
N LYS B 168 38.09 -27.86 -50.50
CA LYS B 168 38.96 -27.06 -49.66
C LYS B 168 40.40 -27.55 -49.80
N SER B 169 41.36 -26.63 -49.67
CA SER B 169 42.75 -27.05 -49.73
C SER B 169 43.61 -26.15 -48.85
N ASN B 170 44.60 -26.77 -48.22
CA ASN B 170 45.66 -26.08 -47.50
C ASN B 170 46.72 -25.58 -48.47
N SER B 171 47.37 -24.47 -48.11
CA SER B 171 48.55 -24.04 -48.85
C SER B 171 49.41 -23.14 -47.96
N ALA B 172 50.68 -23.07 -48.33
CA ALA B 172 51.64 -22.14 -47.75
C ALA B 172 52.53 -21.67 -48.88
N VAL B 173 53.00 -20.42 -48.78
CA VAL B 173 53.78 -19.79 -49.84
C VAL B 173 55.17 -19.45 -49.29
N ALA B 174 56.19 -19.66 -50.12
CA ALA B 174 57.57 -19.31 -49.80
C ALA B 174 58.19 -18.57 -50.97
N TRP B 175 59.02 -17.58 -50.69
CA TRP B 175 59.68 -16.84 -51.74
C TRP B 175 60.99 -16.25 -51.22
N SER B 176 61.81 -15.81 -52.16
CA SER B 176 63.09 -15.13 -51.92
C SER B 176 63.62 -14.68 -53.27
N ASN B 177 64.57 -13.75 -53.23
CA ASN B 177 65.33 -13.38 -54.42
C ASN B 177 66.80 -13.74 -54.29
N LYS B 178 67.17 -14.51 -53.27
CA LYS B 178 68.52 -15.03 -53.16
C LYS B 178 68.78 -16.06 -54.27
N SER B 179 70.03 -16.09 -54.73
CA SER B 179 70.43 -17.01 -55.79
C SER B 179 70.71 -18.41 -55.25
N PHE B 181 68.07 -20.10 -53.98
CA PHE B 181 66.74 -20.49 -53.54
C PHE B 181 65.93 -21.13 -54.66
N ALA B 182 65.66 -22.42 -54.53
CA ALA B 182 64.76 -23.13 -55.42
C ALA B 182 63.65 -23.81 -54.60
N CYS B 183 62.57 -24.17 -55.28
CA CYS B 183 61.43 -24.77 -54.60
C CYS B 183 61.71 -26.16 -54.04
N ALA B 184 62.86 -26.76 -54.39
CA ALA B 184 63.21 -28.06 -53.83
C ALA B 184 63.63 -27.94 -52.37
N ASN B 185 64.30 -26.85 -52.01
CA ASN B 185 64.74 -26.61 -50.64
C ASN B 185 63.81 -25.69 -49.87
N ALA B 186 62.75 -25.20 -50.50
CA ALA B 186 61.98 -24.08 -49.93
C ALA B 186 61.45 -24.42 -48.54
N PHE B 187 60.84 -25.60 -48.39
CA PHE B 187 60.22 -26.00 -47.14
C PHE B 187 61.05 -27.03 -46.39
N ASN B 188 62.38 -26.99 -46.56
CA ASN B 188 63.26 -27.98 -45.95
C ASN B 188 63.13 -27.99 -44.44
N ASN B 189 62.87 -26.84 -43.82
CA ASN B 189 62.75 -26.75 -42.37
C ASN B 189 61.42 -27.29 -41.86
N SER B 190 60.54 -27.76 -42.74
CA SER B 190 59.27 -28.37 -42.37
C SER B 190 59.31 -29.87 -42.63
N ILE B 191 58.40 -30.58 -41.96
CA ILE B 191 58.23 -32.02 -42.12
C ILE B 191 57.08 -32.22 -43.12
N ILE B 192 57.44 -32.47 -44.38
CA ILE B 192 56.43 -32.54 -45.44
C ILE B 192 56.14 -34.00 -45.79
N PRO B 193 54.99 -34.32 -46.38
CA PRO B 193 54.67 -35.70 -46.71
C PRO B 193 55.70 -36.31 -47.66
N GLU B 194 55.99 -37.60 -47.46
CA GLU B 194 57.02 -38.27 -48.26
C GLU B 194 56.63 -38.36 -49.73
N ASP B 195 55.34 -38.48 -50.03
CA ASP B 195 54.82 -38.52 -51.39
C ASP B 195 54.51 -37.12 -51.95
N THR B 196 55.21 -36.09 -51.50
CA THR B 196 54.97 -34.75 -52.02
C THR B 196 55.47 -34.64 -53.47
N PHE B 197 54.60 -34.16 -54.36
CA PHE B 197 54.93 -34.01 -55.77
C PHE B 197 55.81 -32.78 -55.98
N PHE B 198 56.99 -32.99 -56.55
CA PHE B 198 57.93 -31.94 -56.91
C PHE B 198 58.10 -31.96 -58.42
N PRO B 199 57.31 -31.18 -59.17
CA PRO B 199 57.39 -31.24 -60.64
C PRO B 199 58.75 -30.77 -61.14
N SER B 200 59.17 -31.32 -62.28
CA SER B 200 60.48 -30.96 -62.82
C SER B 200 60.36 -29.85 -63.85
N GLY C 4 25.79 0.38 -35.11
CA GLY C 4 25.31 1.00 -33.90
C GLY C 4 26.31 1.98 -33.29
N VAL C 5 27.57 1.58 -33.24
CA VAL C 5 28.65 2.42 -32.71
C VAL C 5 29.56 2.79 -33.87
N THR C 6 29.73 4.10 -34.10
CA THR C 6 30.56 4.62 -35.19
C THR C 6 31.80 5.31 -34.60
N GLN C 7 32.98 4.79 -34.90
CA GLN C 7 34.21 5.45 -34.50
C GLN C 7 35.08 5.75 -35.72
N THR C 8 35.79 6.86 -35.66
CA THR C 8 36.73 7.25 -36.70
C THR C 8 38.00 7.77 -36.05
N PRO C 9 39.14 7.71 -36.76
CA PRO C 9 39.35 7.13 -38.09
C PRO C 9 39.64 5.64 -38.00
N LYS C 10 39.55 4.89 -39.10
CA LYS C 10 39.88 3.47 -39.06
C LYS C 10 41.38 3.25 -39.00
N PHE C 11 42.16 4.12 -39.65
CA PHE C 11 43.61 4.03 -39.70
C PHE C 11 44.18 5.43 -39.53
N GLN C 12 45.32 5.52 -38.84
CA GLN C 12 46.02 6.80 -38.70
C GLN C 12 47.48 6.55 -38.37
N VAL C 13 48.37 7.24 -39.08
CA VAL C 13 49.79 7.30 -38.77
C VAL C 13 50.05 8.64 -38.10
N LEU C 14 50.73 8.62 -36.95
CA LEU C 14 51.05 9.86 -36.23
C LEU C 14 52.54 9.96 -36.00
N LYS C 15 53.03 11.19 -35.96
CA LYS C 15 54.41 11.43 -35.55
C LYS C 15 54.44 11.61 -34.03
N THR C 16 55.53 11.15 -33.43
CA THR C 16 55.71 11.30 -31.99
C THR C 16 55.52 12.76 -31.58
N GLY C 17 54.77 12.98 -30.50
CA GLY C 17 54.46 14.31 -30.02
C GLY C 17 53.23 14.95 -30.64
N GLN C 18 52.69 14.38 -31.71
CA GLN C 18 51.52 14.97 -32.34
C GLN C 18 50.25 14.73 -31.51
N SER C 19 49.29 15.63 -31.69
CA SER C 19 48.00 15.55 -31.04
C SER C 19 47.04 14.76 -31.93
N MET C 20 46.05 14.13 -31.31
CA MET C 20 45.13 13.26 -32.03
C MET C 20 43.85 13.10 -31.24
N THR C 21 42.71 13.17 -31.92
CA THR C 21 41.42 12.88 -31.30
C THR C 21 40.71 11.76 -32.05
N LEU C 22 40.30 10.73 -31.31
CA LEU C 22 39.46 9.67 -31.86
CA LEU C 22 39.46 9.67 -31.85
C LEU C 22 38.01 9.97 -31.51
N GLN C 23 37.13 9.84 -32.50
CA GLN C 23 35.72 10.14 -32.33
C GLN C 23 34.93 8.85 -32.18
N CYS C 24 33.91 8.89 -31.32
CA CYS C 24 32.97 7.78 -31.18
C CYS C 24 31.57 8.34 -30.96
N ALA C 25 30.59 7.77 -31.65
CA ALA C 25 29.20 8.14 -31.48
C ALA C 25 28.34 6.88 -31.52
N GLN C 26 27.30 6.84 -30.69
CA GLN C 26 26.37 5.72 -30.69
C GLN C 26 24.95 6.24 -30.75
N ASP C 27 24.18 5.70 -31.69
CA ASP C 27 22.78 6.06 -31.92
CA ASP C 27 22.77 6.07 -31.89
C ASP C 27 21.82 5.04 -31.32
N MET C 28 22.13 4.52 -30.14
CA MET C 28 21.31 3.50 -29.48
C MET C 28 20.74 3.96 -28.14
N ASN C 29 20.93 5.24 -27.80
CA ASN C 29 20.41 5.81 -26.55
C ASN C 29 21.03 5.17 -25.32
N HIS C 30 22.26 4.67 -25.48
CA HIS C 30 22.98 4.10 -24.35
C HIS C 30 23.49 5.19 -23.44
N ASN C 31 23.62 4.87 -22.16
CA ASN C 31 24.12 5.82 -21.18
C ASN C 31 25.60 5.65 -20.88
N SER C 32 26.16 4.46 -21.05
CA SER C 32 27.57 4.21 -20.73
C SER C 32 28.40 4.00 -21.98
N MET C 33 29.59 4.61 -21.99
CA MET C 33 30.54 4.47 -23.11
C MET C 33 31.95 4.26 -22.55
N TYR C 34 32.79 3.67 -23.41
CA TYR C 34 34.07 3.10 -23.02
C TYR C 34 35.05 3.28 -24.17
N TRP C 35 36.32 3.49 -23.81
CA TRP C 35 37.43 3.45 -24.75
C TRP C 35 38.42 2.40 -24.27
N TYR C 36 38.68 1.40 -25.12
CA TYR C 36 39.61 0.31 -24.84
C TYR C 36 40.78 0.39 -25.81
N ARG C 37 41.93 -0.12 -25.38
CA ARG C 37 42.98 -0.45 -26.34
C ARG C 37 43.19 -1.97 -26.32
N GLN C 38 43.45 -2.52 -27.49
CA GLN C 38 43.70 -3.95 -27.64
C GLN C 38 45.12 -4.14 -28.15
N ASP C 39 45.93 -4.84 -27.38
CA ASP C 39 47.30 -5.10 -27.76
C ASP C 39 47.57 -6.60 -27.81
N PRO C 40 48.54 -7.03 -28.62
CA PRO C 40 48.82 -8.47 -28.73
C PRO C 40 49.19 -9.08 -27.39
N GLY C 41 48.60 -10.24 -27.11
CA GLY C 41 48.94 -11.00 -25.93
C GLY C 41 48.26 -10.60 -24.64
N MET C 42 47.32 -9.65 -24.67
CA MET C 42 46.65 -9.29 -23.44
C MET C 42 45.18 -8.97 -23.70
N GLY C 43 44.39 -9.04 -22.63
CA GLY C 43 43.00 -8.68 -22.72
C GLY C 43 42.83 -7.20 -22.98
N LEU C 44 41.64 -6.84 -23.49
CA LEU C 44 41.28 -5.43 -23.64
C LEU C 44 41.56 -4.66 -22.37
N ARG C 45 42.11 -3.47 -22.51
CA ARG C 45 42.38 -2.62 -21.35
C ARG C 45 41.58 -1.33 -21.47
N LEU C 46 40.80 -1.05 -20.42
CA LEU C 46 40.00 0.16 -20.36
C LEU C 46 40.90 1.38 -20.14
N ILE C 47 40.72 2.40 -20.97
CA ILE C 47 41.50 3.62 -20.89
C ILE C 47 40.75 4.64 -20.02
N TYR C 48 39.53 4.97 -20.46
CA TYR C 48 38.60 5.79 -19.70
C TYR C 48 37.20 5.26 -19.95
N TYR C 49 36.26 5.62 -19.08
CA TYR C 49 34.86 5.27 -19.31
C TYR C 49 33.97 6.41 -18.82
N SER C 50 32.70 6.34 -19.22
CA SER C 50 31.72 7.38 -18.91
C SER C 50 30.44 6.64 -18.52
N ALA C 51 30.15 6.59 -17.22
CA ALA C 51 29.01 5.80 -16.74
C ALA C 51 27.70 6.39 -17.23
N SER C 52 27.68 7.68 -17.50
CA SER C 52 26.46 8.42 -17.80
C SER C 52 26.88 9.71 -18.46
N GLU C 53 25.93 10.36 -19.13
CA GLU C 53 26.21 11.69 -19.63
C GLU C 53 26.57 12.58 -18.45
N GLY C 54 27.67 13.32 -18.58
CA GLY C 54 28.05 14.24 -17.53
C GLY C 54 29.04 13.70 -16.52
N THR C 55 29.57 12.50 -16.72
CA THR C 55 30.65 12.05 -15.86
C THR C 55 31.57 11.14 -16.66
N THR C 56 32.85 11.19 -16.32
CA THR C 56 33.83 10.27 -16.86
C THR C 56 34.84 9.94 -15.77
N ASP C 57 35.58 8.85 -15.98
CA ASP C 57 36.60 8.48 -15.01
C ASP C 57 37.64 7.60 -15.68
N LYS C 58 38.84 7.61 -15.10
CA LYS C 58 39.93 6.80 -15.59
C LYS C 58 39.60 5.32 -15.51
N GLY C 59 40.15 4.57 -16.44
CA GLY C 59 40.19 3.13 -16.37
C GLY C 59 41.52 2.64 -15.86
N GLU C 60 42.00 1.56 -16.45
CA GLU C 60 43.25 0.94 -16.02
C GLU C 60 44.48 1.64 -16.60
N VAL C 61 44.38 2.18 -17.81
CA VAL C 61 45.55 2.76 -18.47
C VAL C 61 45.27 4.17 -18.98
N PRO C 62 44.98 5.13 -18.10
CA PRO C 62 44.60 6.47 -18.57
C PRO C 62 45.75 7.38 -18.99
N ASN C 63 47.00 7.05 -18.63
CA ASN C 63 48.10 7.98 -18.78
C ASN C 63 48.43 8.23 -20.25
N GLY C 64 48.53 9.51 -20.62
CA GLY C 64 48.72 9.89 -22.01
C GLY C 64 47.44 10.16 -22.76
N TYR C 65 46.28 9.97 -22.12
CA TYR C 65 45.00 10.18 -22.75
C TYR C 65 44.11 11.06 -21.88
N ASN C 66 43.09 11.62 -22.51
CA ASN C 66 41.93 12.12 -21.78
C ASN C 66 40.72 12.01 -22.70
N VAL C 67 39.53 12.21 -22.12
CA VAL C 67 38.28 11.98 -22.82
C VAL C 67 37.34 13.14 -22.55
N SER C 68 36.32 13.24 -23.40
CA SER C 68 35.19 14.14 -23.19
C SER C 68 33.92 13.39 -23.54
N ARG C 69 33.02 13.26 -22.57
CA ARG C 69 31.65 12.86 -22.86
C ARG C 69 30.93 14.13 -23.34
N LEU C 70 30.95 14.34 -24.66
CA LEU C 70 30.47 15.60 -25.22
C LEU C 70 28.98 15.78 -24.98
N ASN C 71 28.23 14.70 -25.06
CA ASN C 71 26.78 14.63 -24.94
C ASN C 71 26.46 13.15 -24.77
N LYS C 72 25.17 12.78 -24.78
CA LYS C 72 24.82 11.38 -24.54
C LYS C 72 25.33 10.46 -25.64
N ARG C 73 25.44 10.96 -26.87
CA ARG C 73 25.85 10.16 -28.02
C ARG C 73 27.37 10.03 -28.17
N GLU C 74 28.16 11.05 -27.80
CA GLU C 74 29.56 11.12 -28.24
C GLU C 74 30.54 11.05 -27.08
N PHE C 75 31.63 10.31 -27.31
CA PHE C 75 32.69 10.07 -26.33
C PHE C 75 34.01 10.14 -27.09
N SER C 76 34.71 11.26 -26.99
CA SER C 76 35.95 11.46 -27.72
CA SER C 76 35.96 11.47 -27.72
C SER C 76 37.15 11.08 -26.86
N LEU C 77 38.17 10.52 -27.52
CA LEU C 77 39.42 10.11 -26.89
C LEU C 77 40.54 10.95 -27.48
N ARG C 78 41.27 11.67 -26.62
CA ARG C 78 42.37 12.51 -27.06
C ARG C 78 43.71 11.90 -26.68
N LEU C 79 44.65 11.96 -27.62
CA LEU C 79 46.06 11.73 -27.35
C LEU C 79 46.74 13.09 -27.39
N GLU C 80 47.16 13.59 -26.22
CA GLU C 80 47.67 14.95 -26.13
C GLU C 80 49.01 15.08 -26.85
N SER C 81 49.89 14.10 -26.69
CA SER C 81 51.21 14.13 -27.31
C SER C 81 51.57 12.68 -27.62
N ALA C 82 51.41 12.28 -28.88
CA ALA C 82 51.46 10.86 -29.22
C ALA C 82 52.82 10.25 -28.91
N ALA C 83 52.81 9.07 -28.30
CA ALA C 83 54.03 8.33 -28.02
C ALA C 83 54.00 7.00 -28.75
N PRO C 84 55.17 6.45 -29.09
CA PRO C 84 55.19 5.15 -29.82
C PRO C 84 54.47 4.04 -29.09
N SER C 85 54.45 4.06 -27.76
CA SER C 85 53.74 3.02 -27.00
C SER C 85 52.23 3.15 -27.14
N GLN C 86 51.72 4.21 -27.75
CA GLN C 86 50.30 4.35 -28.03
C GLN C 86 49.91 3.76 -29.39
N THR C 87 50.86 3.16 -30.12
CA THR C 87 50.55 2.30 -31.25
C THR C 87 49.71 1.12 -30.77
N SER C 88 48.49 1.00 -31.32
CA SER C 88 47.53 0.03 -30.79
C SER C 88 46.31 0.02 -31.70
N VAL C 89 45.37 -0.85 -31.35
CA VAL C 89 44.03 -0.83 -31.94
C VAL C 89 43.09 -0.36 -30.84
N TYR C 90 42.38 0.73 -31.11
CA TYR C 90 41.51 1.37 -30.13
C TYR C 90 40.06 1.00 -30.43
N PHE C 91 39.32 0.60 -29.40
CA PHE C 91 37.92 0.25 -29.55
C PHE C 91 37.07 1.10 -28.63
N CYS C 92 36.10 1.76 -29.19
CA CYS C 92 35.07 2.36 -28.35
CA CYS C 92 35.05 2.39 -28.41
C CYS C 92 33.88 1.41 -28.27
N ALA C 93 33.19 1.48 -27.13
CA ALA C 93 32.06 0.60 -26.90
C ALA C 93 31.04 1.34 -26.05
N SER C 94 29.80 0.86 -26.08
CA SER C 94 28.73 1.41 -25.28
C SER C 94 27.88 0.28 -24.73
N SER C 95 27.16 0.59 -23.65
CA SER C 95 26.16 -0.31 -23.10
C SER C 95 25.00 0.53 -22.58
N VAL C 96 23.83 -0.09 -22.46
CA VAL C 96 22.62 0.64 -22.08
C VAL C 96 22.86 1.36 -20.74
N TRP C 97 23.33 0.63 -19.74
CA TRP C 97 23.80 1.25 -18.50
C TRP C 97 25.11 0.57 -18.12
N THR C 98 25.78 1.11 -17.12
CA THR C 98 26.97 0.43 -16.63
C THR C 98 26.81 0.10 -15.15
N GLY C 99 27.60 -0.88 -14.73
CA GLY C 99 27.57 -1.32 -13.36
C GLY C 99 26.72 -2.56 -13.22
N GLU C 100 25.55 -2.40 -12.61
CA GLU C 100 24.64 -3.52 -12.44
C GLU C 100 24.19 -4.04 -13.80
N GLY C 101 23.89 -5.32 -13.83
CA GLY C 101 23.12 -5.88 -14.91
C GLY C 101 23.93 -6.80 -15.79
N SER C 102 23.21 -7.44 -16.70
CA SER C 102 23.72 -8.40 -17.67
C SER C 102 23.98 -7.76 -19.02
N GLY C 103 23.95 -6.44 -19.11
CA GLY C 103 23.98 -5.79 -20.40
C GLY C 103 25.33 -5.99 -21.07
N GLU C 104 25.29 -6.26 -22.37
CA GLU C 104 26.54 -6.50 -23.10
C GLU C 104 27.08 -5.20 -23.68
N LEU C 105 28.35 -5.25 -24.07
CA LEU C 105 28.99 -4.17 -24.78
C LEU C 105 28.73 -4.26 -26.28
N PHE C 106 28.55 -3.11 -26.91
CA PHE C 106 28.47 -2.98 -28.37
C PHE C 106 29.70 -2.22 -28.81
N PHE C 107 30.49 -2.82 -29.71
CA PHE C 107 31.82 -2.30 -30.04
C PHE C 107 31.80 -1.57 -31.38
N GLY C 108 32.55 -0.49 -31.46
CA GLY C 108 32.84 0.13 -32.74
C GLY C 108 33.79 -0.70 -33.58
N GLU C 109 34.01 -0.27 -34.82
CA GLU C 109 34.83 -1.06 -35.74
C GLU C 109 36.31 -1.01 -35.42
N GLY C 110 36.77 -0.12 -34.55
CA GLY C 110 38.17 -0.14 -34.20
C GLY C 110 38.98 0.90 -34.95
N SER C 111 39.99 1.45 -34.29
CA SER C 111 40.87 2.43 -34.89
C SER C 111 42.31 1.94 -34.74
N ARG C 112 43.00 1.74 -35.86
CA ARG C 112 44.39 1.27 -35.85
CA ARG C 112 44.38 1.27 -35.85
C ARG C 112 45.30 2.47 -35.93
N LEU C 113 46.00 2.77 -34.83
CA LEU C 113 46.90 3.92 -34.78
C LEU C 113 48.34 3.43 -34.68
N THR C 114 49.21 4.00 -35.52
CA THR C 114 50.63 3.73 -35.49
C THR C 114 51.39 5.04 -35.26
N VAL C 115 52.21 5.07 -34.21
CA VAL C 115 52.96 6.27 -33.83
C VAL C 115 54.43 6.02 -34.12
N LEU C 116 55.02 6.87 -34.96
CA LEU C 116 56.40 6.74 -35.42
C LEU C 116 57.19 7.99 -35.08
N GLU C 117 58.47 7.80 -34.78
CA GLU C 117 59.35 8.95 -34.61
C GLU C 117 59.64 9.62 -35.95
N ASP C 118 59.71 8.84 -37.03
CA ASP C 118 60.15 9.34 -38.32
C ASP C 118 59.17 8.83 -39.39
N LEU C 119 58.46 9.76 -40.05
CA LEU C 119 57.52 9.33 -41.07
C LEU C 119 58.21 8.81 -42.32
N LYS C 120 59.52 9.02 -42.45
CA LYS C 120 60.25 8.54 -43.62
C LYS C 120 60.37 7.02 -43.67
N ASN C 121 59.94 6.32 -42.62
CA ASN C 121 59.88 4.87 -42.63
C ASN C 121 58.57 4.34 -43.22
N VAL C 122 57.66 5.22 -43.60
CA VAL C 122 56.38 4.80 -44.16
C VAL C 122 56.56 4.49 -45.64
N PHE C 123 56.15 3.29 -46.05
CA PHE C 123 56.26 2.86 -47.42
C PHE C 123 54.97 2.18 -47.86
N PRO C 124 54.50 2.43 -49.06
CA PRO C 124 53.39 1.66 -49.61
C PRO C 124 53.89 0.29 -50.03
N PRO C 125 52.99 -0.68 -50.22
CA PRO C 125 53.42 -1.98 -50.72
C PRO C 125 53.78 -1.93 -52.20
N GLU C 126 54.72 -2.78 -52.56
CA GLU C 126 54.85 -3.25 -53.94
C GLU C 126 54.03 -4.51 -54.10
N VAL C 127 53.34 -4.65 -55.23
CA VAL C 127 52.39 -5.73 -55.43
C VAL C 127 52.71 -6.44 -56.73
N ALA C 128 52.80 -7.77 -56.70
CA ALA C 128 53.03 -8.56 -57.90
C ALA C 128 52.15 -9.81 -57.86
N VAL C 129 51.76 -10.27 -59.04
CA VAL C 129 50.89 -11.42 -59.20
C VAL C 129 51.67 -12.50 -59.94
N PHE C 130 51.66 -13.71 -59.40
CA PHE C 130 52.37 -14.83 -59.97
C PHE C 130 51.35 -15.80 -60.57
N GLU C 131 51.51 -16.07 -61.85
CA GLU C 131 50.55 -16.87 -62.60
C GLU C 131 50.65 -18.34 -62.21
N PRO C 132 49.57 -19.10 -62.40
CA PRO C 132 49.56 -20.50 -61.96
C PRO C 132 50.58 -21.34 -62.71
N SER C 133 51.16 -22.30 -62.00
CA SER C 133 52.07 -23.27 -62.60
C SER C 133 51.33 -24.16 -63.59
N GLU C 134 51.97 -24.41 -64.74
CA GLU C 134 51.41 -25.37 -65.69
C GLU C 134 51.39 -26.78 -65.10
N ALA C 135 52.33 -27.08 -64.19
CA ALA C 135 52.32 -28.39 -63.55
C ALA C 135 51.13 -28.54 -62.61
N GLU C 136 50.72 -27.47 -61.93
CA GLU C 136 49.50 -27.57 -61.11
C GLU C 136 48.27 -27.81 -61.98
N ILE C 137 48.17 -27.08 -63.10
CA ILE C 137 47.03 -27.23 -64.00
C ILE C 137 46.94 -28.66 -64.49
N SER C 138 48.06 -29.28 -64.84
CA SER C 138 48.00 -30.65 -65.37
C SER C 138 47.75 -31.67 -64.26
N HIS C 139 48.34 -31.45 -63.08
CA HIS C 139 48.24 -32.43 -62.00
C HIS C 139 46.87 -32.41 -61.32
N THR C 140 46.19 -31.26 -61.31
CA THR C 140 44.98 -31.09 -60.50
C THR C 140 43.77 -30.55 -61.24
N GLN C 141 43.94 -29.99 -62.45
CA GLN C 141 42.89 -29.28 -63.19
C GLN C 141 42.40 -28.04 -62.45
N LYS C 142 43.23 -27.50 -61.56
CA LYS C 142 42.96 -26.25 -60.87
C LYS C 142 44.17 -25.35 -61.04
N ALA C 143 43.98 -24.05 -60.80
CA ALA C 143 45.01 -23.06 -61.07
C ALA C 143 45.01 -22.05 -59.94
N THR C 144 46.14 -21.95 -59.24
CA THR C 144 46.28 -21.05 -58.11
C THR C 144 47.12 -19.86 -58.56
N LEU C 145 46.55 -18.66 -58.45
CA LEU C 145 47.32 -17.44 -58.59
C LEU C 145 47.80 -17.02 -57.20
N VAL C 146 49.00 -16.44 -57.13
CA VAL C 146 49.53 -15.96 -55.86
C VAL C 146 49.82 -14.47 -55.98
N CYS C 147 49.37 -13.71 -54.98
CA CYS C 147 49.64 -12.28 -54.89
C CYS C 147 50.61 -12.04 -53.74
N LEU C 148 51.65 -11.24 -53.99
CA LEU C 148 52.56 -10.81 -52.93
C LEU C 148 52.50 -9.29 -52.79
N ALA C 149 52.29 -8.82 -51.57
CA ALA C 149 52.44 -7.42 -51.22
C ALA C 149 53.64 -7.30 -50.30
N THR C 150 54.68 -6.59 -50.76
CA THR C 150 55.94 -6.59 -50.03
C THR C 150 56.44 -5.18 -49.77
N GLY C 151 57.24 -5.07 -48.71
CA GLY C 151 57.97 -3.85 -48.40
C GLY C 151 57.16 -2.72 -47.80
N PHE C 152 55.98 -2.99 -47.24
CA PHE C 152 55.15 -1.89 -46.76
C PHE C 152 55.31 -1.67 -45.26
N TYR C 153 55.01 -0.43 -44.85
CA TYR C 153 55.02 -0.03 -43.45
C TYR C 153 54.22 1.26 -43.24
N PRO C 154 53.36 1.34 -42.22
CA PRO C 154 53.04 0.30 -41.24
C PRO C 154 52.17 -0.81 -41.82
N ASP C 155 51.74 -1.75 -40.97
CA ASP C 155 50.90 -2.86 -41.40
CA ASP C 155 50.89 -2.86 -41.41
C ASP C 155 49.44 -2.38 -41.45
N HIS C 156 49.16 -1.52 -42.42
CA HIS C 156 47.85 -0.92 -42.64
C HIS C 156 47.40 -1.30 -44.05
N VAL C 157 47.03 -2.56 -44.29
CA VAL C 157 46.67 -3.00 -45.64
C VAL C 157 45.40 -3.84 -45.62
N GLU C 158 44.67 -3.78 -46.73
CA GLU C 158 43.51 -4.63 -46.99
C GLU C 158 43.66 -5.14 -48.40
N LEU C 159 43.81 -6.46 -48.54
CA LEU C 159 44.03 -7.09 -49.84
C LEU C 159 42.72 -7.70 -50.33
N SER C 160 42.44 -7.52 -51.64
CA SER C 160 41.26 -8.09 -52.25
C SER C 160 41.60 -8.59 -53.65
N TRP C 161 40.80 -9.55 -54.13
CA TRP C 161 40.92 -10.13 -55.47
C TRP C 161 39.74 -9.72 -56.31
N TRP C 162 40.02 -9.36 -57.57
CA TRP C 162 38.99 -8.88 -58.48
C TRP C 162 39.09 -9.65 -59.79
N VAL C 163 37.99 -10.30 -60.17
CA VAL C 163 37.90 -11.04 -61.42
CA VAL C 163 37.91 -11.03 -61.42
C VAL C 163 36.90 -10.32 -62.31
N ASN C 164 37.37 -9.83 -63.46
CA ASN C 164 36.54 -9.12 -64.42
C ASN C 164 35.81 -7.93 -63.78
N GLY C 165 36.49 -7.28 -62.83
CA GLY C 165 35.98 -6.05 -62.25
C GLY C 165 35.08 -6.22 -61.05
N LYS C 166 34.80 -7.45 -60.61
CA LYS C 166 34.00 -7.70 -59.43
C LYS C 166 34.84 -8.45 -58.40
N GLU C 167 34.81 -7.98 -57.16
CA GLU C 167 35.56 -8.64 -56.09
C GLU C 167 35.03 -10.07 -55.90
N VAL C 168 35.95 -10.99 -55.62
CA VAL C 168 35.61 -12.39 -55.40
C VAL C 168 36.10 -12.82 -54.03
N HIS C 169 35.45 -13.87 -53.50
CA HIS C 169 35.79 -14.38 -52.19
C HIS C 169 35.98 -15.90 -52.20
N SER C 170 35.21 -16.59 -53.05
CA SER C 170 35.39 -18.02 -53.21
C SER C 170 36.76 -18.32 -53.79
N GLY C 171 37.41 -19.35 -53.25
CA GLY C 171 38.73 -19.74 -53.73
C GLY C 171 39.87 -18.87 -53.27
N VAL C 172 39.62 -17.90 -52.39
CA VAL C 172 40.63 -16.96 -51.91
C VAL C 172 41.05 -17.35 -50.49
N CYS C 173 42.33 -17.21 -50.18
CA CYS C 173 42.79 -17.20 -48.80
CA CYS C 173 42.73 -17.14 -48.79
C CYS C 173 43.96 -16.24 -48.69
N THR C 174 43.84 -15.25 -47.82
CA THR C 174 44.86 -14.24 -47.59
C THR C 174 45.43 -14.45 -46.20
N ASP C 175 46.75 -14.32 -46.07
CA ASP C 175 47.38 -14.47 -44.75
C ASP C 175 46.67 -13.57 -43.74
N PRO C 176 46.26 -14.10 -42.58
CA PRO C 176 45.61 -13.22 -41.60
C PRO C 176 46.54 -12.14 -41.06
N GLN C 177 47.84 -12.43 -40.93
CA GLN C 177 48.80 -11.44 -40.47
C GLN C 177 49.97 -11.32 -41.44
N PRO C 178 50.40 -10.10 -41.71
CA PRO C 178 51.62 -9.92 -42.51
C PRO C 178 52.82 -10.46 -41.74
N LEU C 179 53.85 -10.83 -42.49
CA LEU C 179 55.08 -11.23 -41.83
C LEU C 179 56.11 -10.11 -41.91
N LYS C 180 57.09 -10.18 -41.01
CA LYS C 180 58.15 -9.19 -40.95
C LYS C 180 59.28 -9.58 -41.89
N GLU C 181 59.64 -8.64 -42.78
CA GLU C 181 60.75 -8.90 -43.68
C GLU C 181 62.08 -8.84 -42.95
N GLN C 182 62.13 -8.14 -41.83
CA GLN C 182 63.32 -8.01 -41.00
CA GLN C 182 63.34 -8.05 -40.99
C GLN C 182 62.91 -8.29 -39.55
N PRO C 183 62.67 -9.56 -39.20
CA PRO C 183 62.01 -9.86 -37.92
C PRO C 183 62.74 -9.33 -36.69
N ALA C 184 64.03 -9.06 -36.78
CA ALA C 184 64.76 -8.56 -35.63
C ALA C 184 64.49 -7.08 -35.36
N LEU C 185 64.07 -6.32 -36.37
CA LEU C 185 63.94 -4.88 -36.24
C LEU C 185 62.56 -4.49 -35.70
N ASN C 186 62.56 -3.51 -34.78
CA ASN C 186 61.29 -3.03 -34.23
C ASN C 186 60.40 -2.45 -35.32
N ASP C 187 60.98 -1.79 -36.32
CA ASP C 187 60.23 -1.16 -37.40
C ASP C 187 60.42 -1.88 -38.73
N SER C 188 60.53 -3.21 -38.68
CA SER C 188 60.59 -4.03 -39.88
C SER C 188 59.44 -3.68 -40.84
N ARG C 189 59.74 -3.69 -42.14
CA ARG C 189 58.64 -3.61 -43.09
C ARG C 189 57.97 -4.97 -43.21
N TYR C 190 56.82 -5.01 -43.89
CA TYR C 190 55.94 -6.17 -43.85
C TYR C 190 55.72 -6.76 -45.25
N ALA C 191 55.38 -8.04 -45.27
CA ALA C 191 54.98 -8.75 -46.48
C ALA C 191 53.69 -9.49 -46.21
N LEU C 192 52.83 -9.56 -47.22
CA LEU C 192 51.55 -10.24 -47.11
C LEU C 192 51.32 -11.02 -48.39
N SER C 193 50.85 -12.27 -48.26
CA SER C 193 50.56 -13.09 -49.43
C SER C 193 49.09 -13.52 -49.44
N SER C 194 48.60 -13.79 -50.65
CA SER C 194 47.24 -14.27 -50.83
C SER C 194 47.24 -15.22 -52.03
N ARG C 195 46.30 -16.17 -52.02
CA ARG C 195 46.07 -17.07 -53.14
C ARG C 195 44.64 -16.94 -53.61
N LEU C 196 44.45 -17.02 -54.92
CA LEU C 196 43.13 -17.22 -55.51
C LEU C 196 43.23 -18.45 -56.41
N ARG C 197 42.39 -19.44 -56.16
CA ARG C 197 42.39 -20.68 -56.94
C ARG C 197 41.10 -20.78 -57.75
N VAL C 198 41.25 -21.02 -59.06
CA VAL C 198 40.11 -21.16 -59.96
C VAL C 198 40.29 -22.47 -60.73
N SER C 199 39.26 -22.85 -61.47
CA SER C 199 39.37 -24.03 -62.32
C SER C 199 40.35 -23.75 -63.45
N ALA C 200 40.97 -24.82 -63.95
CA ALA C 200 41.94 -24.66 -65.04
C ALA C 200 41.29 -23.99 -66.25
N THR C 201 40.07 -24.40 -66.60
CA THR C 201 39.43 -23.83 -67.79
C THR C 201 39.14 -22.35 -67.61
N PHE C 202 38.80 -21.92 -66.39
CA PHE C 202 38.57 -20.51 -66.17
C PHE C 202 39.85 -19.71 -66.35
N TRP C 203 40.97 -20.23 -65.84
CA TRP C 203 42.25 -19.57 -66.07
C TRP C 203 42.64 -19.59 -67.54
N GLN C 204 42.28 -20.65 -68.27
CA GLN C 204 42.66 -20.77 -69.66
C GLN C 204 41.80 -19.93 -70.60
N ASN C 205 40.87 -19.15 -70.05
CA ASN C 205 40.02 -18.28 -70.87
C ASN C 205 40.63 -16.88 -70.90
N PRO C 206 41.16 -16.44 -72.05
CA PRO C 206 41.88 -15.15 -72.09
C PRO C 206 40.97 -13.93 -71.92
N ARG C 207 39.65 -14.10 -71.89
CA ARG C 207 38.77 -12.99 -71.57
C ARG C 207 38.68 -12.73 -70.08
N ASN C 208 39.27 -13.59 -69.25
CA ASN C 208 39.21 -13.42 -67.81
C ASN C 208 40.40 -12.62 -67.32
N HIS C 209 40.12 -11.61 -66.51
CA HIS C 209 41.12 -10.68 -66.00
C HIS C 209 41.14 -10.79 -64.48
N PHE C 210 42.34 -11.02 -63.93
CA PHE C 210 42.54 -11.21 -62.50
C PHE C 210 43.35 -10.03 -61.97
N ARG C 211 42.85 -9.40 -60.90
CA ARG C 211 43.58 -8.30 -60.31
C ARG C 211 43.66 -8.48 -58.81
N CYS C 212 44.88 -8.42 -58.27
CA CYS C 212 45.10 -8.34 -56.84
C CYS C 212 45.21 -6.88 -56.46
N GLN C 213 44.38 -6.45 -55.50
CA GLN C 213 44.33 -5.07 -55.05
C GLN C 213 44.76 -4.99 -53.60
N VAL C 214 45.65 -4.07 -53.29
CA VAL C 214 46.05 -3.80 -51.91
C VAL C 214 45.76 -2.33 -51.60
N GLN C 215 44.77 -2.08 -50.76
CA GLN C 215 44.55 -0.76 -50.18
C GLN C 215 45.56 -0.53 -49.06
N PHE C 216 46.37 0.51 -49.20
CA PHE C 216 47.34 0.89 -48.17
C PHE C 216 46.87 2.15 -47.47
N TYR C 217 47.01 2.20 -46.15
CA TYR C 217 46.69 3.39 -45.38
C TYR C 217 47.98 3.99 -44.85
N GLY C 218 48.30 5.20 -45.30
CA GLY C 218 49.54 5.83 -44.93
C GLY C 218 49.37 7.26 -44.50
N LEU C 219 50.20 8.16 -45.03
CA LEU C 219 50.17 9.55 -44.64
C LEU C 219 48.93 10.24 -45.22
N SER C 220 48.53 11.32 -44.56
CA SER C 220 47.43 12.15 -45.02
C SER C 220 47.98 13.35 -45.76
N GLU C 221 47.06 14.10 -46.40
CA GLU C 221 47.44 15.30 -47.13
C GLU C 221 48.02 16.37 -46.21
N ASN C 222 47.67 16.35 -44.92
CA ASN C 222 48.19 17.34 -43.98
C ASN C 222 49.66 17.12 -43.63
N ASP C 223 50.16 15.89 -43.74
CA ASP C 223 51.54 15.62 -43.38
C ASP C 223 52.52 16.25 -44.36
N GLU C 224 53.59 16.83 -43.83
CA GLU C 224 54.61 17.45 -44.67
C GLU C 224 55.60 16.41 -45.18
N TRP C 225 55.98 16.53 -46.45
CA TRP C 225 56.85 15.55 -47.11
C TRP C 225 57.82 16.29 -48.02
N THR C 226 59.11 15.99 -47.87
CA THR C 226 60.15 16.68 -48.65
C THR C 226 61.12 15.71 -49.32
N GLN C 227 60.86 14.41 -49.27
CA GLN C 227 61.77 13.44 -49.83
CA GLN C 227 61.77 13.43 -49.83
C GLN C 227 61.64 13.40 -51.36
N ASP C 228 62.60 12.72 -51.99
CA ASP C 228 62.57 12.54 -53.45
C ASP C 228 61.48 11.55 -53.85
N ARG C 229 61.42 10.41 -53.16
CA ARG C 229 60.38 9.44 -53.47
C ARG C 229 59.01 10.04 -53.13
N ALA C 230 57.98 9.52 -53.80
CA ALA C 230 56.64 10.06 -53.66
C ALA C 230 56.13 9.92 -52.23
N LYS C 231 55.41 10.93 -51.76
CA LYS C 231 54.74 10.90 -50.47
C LYS C 231 53.97 9.60 -50.29
N PRO C 232 54.27 8.78 -49.27
CA PRO C 232 53.58 7.49 -49.08
C PRO C 232 52.17 7.66 -48.52
N VAL C 233 51.31 8.26 -49.33
CA VAL C 233 49.93 8.53 -48.92
C VAL C 233 49.11 7.24 -48.97
N THR C 234 47.95 7.29 -48.32
CA THR C 234 46.92 6.29 -48.49
C THR C 234 46.63 6.09 -49.98
N GLN C 235 46.64 4.84 -50.43
CA GLN C 235 46.58 4.59 -51.87
C GLN C 235 46.31 3.12 -52.10
N ILE C 236 45.89 2.81 -53.33
CA ILE C 236 45.70 1.45 -53.79
C ILE C 236 46.88 1.10 -54.70
N VAL C 237 47.45 -0.09 -54.51
CA VAL C 237 48.49 -0.62 -55.37
C VAL C 237 48.01 -2.00 -55.83
N SER C 238 48.07 -2.25 -57.15
CA SER C 238 47.51 -3.45 -57.73
C SER C 238 48.51 -4.10 -58.69
N ALA C 239 48.28 -5.38 -58.96
CA ALA C 239 48.94 -6.11 -60.03
C ALA C 239 47.91 -7.04 -60.66
N GLU C 240 48.11 -7.36 -61.93
CA GLU C 240 47.06 -8.03 -62.68
C GLU C 240 47.66 -9.08 -63.59
N ALA C 241 46.78 -9.98 -64.08
CA ALA C 241 47.15 -10.90 -65.13
C ALA C 241 45.89 -11.29 -65.89
N TRP C 242 46.09 -11.75 -67.13
CA TRP C 242 45.02 -12.26 -67.98
C TRP C 242 45.12 -13.77 -68.13
N GLY C 243 43.98 -14.41 -68.33
CA GLY C 243 43.94 -15.84 -68.66
C GLY C 243 44.81 -16.21 -69.85
N ARG C 244 45.30 -17.45 -69.86
CA ARG C 244 46.45 -17.79 -70.70
C ARG C 244 46.32 -19.23 -71.22
N ALA C 245 47.06 -19.51 -72.29
CA ALA C 245 47.12 -20.83 -72.95
C ALA C 245 45.76 -21.47 -73.12
N MET D 1 -2.89 10.26 -4.34
CA MET D 1 -1.58 10.26 -3.68
C MET D 1 -1.74 10.29 -2.16
N ILE D 2 -0.96 9.47 -1.47
CA ILE D 2 -1.06 9.29 -0.03
C ILE D 2 0.14 9.97 0.61
N GLN D 3 -0.12 11.08 1.31
CA GLN D 3 0.87 11.72 2.17
C GLN D 3 0.67 11.26 3.60
N ARG D 4 1.76 11.10 4.32
CA ARG D 4 1.73 10.58 5.69
C ARG D 4 2.38 11.60 6.61
N THR D 5 1.63 12.03 7.64
CA THR D 5 2.08 13.10 8.51
C THR D 5 3.05 12.54 9.55
N PRO D 6 4.05 13.32 9.95
CA PRO D 6 5.07 12.79 10.87
C PRO D 6 4.54 12.43 12.24
N LYS D 7 4.98 11.28 12.74
CA LYS D 7 4.94 10.98 14.16
C LYS D 7 6.11 11.68 14.82
N ILE D 8 5.86 12.23 16.00
CA ILE D 8 6.81 13.11 16.68
C ILE D 8 6.88 12.68 18.13
N GLN D 9 8.02 12.19 18.56
CA GLN D 9 8.21 11.69 19.92
C GLN D 9 9.38 12.43 20.55
N VAL D 10 9.14 12.99 21.74
CA VAL D 10 10.10 13.81 22.47
C VAL D 10 10.39 13.13 23.80
N TYR D 11 11.68 12.88 24.08
CA TYR D 11 12.04 12.05 25.21
C TYR D 11 13.52 12.27 25.57
N SER D 12 13.84 12.06 26.84
CA SER D 12 15.21 12.23 27.29
C SER D 12 16.01 10.95 27.03
N ARG D 13 17.31 11.14 26.81
CA ARG D 13 18.22 10.00 26.62
C ARG D 13 18.20 9.07 27.82
N HIS D 14 18.35 9.63 29.02
CA HIS D 14 18.30 8.90 30.27
C HIS D 14 17.04 9.29 31.04
N PRO D 15 16.61 8.49 32.00
CA PRO D 15 15.48 8.91 32.85
C PRO D 15 15.79 10.25 33.51
N ALA D 16 14.88 11.20 33.36
CA ALA D 16 15.19 12.59 33.65
C ALA D 16 15.04 12.91 35.14
N GLU D 17 15.91 13.80 35.62
CA GLU D 17 15.89 14.29 36.98
C GLU D 17 16.28 15.76 36.96
N ASN D 18 15.51 16.61 37.62
CA ASN D 18 15.76 18.05 37.59
C ASN D 18 17.15 18.37 38.12
N GLY D 19 17.92 19.15 37.37
CA GLY D 19 19.24 19.53 37.78
C GLY D 19 20.35 18.58 37.35
N LYS D 20 20.01 17.45 36.73
CA LYS D 20 21.01 16.52 36.23
C LYS D 20 21.11 16.65 34.72
N SER D 21 22.34 16.74 34.21
CA SER D 21 22.55 16.89 32.77
C SER D 21 22.04 15.66 32.02
N ASN D 22 21.51 15.90 30.82
CA ASN D 22 20.84 14.86 30.04
C ASN D 22 20.89 15.26 28.57
N PHE D 23 20.16 14.53 27.73
CA PHE D 23 19.97 14.92 26.34
C PHE D 23 18.50 14.81 26.00
N LEU D 24 18.00 15.75 25.22
CA LEU D 24 16.59 15.79 24.81
C LEU D 24 16.51 15.37 23.36
N ASN D 25 15.71 14.35 23.08
CA ASN D 25 15.58 13.78 21.75
C ASN D 25 14.23 14.16 21.14
N CYS D 26 14.23 14.41 19.83
CA CYS D 26 13.02 14.49 19.04
C CYS D 26 13.18 13.56 17.85
N TYR D 27 12.41 12.46 17.87
CA TYR D 27 12.43 11.45 16.82
C TYR D 27 11.18 11.68 15.95
N VAL D 28 11.41 12.06 14.71
CA VAL D 28 10.34 12.39 13.78
C VAL D 28 10.33 11.30 12.72
N SER D 29 9.23 10.57 12.58
CA SER D 29 9.25 9.36 11.77
C SER D 29 7.92 9.14 11.04
N GLY D 30 7.95 8.19 10.11
CA GLY D 30 6.75 7.77 9.41
C GLY D 30 6.18 8.77 8.43
N PHE D 31 6.95 9.77 8.03
CA PHE D 31 6.40 10.81 7.18
C PHE D 31 6.77 10.55 5.72
N HIS D 32 5.94 11.10 4.81
CA HIS D 32 6.19 11.04 3.37
C HIS D 32 5.34 12.14 2.74
N PRO D 33 5.88 12.95 1.83
CA PRO D 33 7.25 12.93 1.27
C PRO D 33 8.29 13.47 2.25
N SER D 34 9.51 13.73 1.79
CA SER D 34 10.68 13.81 2.66
C SER D 34 11.00 15.21 3.17
N ASP D 35 10.54 16.27 2.50
CA ASP D 35 10.83 17.61 2.97
C ASP D 35 10.23 17.81 4.36
N ILE D 36 11.06 18.23 5.31
CA ILE D 36 10.61 18.40 6.69
C ILE D 36 11.47 19.45 7.36
N GLU D 37 10.88 20.17 8.31
CA GLU D 37 11.60 21.17 9.10
C GLU D 37 11.40 20.84 10.57
N VAL D 38 12.50 20.79 11.32
CA VAL D 38 12.47 20.37 12.73
C VAL D 38 13.32 21.32 13.54
N ASP D 39 12.77 21.81 14.64
CA ASP D 39 13.46 22.67 15.58
C ASP D 39 13.14 22.20 17.00
N LEU D 40 14.12 22.30 17.89
CA LEU D 40 13.90 22.12 19.32
C LEU D 40 13.72 23.49 19.97
N LEU D 41 12.82 23.57 20.93
CA LEU D 41 12.46 24.82 21.59
C LEU D 41 12.66 24.71 23.10
N LYS D 42 13.09 25.81 23.71
CA LYS D 42 13.16 25.96 25.16
C LYS D 42 12.38 27.22 25.52
N ASN D 43 11.24 27.04 26.20
CA ASN D 43 10.32 28.14 26.50
C ASN D 43 9.94 28.90 25.24
N GLY D 44 9.64 28.17 24.17
CA GLY D 44 9.17 28.76 22.94
C GLY D 44 10.25 29.31 22.02
N GLU D 45 11.51 29.31 22.43
CA GLU D 45 12.59 29.88 21.63
C GLU D 45 13.44 28.76 21.05
N ARG D 46 13.75 28.87 19.76
CA ARG D 46 14.54 27.86 19.08
C ARG D 46 15.92 27.70 19.70
N ILE D 47 16.34 26.46 19.89
CA ILE D 47 17.64 26.15 20.45
C ILE D 47 18.65 26.06 19.30
N GLU D 48 19.77 26.78 19.44
CA GLU D 48 20.73 26.89 18.35
C GLU D 48 21.72 25.73 18.28
N LYS D 49 22.11 25.16 19.42
CA LYS D 49 23.13 24.11 19.44
C LYS D 49 22.44 22.75 19.44
N VAL D 50 21.96 22.36 18.25
CA VAL D 50 21.17 21.13 18.09
C VAL D 50 21.87 20.22 17.10
N GLU D 51 21.94 18.93 17.42
CA GLU D 51 22.45 17.91 16.53
C GLU D 51 21.30 17.21 15.81
N HIS D 52 21.57 16.67 14.63
CA HIS D 52 20.54 15.91 13.94
C HIS D 52 21.17 14.92 13.00
N SER D 53 20.52 13.76 12.87
CA SER D 53 20.92 12.75 11.90
C SER D 53 20.52 13.19 10.50
N ASP D 54 21.09 12.54 9.50
CA ASP D 54 20.63 12.76 8.14
C ASP D 54 19.25 12.11 7.98
N LEU D 55 18.51 12.56 6.96
CA LEU D 55 17.27 11.88 6.56
C LEU D 55 17.52 10.39 6.41
N SER D 56 16.64 9.58 7.00
CA SER D 56 16.80 8.13 6.99
C SER D 56 15.60 7.47 6.34
N PHE D 57 15.82 6.26 5.82
CA PHE D 57 14.86 5.55 5.00
C PHE D 57 14.32 4.32 5.73
N SER D 58 13.00 4.19 5.78
CA SER D 58 12.34 3.02 6.33
C SER D 58 11.90 2.07 5.21
N LYS D 59 11.77 0.78 5.56
CA LYS D 59 11.33 -0.23 4.60
C LYS D 59 9.90 0.00 4.12
N ASP D 60 9.06 0.69 4.90
CA ASP D 60 7.73 1.00 4.42
C ASP D 60 7.70 2.27 3.58
N TRP D 61 8.87 2.78 3.21
CA TRP D 61 9.06 3.88 2.26
C TRP D 61 8.89 5.26 2.89
N SER D 62 8.61 5.33 4.18
CA SER D 62 8.58 6.60 4.89
C SER D 62 9.99 6.98 5.35
N PHE D 63 10.11 8.14 5.98
CA PHE D 63 11.39 8.68 6.40
C PHE D 63 11.37 8.95 7.91
N TYR D 64 12.57 9.05 8.48
CA TYR D 64 12.69 9.37 9.89
C TYR D 64 14.00 10.10 10.11
N LEU D 65 14.04 10.84 11.22
CA LEU D 65 15.32 11.32 11.69
CA LEU D 65 15.12 11.73 11.62
C LEU D 65 15.21 11.75 13.14
N LEU D 66 16.37 12.08 13.68
CA LEU D 66 16.55 12.31 15.10
C LEU D 66 17.25 13.63 15.32
N TYR D 67 16.64 14.52 16.09
CA TYR D 67 17.21 15.77 16.55
C TYR D 67 17.45 15.70 18.05
N TYR D 68 18.57 16.25 18.53
CA TYR D 68 18.82 16.20 19.97
C TYR D 68 19.74 17.34 20.39
N THR D 69 19.70 17.64 21.69
CA THR D 69 20.54 18.66 22.26
C THR D 69 20.79 18.31 23.71
N GLU D 70 21.97 18.68 24.20
CA GLU D 70 22.26 18.54 25.61
C GLU D 70 21.43 19.55 26.40
N PHE D 71 20.97 19.13 27.57
CA PHE D 71 20.19 20.06 28.40
C PHE D 71 20.18 19.54 29.82
N THR D 72 19.90 20.46 30.74
CA THR D 72 19.68 20.12 32.14
C THR D 72 18.24 20.47 32.50
N PRO D 73 17.36 19.48 32.66
CA PRO D 73 15.95 19.80 32.93
C PRO D 73 15.77 20.48 34.28
N THR D 74 14.85 21.44 34.31
CA THR D 74 14.44 22.10 35.54
C THR D 74 12.91 22.15 35.59
N GLU D 75 12.37 22.34 36.79
CA GLU D 75 10.93 22.43 36.96
C GLU D 75 10.30 23.52 36.10
N LYS D 76 11.01 24.63 35.90
CA LYS D 76 10.41 25.82 35.28
C LYS D 76 10.56 25.86 33.76
N ASP D 77 11.50 25.11 33.18
CA ASP D 77 11.76 25.20 31.75
C ASP D 77 10.90 24.21 30.97
N GLU D 78 10.28 24.69 29.90
CA GLU D 78 9.41 23.90 29.04
C GLU D 78 10.11 23.65 27.71
N TYR D 79 10.27 22.38 27.36
CA TYR D 79 10.94 22.01 26.12
C TYR D 79 9.93 21.44 25.14
N ALA D 80 10.23 21.56 23.85
CA ALA D 80 9.30 21.09 22.83
C ALA D 80 10.03 20.87 21.51
N CYS D 81 9.35 20.22 20.60
CA CYS D 81 9.85 19.97 19.26
C CYS D 81 8.85 20.56 18.28
N ARG D 82 9.33 21.34 17.32
CA ARG D 82 8.48 22.02 16.36
C ARG D 82 8.75 21.45 14.98
N VAL D 83 7.71 20.93 14.32
CA VAL D 83 7.85 20.21 13.07
C VAL D 83 6.90 20.81 12.04
N ASN D 84 7.41 21.08 10.83
CA ASN D 84 6.56 21.42 9.70
C ASN D 84 6.78 20.42 8.59
N HIS D 85 5.71 20.17 7.83
CA HIS D 85 5.64 19.16 6.79
C HIS D 85 4.46 19.51 5.90
N VAL D 86 4.50 19.08 4.64
CA VAL D 86 3.45 19.46 3.70
C VAL D 86 2.07 19.05 4.20
N THR D 87 1.98 17.99 5.04
CA THR D 87 0.70 17.56 5.58
C THR D 87 0.15 18.46 6.68
N LEU D 88 0.94 19.43 7.15
CA LEU D 88 0.53 20.30 8.26
C LEU D 88 0.25 21.71 7.76
N SER D 89 -0.87 22.29 8.20
CA SER D 89 -1.19 23.67 7.82
C SER D 89 -0.27 24.67 8.50
N GLN D 90 0.21 24.36 9.69
CA GLN D 90 1.13 25.22 10.42
C GLN D 90 2.10 24.30 11.16
N PRO D 91 3.23 24.85 11.63
CA PRO D 91 4.16 24.01 12.38
C PRO D 91 3.47 23.44 13.62
N LYS D 92 3.75 22.18 13.90
CA LYS D 92 3.19 21.47 15.04
C LYS D 92 4.23 21.48 16.16
N ILE D 93 3.84 21.99 17.32
CA ILE D 93 4.72 22.07 18.47
C ILE D 93 4.31 20.98 19.44
N VAL D 94 5.22 20.05 19.68
CA VAL D 94 4.99 18.89 20.55
C VAL D 94 5.82 19.10 21.81
N LYS D 95 5.13 19.19 22.96
CA LYS D 95 5.81 19.46 24.23
C LYS D 95 6.42 18.19 24.81
N TRP D 96 7.64 18.31 25.34
CA TRP D 96 8.23 17.22 26.12
C TRP D 96 7.38 16.95 27.36
N ASP D 97 7.07 15.67 27.61
CA ASP D 97 6.24 15.28 28.74
C ASP D 97 7.03 15.14 30.04
N ARG D 98 8.29 15.60 30.09
CA ARG D 98 9.11 15.61 31.29
C ARG D 98 9.33 14.19 31.84
N ASP D 99 9.44 13.21 30.94
CA ASP D 99 9.73 11.81 31.27
C ASP D 99 8.65 11.21 32.18
N MET D 100 7.41 11.70 32.05
CA MET D 100 6.30 11.16 32.85
C MET D 100 5.81 9.84 32.27
N MET E 1 -28.88 38.77 7.25
CA MET E 1 -28.64 38.16 8.56
C MET E 1 -27.15 38.10 8.83
N ARG E 2 -26.74 38.56 10.03
CA ARG E 2 -25.36 38.50 10.45
C ARG E 2 -24.88 37.05 10.58
N THR E 3 -23.64 36.87 11.02
CA THR E 3 -23.11 35.54 11.34
C THR E 3 -23.69 35.00 12.64
N HIS E 4 -24.05 33.71 12.64
CA HIS E 4 -24.55 33.04 13.82
C HIS E 4 -23.86 31.69 13.96
N SER E 5 -23.85 31.16 15.18
CA SER E 5 -23.20 29.87 15.42
C SER E 5 -24.01 29.05 16.43
N LEU E 6 -23.83 27.73 16.34
CA LEU E 6 -24.37 26.78 17.30
C LEU E 6 -23.21 25.94 17.81
N ARG E 7 -23.09 25.76 19.13
CA ARG E 7 -22.03 24.88 19.60
CA ARG E 7 -21.98 25.00 19.70
C ARG E 7 -22.45 24.18 20.89
N TYR E 8 -21.93 22.97 21.04
CA TYR E 8 -22.13 22.14 22.23
C TYR E 8 -20.78 21.77 22.82
N PHE E 9 -20.63 22.01 24.13
CA PHE E 9 -19.45 21.64 24.88
C PHE E 9 -19.75 20.49 25.81
N ARG E 10 -18.74 19.65 26.05
CA ARG E 10 -18.77 18.66 27.11
C ARG E 10 -17.54 18.86 27.97
N LEU E 11 -17.70 18.73 29.30
CA LEU E 11 -16.60 18.81 30.24
C LEU E 11 -16.62 17.58 31.13
N GLY E 12 -15.50 16.87 31.20
CA GLY E 12 -15.32 15.78 32.15
C GLY E 12 -14.18 16.05 33.11
N VAL E 13 -14.37 15.65 34.37
CA VAL E 13 -13.37 15.84 35.43
C VAL E 13 -13.18 14.50 36.13
N SER E 14 -11.92 14.07 36.28
CA SER E 14 -11.72 12.67 36.67
C SER E 14 -11.77 12.43 38.18
N ASP E 15 -11.34 13.39 39.01
CA ASP E 15 -11.38 13.20 40.46
C ASP E 15 -11.96 14.45 41.11
N PRO E 16 -13.22 14.76 40.83
CA PRO E 16 -13.75 16.07 41.20
C PRO E 16 -13.95 16.17 42.70
N ILE E 17 -13.79 17.40 43.23
CA ILE E 17 -14.03 17.60 44.65
C ILE E 17 -15.52 17.43 44.95
N HIS E 18 -15.83 17.23 46.22
CA HIS E 18 -17.19 16.92 46.65
C HIS E 18 -18.18 17.96 46.14
N GLY E 19 -19.32 17.46 45.64
CA GLY E 19 -20.37 18.28 45.09
C GLY E 19 -20.23 18.58 43.61
N VAL E 20 -19.01 18.73 43.12
CA VAL E 20 -18.77 19.24 41.76
C VAL E 20 -19.03 18.11 40.76
N PRO E 21 -19.77 18.37 39.68
CA PRO E 21 -20.15 17.29 38.76
C PRO E 21 -18.94 16.71 38.03
N GLU E 22 -18.96 15.39 37.84
CA GLU E 22 -17.94 14.79 36.99
C GLU E 22 -18.15 15.11 35.52
N PHE E 23 -19.37 15.53 35.13
CA PHE E 23 -19.68 15.77 33.72
C PHE E 23 -20.65 16.95 33.62
N ILE E 24 -20.39 17.82 32.66
CA ILE E 24 -21.24 18.98 32.38
C ILE E 24 -21.30 19.15 30.87
N SER E 25 -22.48 19.47 30.35
CA SER E 25 -22.62 19.77 28.93
C SER E 25 -23.58 20.95 28.72
N VAL E 26 -23.16 21.92 27.90
CA VAL E 26 -23.89 23.17 27.70
C VAL E 26 -23.88 23.49 26.21
N GLY E 27 -25.04 23.87 25.67
CA GLY E 27 -25.14 24.33 24.29
C GLY E 27 -25.29 25.83 24.23
N TYR E 28 -24.80 26.43 23.13
CA TYR E 28 -24.89 27.87 22.91
C TYR E 28 -25.36 28.15 21.49
N VAL E 29 -26.15 29.22 21.35
CA VAL E 29 -26.36 29.85 20.06
C VAL E 29 -25.78 31.25 20.22
N ASP E 30 -24.82 31.60 19.37
CA ASP E 30 -24.07 32.87 19.53
C ASP E 30 -23.57 32.90 20.97
N SER E 31 -23.78 33.98 21.72
CA SER E 31 -23.28 34.05 23.09
C SER E 31 -24.28 33.52 24.12
N HIS E 32 -25.41 32.95 23.69
CA HIS E 32 -26.51 32.65 24.60
C HIS E 32 -26.49 31.18 24.98
N PRO E 33 -26.43 30.81 26.25
CA PRO E 33 -26.65 29.40 26.59
C PRO E 33 -28.08 29.03 26.24
N ILE E 34 -28.25 27.86 25.61
CA ILE E 34 -29.56 27.37 25.24
C ILE E 34 -29.97 26.11 26.00
N THR E 35 -29.02 25.32 26.49
CA THR E 35 -29.30 24.03 27.14
CA THR E 35 -29.31 24.06 27.16
C THR E 35 -28.19 23.71 28.13
N THR E 36 -28.55 22.95 29.17
CA THR E 36 -27.55 22.47 30.13
C THR E 36 -27.90 21.05 30.57
N TYR E 37 -26.86 20.33 30.95
CA TYR E 37 -26.95 18.95 31.46
C TYR E 37 -25.75 18.74 32.38
N ASP E 38 -25.95 18.05 33.49
CA ASP E 38 -24.78 17.60 34.22
C ASP E 38 -25.06 16.29 34.94
N SER E 39 -23.98 15.70 35.44
CA SER E 39 -24.03 14.38 36.05
C SER E 39 -24.76 14.38 37.39
N VAL E 40 -25.05 15.55 37.95
CA VAL E 40 -25.81 15.62 39.20
C VAL E 40 -27.30 15.65 38.93
N THR E 41 -27.76 16.49 38.00
CA THR E 41 -29.18 16.51 37.68
C THR E 41 -29.58 15.32 36.80
N ARG E 42 -28.69 14.91 35.90
CA ARG E 42 -28.97 13.85 34.92
C ARG E 42 -30.19 14.19 34.05
N GLN E 43 -30.41 15.48 33.84
CA GLN E 43 -31.53 16.00 33.06
CA GLN E 43 -31.52 15.98 33.04
C GLN E 43 -31.01 17.10 32.14
N LYS E 44 -31.46 17.07 30.89
CA LYS E 44 -31.15 18.14 29.96
C LYS E 44 -32.27 19.17 30.06
N GLU E 45 -31.91 20.44 30.25
CA GLU E 45 -32.89 21.48 30.52
C GLU E 45 -32.58 22.72 29.70
N PRO E 46 -33.60 23.48 29.32
CA PRO E 46 -33.38 24.72 28.57
C PRO E 46 -32.73 25.80 29.43
N ARG E 47 -31.95 26.65 28.78
CA ARG E 47 -31.38 27.82 29.43
C ARG E 47 -31.87 29.11 28.81
N ALA E 48 -32.76 29.04 27.83
CA ALA E 48 -33.35 30.24 27.27
C ALA E 48 -34.86 30.08 27.20
N PRO E 49 -35.62 31.12 27.53
CA PRO E 49 -37.09 31.01 27.45
C PRO E 49 -37.57 30.61 26.07
N TRP E 50 -36.92 31.11 25.01
CA TRP E 50 -37.40 30.80 23.68
C TRP E 50 -37.03 29.38 23.25
N MET E 51 -36.16 28.71 23.98
CA MET E 51 -35.95 27.27 23.78
C MET E 51 -37.01 26.46 24.52
N ALA E 52 -37.31 26.84 25.77
CA ALA E 52 -38.34 26.13 26.52
C ALA E 52 -39.69 26.27 25.82
N GLU E 53 -39.95 27.44 25.23
CA GLU E 53 -41.23 27.70 24.59
C GLU E 53 -41.46 26.82 23.36
N ASN E 54 -40.40 26.44 22.64
CA ASN E 54 -40.57 25.88 21.30
C ASN E 54 -40.23 24.40 21.20
N LEU E 55 -39.70 23.78 22.24
CA LEU E 55 -39.32 22.37 22.20
C LEU E 55 -40.18 21.62 23.22
N ALA E 56 -40.90 20.61 22.74
CA ALA E 56 -41.86 19.85 23.54
C ALA E 56 -41.13 18.93 24.52
N PRO E 57 -41.84 18.40 25.53
CA PRO E 57 -41.16 17.55 26.52
C PRO E 57 -40.47 16.33 25.90
N ASP E 58 -41.00 15.78 24.82
CA ASP E 58 -40.34 14.60 24.25
C ASP E 58 -38.96 14.92 23.69
N HIS E 59 -38.69 16.17 23.33
CA HIS E 59 -37.34 16.55 22.94
C HIS E 59 -36.39 16.47 24.13
N TRP E 60 -36.75 17.08 25.25
CA TRP E 60 -35.87 17.06 26.42
C TRP E 60 -35.69 15.65 26.94
N GLU E 61 -36.74 14.83 26.86
CA GLU E 61 -36.62 13.44 27.31
C GLU E 61 -35.65 12.65 26.43
N ARG E 62 -35.75 12.82 25.11
CA ARG E 62 -34.87 12.11 24.18
C ARG E 62 -33.41 12.50 24.40
N TYR E 63 -33.12 13.79 24.47
CA TYR E 63 -31.74 14.20 24.60
C TYR E 63 -31.20 14.00 26.01
N THR E 64 -32.08 13.93 27.01
CA THR E 64 -31.64 13.48 28.33
C THR E 64 -31.06 12.07 28.26
N GLN E 65 -31.75 11.16 27.56
CA GLN E 65 -31.24 9.80 27.42
C GLN E 65 -29.90 9.78 26.71
N LEU E 66 -29.79 10.52 25.59
CA LEU E 66 -28.54 10.53 24.85
C LEU E 66 -27.41 11.13 25.68
N LEU E 67 -27.71 12.18 26.45
CA LEU E 67 -26.66 12.78 27.27
C LEU E 67 -26.17 11.84 28.36
N ARG E 68 -27.05 11.01 28.92
CA ARG E 68 -26.58 10.04 29.91
C ARG E 68 -25.61 9.06 29.28
N GLY E 69 -25.82 8.68 28.01
CA GLY E 69 -24.85 7.84 27.34
C GLY E 69 -23.56 8.58 27.01
N TRP E 70 -23.68 9.82 26.53
CA TRP E 70 -22.48 10.63 26.26
C TRP E 70 -21.67 10.86 27.53
N GLN E 71 -22.34 11.02 28.68
CA GLN E 71 -21.65 11.13 29.95
C GLN E 71 -20.82 9.88 30.24
N GLN E 72 -21.43 8.70 30.10
CA GLN E 72 -20.67 7.48 30.34
C GLN E 72 -19.51 7.34 29.36
N MET E 73 -19.74 7.70 28.11
CA MET E 73 -18.68 7.59 27.10
C MET E 73 -17.54 8.55 27.40
N PHE E 74 -17.87 9.76 27.88
CA PHE E 74 -16.84 10.71 28.27
C PHE E 74 -16.00 10.19 29.42
N LYS E 75 -16.65 9.57 30.41
CA LYS E 75 -15.90 8.96 31.52
C LYS E 75 -14.95 7.87 31.03
N VAL E 76 -15.40 7.03 30.10
CA VAL E 76 -14.55 5.95 29.60
C VAL E 76 -13.35 6.51 28.84
N GLU E 77 -13.58 7.55 28.03
CA GLU E 77 -12.51 8.15 27.24
C GLU E 77 -11.49 8.85 28.13
N LEU E 78 -11.95 9.57 29.16
CA LEU E 78 -11.01 10.22 30.07
C LEU E 78 -10.20 9.19 30.87
N LYS E 79 -10.85 8.12 31.30
CA LYS E 79 -10.13 7.05 31.98
C LYS E 79 -8.99 6.50 31.11
N ARG E 80 -9.21 6.36 29.81
CA ARG E 80 -8.18 5.83 28.92
C ARG E 80 -7.06 6.85 28.69
N LEU E 81 -7.41 8.12 28.48
CA LEU E 81 -6.39 9.16 28.33
C LEU E 81 -5.48 9.22 29.55
N GLN E 82 -6.06 9.31 30.75
CA GLN E 82 -5.25 9.49 31.94
C GLN E 82 -4.37 8.27 32.21
N ARG E 83 -4.86 7.07 31.84
CA ARG E 83 -4.03 5.88 31.96
C ARG E 83 -2.86 5.93 30.98
N HIS E 84 -3.09 6.41 29.76
CA HIS E 84 -2.01 6.46 28.78
C HIS E 84 -1.04 7.61 29.05
N TYR E 85 -1.52 8.74 29.58
CA TYR E 85 -0.60 9.76 30.05
C TYR E 85 0.16 9.34 31.29
N ASN E 86 -0.30 8.30 31.97
CA ASN E 86 0.25 7.91 33.27
C ASN E 86 0.13 9.05 34.27
N HIS E 87 -1.04 9.67 34.30
CA HIS E 87 -1.30 10.81 35.18
C HIS E 87 -2.13 10.37 36.38
N SER E 88 -1.72 10.78 37.57
CA SER E 88 -2.53 10.65 38.76
C SER E 88 -3.28 11.96 39.04
N GLY E 89 -4.21 11.91 39.99
CA GLY E 89 -4.94 13.10 40.38
C GLY E 89 -6.06 13.45 39.41
N SER E 90 -6.58 14.66 39.55
CA SER E 90 -7.75 15.07 38.80
C SER E 90 -7.33 15.78 37.52
N HIS E 91 -7.89 15.33 36.39
CA HIS E 91 -7.63 15.92 35.09
C HIS E 91 -8.93 16.13 34.35
N THR E 92 -8.89 16.99 33.34
CA THR E 92 -10.10 17.40 32.66
C THR E 92 -10.06 16.99 31.20
N TYR E 93 -11.24 16.73 30.67
CA TYR E 93 -11.43 16.35 29.28
C TYR E 93 -12.52 17.25 28.73
N GLN E 94 -12.31 17.80 27.53
CA GLN E 94 -13.32 18.69 26.99
C GLN E 94 -13.54 18.39 25.51
N ARG E 95 -14.77 18.65 25.07
CA ARG E 95 -15.18 18.52 23.69
C ARG E 95 -15.97 19.75 23.27
N MET E 96 -15.84 20.12 22.01
CA MET E 96 -16.66 21.19 21.45
CA MET E 96 -16.63 21.21 21.44
C MET E 96 -16.96 20.84 20.01
N ILE E 97 -18.24 20.88 19.66
CA ILE E 97 -18.69 20.68 18.29
C ILE E 97 -19.58 21.87 17.93
N GLY E 98 -19.53 22.30 16.68
CA GLY E 98 -20.47 23.32 16.27
C GLY E 98 -20.27 23.77 14.85
N CYS E 99 -21.04 24.79 14.47
CA CYS E 99 -21.05 25.31 13.11
C CYS E 99 -21.39 26.79 13.14
N GLU E 100 -21.02 27.47 12.05
CA GLU E 100 -21.37 28.87 11.83
C GLU E 100 -22.04 29.01 10.48
N LEU E 101 -23.10 29.81 10.45
CA LEU E 101 -23.73 30.27 9.22
C LEU E 101 -23.32 31.73 9.07
N LEU E 102 -22.51 32.04 8.06
CA LEU E 102 -22.00 33.39 7.90
C LEU E 102 -23.01 34.26 7.17
N GLU E 103 -22.77 35.57 7.23
CA GLU E 103 -23.69 36.53 6.66
C GLU E 103 -23.89 36.31 5.16
N ASP E 104 -22.80 36.02 4.45
CA ASP E 104 -22.86 35.78 3.01
C ASP E 104 -23.40 34.39 2.64
N GLY E 105 -23.83 33.57 3.60
CA GLY E 105 -24.42 32.28 3.31
C GLY E 105 -23.47 31.10 3.37
N SER E 106 -22.16 31.33 3.45
CA SER E 106 -21.23 30.22 3.59
C SER E 106 -21.30 29.68 5.03
N THR E 107 -20.64 28.54 5.25
CA THR E 107 -20.73 27.83 6.51
C THR E 107 -19.35 27.38 6.96
N THR E 108 -19.20 27.18 8.26
CA THR E 108 -18.04 26.50 8.80
C THR E 108 -18.52 25.45 9.78
N GLY E 109 -17.63 24.53 10.11
CA GLY E 109 -17.95 23.46 11.04
C GLY E 109 -16.68 22.99 11.73
N PHE E 110 -16.77 22.64 13.01
CA PHE E 110 -15.58 22.32 13.78
C PHE E 110 -15.95 21.29 14.84
N LEU E 111 -14.97 20.49 15.20
CA LEU E 111 -15.10 19.45 16.23
C LEU E 111 -13.72 19.25 16.81
N GLN E 112 -13.57 19.38 18.12
CA GLN E 112 -12.25 19.25 18.69
C GLN E 112 -12.38 18.85 20.15
N TYR E 113 -11.25 18.41 20.70
CA TYR E 113 -11.13 17.87 22.04
C TYR E 113 -9.90 18.48 22.71
N ALA E 114 -9.92 18.49 24.05
CA ALA E 114 -8.85 19.05 24.84
C ALA E 114 -8.64 18.18 26.06
N TYR E 115 -7.39 18.07 26.50
CA TYR E 115 -7.06 17.43 27.76
C TYR E 115 -6.35 18.44 28.64
N ASP E 116 -6.82 18.61 29.86
CA ASP E 116 -6.31 19.63 30.79
C ASP E 116 -6.30 21.02 30.14
N GLY E 117 -7.34 21.32 29.36
CA GLY E 117 -7.50 22.67 28.81
C GLY E 117 -6.60 23.02 27.65
N GLN E 118 -5.98 22.01 27.02
CA GLN E 118 -5.07 22.20 25.89
C GLN E 118 -5.56 21.34 24.74
N ASP E 119 -5.43 21.87 23.51
CA ASP E 119 -5.82 21.12 22.32
C ASP E 119 -5.27 19.70 22.38
N PHE E 120 -6.09 18.74 21.97
CA PHE E 120 -5.73 17.32 22.01
C PHE E 120 -5.95 16.68 20.64
N LEU E 121 -7.17 16.77 20.11
CA LEU E 121 -7.50 16.26 18.78
C LEU E 121 -8.37 17.28 18.07
N ILE E 122 -8.06 17.57 16.80
CA ILE E 122 -8.80 18.57 16.03
C ILE E 122 -9.26 17.92 14.73
N PHE E 123 -10.58 17.91 14.50
CA PHE E 123 -11.11 17.32 13.28
C PHE E 123 -10.97 18.27 12.10
N ASN E 124 -10.55 17.72 10.96
CA ASN E 124 -10.55 18.42 9.68
C ASN E 124 -11.58 17.74 8.79
N LYS E 125 -12.73 18.40 8.55
CA LYS E 125 -13.78 17.79 7.77
C LYS E 125 -13.55 17.89 6.27
N ASP E 126 -12.54 18.60 5.82
CA ASP E 126 -12.24 18.59 4.39
C ASP E 126 -11.29 17.47 4.01
N THR E 127 -10.23 17.25 4.79
CA THR E 127 -9.35 16.11 4.54
C THR E 127 -9.82 14.84 5.24
N LEU E 128 -10.90 14.91 6.02
CA LEU E 128 -11.44 13.79 6.80
C LEU E 128 -10.35 13.12 7.63
N SER E 129 -9.74 13.92 8.50
CA SER E 129 -8.62 13.44 9.30
C SER E 129 -8.61 14.17 10.63
N TRP E 130 -7.95 13.56 11.61
CA TRP E 130 -7.79 14.13 12.94
C TRP E 130 -6.34 14.58 13.15
N LEU E 131 -6.16 15.82 13.60
CA LEU E 131 -4.84 16.30 13.97
C LEU E 131 -4.56 15.94 15.42
N ALA E 132 -3.42 15.28 15.66
CA ALA E 132 -3.01 14.85 17.00
C ALA E 132 -1.89 15.72 17.50
N VAL E 133 -1.97 16.18 18.76
CA VAL E 133 -0.92 17.07 19.26
C VAL E 133 0.17 16.33 20.01
N ASP E 134 -0.04 15.08 20.41
CA ASP E 134 1.00 14.31 21.06
C ASP E 134 0.75 12.83 20.75
N ASN E 135 1.54 11.95 21.35
CA ASN E 135 1.44 10.55 20.97
CA ASN E 135 1.48 10.54 21.01
C ASN E 135 0.32 9.82 21.66
N VAL E 136 -0.25 10.37 22.73
CA VAL E 136 -1.47 9.81 23.28
C VAL E 136 -2.62 10.10 22.33
N ALA E 137 -2.72 11.35 21.87
CA ALA E 137 -3.69 11.69 20.82
C ALA E 137 -3.46 10.85 19.57
N HIS E 138 -2.20 10.60 19.21
CA HIS E 138 -1.91 9.86 17.98
C HIS E 138 -2.51 8.47 18.03
N THR E 139 -2.43 7.81 19.19
CA THR E 139 -3.08 6.51 19.33
C THR E 139 -4.58 6.61 19.09
N ILE E 140 -5.23 7.62 19.68
CA ILE E 140 -6.68 7.79 19.48
C ILE E 140 -6.98 8.07 18.01
N LYS E 141 -6.23 9.00 17.41
CA LYS E 141 -6.39 9.31 15.99
C LYS E 141 -6.38 8.03 15.14
N GLN E 142 -5.41 7.15 15.37
CA GLN E 142 -5.32 5.93 14.56
C GLN E 142 -6.58 5.08 14.67
N ALA E 143 -7.12 4.95 15.88
CA ALA E 143 -8.36 4.18 16.06
C ALA E 143 -9.55 4.91 15.43
N TRP E 144 -9.66 6.22 15.62
CA TRP E 144 -10.77 6.95 15.04
C TRP E 144 -10.69 7.00 13.51
N GLU E 145 -9.49 7.13 12.97
CA GLU E 145 -9.33 7.20 11.52
C GLU E 145 -9.50 5.84 10.84
N ALA E 146 -9.45 4.75 11.60
CA ALA E 146 -9.69 3.42 11.04
C ALA E 146 -11.17 3.12 10.85
N ASN E 147 -12.04 4.04 11.27
CA ASN E 147 -13.48 3.90 11.11
C ASN E 147 -13.92 5.00 10.15
N GLN E 148 -13.76 4.73 8.85
CA GLN E 148 -14.00 5.73 7.84
C GLN E 148 -15.43 6.27 7.91
N HIS E 149 -16.39 5.39 8.19
CA HIS E 149 -17.80 5.78 8.22
C HIS E 149 -18.04 6.86 9.27
N GLU E 150 -17.37 6.76 10.41
CA GLU E 150 -17.55 7.75 11.46
C GLU E 150 -17.03 9.12 11.05
N LEU E 151 -15.96 9.18 10.27
CA LEU E 151 -15.46 10.45 9.74
C LEU E 151 -16.46 11.07 8.79
N LEU E 152 -16.99 10.26 7.88
CA LEU E 152 -18.00 10.74 6.94
C LEU E 152 -19.23 11.22 7.68
N TYR E 153 -19.63 10.49 8.71
CA TYR E 153 -20.76 10.86 9.53
C TYR E 153 -20.61 12.27 10.11
N GLN E 154 -19.42 12.57 10.66
N GLN E 154 -19.42 12.57 10.65
CA GLN E 154 -19.21 13.88 11.27
CA GLN E 154 -19.19 13.87 11.28
C GLN E 154 -19.23 14.99 10.24
C GLN E 154 -19.18 15.00 10.26
N LYS E 155 -18.70 14.72 9.03
CA LYS E 155 -18.72 15.74 7.98
C LYS E 155 -20.15 16.08 7.59
N ASN E 156 -21.00 15.06 7.43
CA ASN E 156 -22.41 15.32 7.15
C ASN E 156 -23.08 16.07 8.30
N TRP E 157 -22.81 15.67 9.55
CA TRP E 157 -23.47 16.36 10.65
C TRP E 157 -23.07 17.82 10.70
N LEU E 158 -21.76 18.10 10.63
CA LEU E 158 -21.27 19.47 10.68
C LEU E 158 -21.79 20.31 9.52
N GLU E 159 -21.80 19.76 8.31
CA GLU E 159 -22.13 20.58 7.16
C GLU E 159 -23.64 20.72 6.94
N GLU E 160 -24.41 19.70 7.28
CA GLU E 160 -25.84 19.71 6.95
C GLU E 160 -26.70 19.81 8.21
N GLU E 161 -26.53 18.89 9.15
CA GLU E 161 -27.44 18.79 10.28
C GLU E 161 -27.29 19.97 11.23
N CYS E 162 -26.04 20.30 11.60
CA CYS E 162 -25.78 21.39 12.53
C CYS E 162 -26.35 22.71 12.00
N ILE E 163 -26.19 22.96 10.70
CA ILE E 163 -26.71 24.19 10.09
C ILE E 163 -28.24 24.19 10.11
N ALA E 164 -28.87 23.05 9.79
CA ALA E 164 -30.33 22.97 9.86
C ALA E 164 -30.85 23.25 11.27
N TRP E 165 -30.21 22.68 12.29
CA TRP E 165 -30.63 22.95 13.67
C TRP E 165 -30.39 24.40 14.05
N LEU E 166 -29.27 24.97 13.65
CA LEU E 166 -28.99 26.38 13.92
C LEU E 166 -30.08 27.27 13.33
N LYS E 167 -30.47 27.03 12.08
CA LYS E 167 -31.52 27.83 11.47
C LYS E 167 -32.83 27.72 12.24
N ARG E 168 -33.16 26.52 12.71
CA ARG E 168 -34.34 26.32 13.53
C ARG E 168 -34.27 27.14 14.82
N PHE E 169 -33.13 27.13 15.50
CA PHE E 169 -33.01 27.84 16.78
C PHE E 169 -33.00 29.35 16.56
N LEU E 170 -32.42 29.79 15.44
CA LEU E 170 -32.38 31.21 15.11
C LEU E 170 -33.78 31.76 14.96
N GLU E 171 -34.69 30.95 14.43
CA GLU E 171 -36.08 31.38 14.29
C GLU E 171 -36.78 31.39 15.64
N TYR E 172 -36.58 30.35 16.45
CA TYR E 172 -37.12 30.34 17.81
C TYR E 172 -36.73 31.59 18.57
N GLY E 173 -35.46 31.99 18.47
CA GLY E 173 -34.99 33.10 19.28
C GLY E 173 -34.83 34.41 18.55
N LYS E 174 -35.50 34.56 17.40
CA LYS E 174 -35.20 35.68 16.51
C LYS E 174 -35.36 37.04 17.18
N ASP E 175 -36.32 37.19 18.10
CA ASP E 175 -36.50 38.48 18.77
C ASP E 175 -35.30 38.83 19.62
N THR E 176 -34.62 37.84 20.17
CA THR E 176 -33.40 38.10 20.92
C THR E 176 -32.19 38.17 19.99
N LEU E 177 -32.03 37.16 19.12
CA LEU E 177 -30.77 36.91 18.41
C LEU E 177 -30.57 37.81 17.20
N GLN E 178 -31.65 38.31 16.60
CA GLN E 178 -31.53 39.08 15.37
C GLN E 178 -31.81 40.57 15.60
N ARG E 179 -31.97 41.00 16.84
CA ARG E 179 -32.13 42.41 17.15
C ARG E 179 -30.78 43.13 17.10
N THR E 180 -30.83 44.46 17.14
CA THR E 180 -29.63 45.27 17.14
C THR E 180 -29.81 46.39 18.15
N GLU E 181 -28.89 46.50 19.10
CA GLU E 181 -28.80 47.69 19.94
C GLU E 181 -27.47 48.37 19.68
N PRO E 182 -27.44 49.52 19.02
CA PRO E 182 -26.17 50.17 18.68
C PRO E 182 -25.43 50.62 19.92
N PRO E 183 -24.11 50.77 19.83
CA PRO E 183 -23.34 51.23 20.99
C PRO E 183 -23.53 52.73 21.23
N LEU E 184 -23.59 53.09 22.50
CA LEU E 184 -23.31 54.46 22.93
C LEU E 184 -21.80 54.59 23.14
N VAL E 185 -21.18 55.49 22.40
CA VAL E 185 -19.72 55.62 22.39
C VAL E 185 -19.33 57.04 22.83
N ARG E 186 -18.31 57.12 23.67
CA ARG E 186 -17.78 58.39 24.16
C ARG E 186 -16.27 58.25 24.33
N VAL E 187 -15.60 59.39 24.34
CA VAL E 187 -14.15 59.47 24.59
C VAL E 187 -13.96 60.22 25.90
N ASN E 188 -13.05 59.74 26.74
CA ASN E 188 -12.65 60.49 27.92
C ASN E 188 -11.15 60.29 28.13
N ARG E 189 -10.55 61.19 28.91
CA ARG E 189 -9.12 61.14 29.17
C ARG E 189 -8.85 60.84 30.64
N LYS E 190 -7.91 59.92 30.87
CA LYS E 190 -7.53 59.51 32.22
C LYS E 190 -6.03 59.22 32.26
N THR E 197 -1.83 60.60 30.78
CA THR E 197 -2.75 61.10 29.76
C THR E 197 -3.04 60.11 28.63
N ALA E 198 -4.14 59.37 28.75
CA ALA E 198 -4.58 58.47 27.70
C ALA E 198 -6.00 58.83 27.30
N LEU E 199 -6.34 58.57 26.04
CA LEU E 199 -7.71 58.70 25.59
C LEU E 199 -8.34 57.31 25.61
N PHE E 200 -9.50 57.21 26.26
CA PHE E 200 -10.28 55.99 26.28
C PHE E 200 -11.53 56.19 25.43
N CYS E 201 -11.70 55.31 24.45
CA CYS E 201 -12.91 55.24 23.67
C CYS E 201 -13.77 54.15 24.28
N LYS E 202 -14.97 54.50 24.74
CA LYS E 202 -15.79 53.59 25.53
C LYS E 202 -17.15 53.38 24.85
N ALA E 203 -17.51 52.12 24.62
CA ALA E 203 -18.80 51.75 24.08
C ALA E 203 -19.56 50.91 25.10
N HIS E 204 -20.86 51.14 25.21
CA HIS E 204 -21.69 50.32 26.08
C HIS E 204 -23.10 50.28 25.51
N GLY E 205 -23.90 49.37 26.06
CA GLY E 205 -25.29 49.23 25.67
C GLY E 205 -25.54 48.46 24.40
N PHE E 206 -24.54 47.77 23.84
CA PHE E 206 -24.71 47.25 22.49
C PHE E 206 -24.97 45.75 22.48
N TYR E 207 -25.65 45.32 21.40
CA TYR E 207 -25.93 43.92 21.09
C TYR E 207 -26.07 43.84 19.58
N PRO E 208 -25.50 42.81 18.90
CA PRO E 208 -24.73 41.67 19.43
C PRO E 208 -23.39 42.08 20.00
N PRO E 209 -22.68 41.21 20.72
CA PRO E 209 -21.41 41.62 21.35
C PRO E 209 -20.26 41.82 20.37
N GLU E 210 -20.34 41.31 19.15
CA GLU E 210 -19.32 41.56 18.14
C GLU E 210 -19.20 43.06 17.85
N ILE E 211 -18.02 43.63 18.11
CA ILE E 211 -17.79 45.04 17.86
C ILE E 211 -16.31 45.21 17.54
N TYR E 212 -16.00 46.23 16.77
CA TYR E 212 -14.63 46.55 16.39
C TYR E 212 -14.40 48.01 16.73
N MET E 213 -13.50 48.25 17.68
CA MET E 213 -13.11 49.61 18.08
C MET E 213 -11.62 49.76 17.85
N THR E 214 -11.22 50.90 17.31
CA THR E 214 -9.80 51.15 17.12
C THR E 214 -9.56 52.65 17.17
N TRP E 215 -8.29 53.01 17.31
CA TRP E 215 -7.86 54.40 17.28
C TRP E 215 -7.05 54.64 16.02
N MET E 216 -7.27 55.78 15.38
CA MET E 216 -6.42 56.23 14.30
C MET E 216 -5.77 57.55 14.70
N LYS E 217 -4.55 57.74 14.23
CA LYS E 217 -3.76 58.95 14.50
C LYS E 217 -3.38 59.55 13.16
N ASN E 218 -3.94 60.73 12.86
CA ASN E 218 -3.74 61.38 11.56
C ASN E 218 -4.08 60.42 10.43
N GLY E 219 -5.15 59.64 10.61
CA GLY E 219 -5.63 58.74 9.59
C GLY E 219 -4.85 57.45 9.41
N GLU E 220 -3.97 57.10 10.36
CA GLU E 220 -3.22 55.86 10.30
C GLU E 220 -3.50 55.04 11.55
N GLU E 221 -3.65 53.73 11.39
CA GLU E 221 -3.96 52.85 12.51
C GLU E 221 -2.70 52.64 13.35
N ILE E 222 -2.81 52.90 14.64
CA ILE E 222 -1.67 52.79 15.54
C ILE E 222 -1.62 51.38 16.11
N GLN E 224 -1.45 48.44 17.80
CA GLN E 224 0.01 48.45 17.97
C GLN E 224 0.39 49.20 19.24
N GLU E 225 0.19 50.52 19.25
CA GLU E 225 0.24 51.30 20.47
C GLU E 225 -1.14 51.45 21.13
N ILE E 226 -2.10 50.57 20.79
CA ILE E 226 -3.45 50.61 21.32
C ILE E 226 -3.61 49.54 22.39
N ASP E 227 -4.23 49.89 23.51
CA ASP E 227 -4.64 48.94 24.53
C ASP E 227 -6.11 48.60 24.31
N TYR E 228 -6.40 47.33 23.98
CA TYR E 228 -7.74 46.89 23.67
C TYR E 228 -8.36 46.23 24.91
N GLY E 229 -9.50 46.78 25.37
CA GLY E 229 -10.27 46.11 26.39
C GLY E 229 -11.08 44.94 25.85
N ASP E 230 -11.51 44.06 26.76
CA ASP E 230 -12.34 42.94 26.35
C ASP E 230 -13.79 43.41 26.14
N ILE E 231 -14.52 42.64 25.35
CA ILE E 231 -15.97 42.83 25.28
C ILE E 231 -16.58 42.13 26.50
N LEU E 232 -17.26 42.91 27.35
CA LEU E 232 -17.73 42.38 28.62
C LEU E 232 -19.24 42.46 28.73
N PRO E 233 -19.88 41.47 29.38
CA PRO E 233 -21.33 41.51 29.56
C PRO E 233 -21.71 42.52 30.64
N SER E 234 -22.73 43.33 30.35
CA SER E 234 -23.18 44.28 31.35
C SER E 234 -24.17 43.66 32.33
N GLY E 235 -24.75 42.52 31.99
CA GLY E 235 -25.68 41.83 32.84
C GLY E 235 -27.14 41.95 32.42
N ASP E 236 -27.44 42.86 31.50
CA ASP E 236 -28.80 43.11 31.05
C ASP E 236 -29.03 42.63 29.61
N GLY E 237 -28.16 41.78 29.09
CA GLY E 237 -28.25 41.37 27.70
C GLY E 237 -27.45 42.21 26.74
N THR E 238 -26.83 43.30 27.19
CA THR E 238 -25.97 44.10 26.33
C THR E 238 -24.54 44.06 26.85
N TYR E 239 -23.66 44.74 26.13
CA TYR E 239 -22.22 44.58 26.33
C TYR E 239 -21.52 45.92 26.32
N GLN E 240 -20.29 45.92 26.84
CA GLN E 240 -19.47 47.12 26.89
C GLN E 240 -18.02 46.76 26.62
N ALA E 241 -17.28 47.73 26.10
CA ALA E 241 -15.89 47.55 25.66
C ALA E 241 -15.22 48.91 25.63
N TRP E 242 -13.89 48.90 25.61
CA TRP E 242 -13.13 50.13 25.48
C TRP E 242 -11.82 49.85 24.74
N ALA E 243 -11.20 50.94 24.28
CA ALA E 243 -9.88 50.90 23.66
C ALA E 243 -9.18 52.21 24.01
N SER E 244 -7.88 52.14 24.28
CA SER E 244 -7.18 53.32 24.77
C SER E 244 -5.87 53.54 24.02
N ILE E 245 -5.47 54.80 23.95
CA ILE E 245 -4.22 55.17 23.31
C ILE E 245 -3.57 56.26 24.17
N GLU E 246 -2.24 56.23 24.23
CA GLU E 246 -1.49 57.14 25.09
C GLU E 246 -1.15 58.42 24.32
N LEU E 247 -1.33 59.56 24.99
CA LEU E 247 -1.04 60.86 24.40
C LEU E 247 0.45 61.19 24.46
N ASP E 248 0.98 61.71 23.37
CA ASP E 248 2.33 62.26 23.35
C ASP E 248 2.33 63.60 24.07
N PRO E 249 2.96 63.73 25.24
CA PRO E 249 2.90 65.01 25.97
C PRO E 249 3.61 66.14 25.26
N GLN E 250 4.48 65.85 24.29
CA GLN E 250 5.25 66.87 23.61
C GLN E 250 4.57 67.39 22.34
N SER E 251 3.64 66.63 21.76
CA SER E 251 3.06 67.01 20.48
C SER E 251 1.62 66.55 20.42
N SER E 252 0.72 67.44 20.00
CA SER E 252 -0.65 67.03 19.74
C SER E 252 -0.69 66.18 18.46
N ASN E 253 -1.77 65.43 18.32
CA ASN E 253 -2.05 64.69 17.10
C ASN E 253 -3.54 64.71 16.87
N LEU E 254 -3.94 64.42 15.63
CA LEU E 254 -5.36 64.26 15.30
C LEU E 254 -5.72 62.80 15.58
N TYR E 255 -6.35 62.55 16.73
CA TYR E 255 -6.77 61.22 17.11
C TYR E 255 -8.27 61.07 16.91
N SER E 256 -8.69 59.89 16.46
CA SER E 256 -10.10 59.64 16.28
C SER E 256 -10.36 58.18 16.60
N CYS E 257 -11.47 57.93 17.31
CA CYS E 257 -11.91 56.59 17.61
C CYS E 257 -12.88 56.12 16.53
N HIS E 258 -12.67 54.91 16.04
CA HIS E 258 -13.51 54.31 15.01
C HIS E 258 -14.17 53.06 15.59
N VAL E 259 -15.48 52.98 15.46
CA VAL E 259 -16.25 51.85 15.97
C VAL E 259 -17.09 51.30 14.84
N GLU E 260 -17.03 49.99 14.62
CA GLU E 260 -17.91 49.33 13.67
C GLU E 260 -18.79 48.34 14.43
N HIS E 261 -20.10 48.45 14.22
CA HIS E 261 -21.04 47.56 14.89
C HIS E 261 -22.20 47.27 13.95
N SER E 262 -22.43 46.00 13.68
CA SER E 262 -23.58 45.50 12.93
C SER E 262 -23.84 46.31 11.64
N GLY E 263 -22.78 46.47 10.84
CA GLY E 263 -22.89 47.14 9.55
C GLY E 263 -22.86 48.66 9.55
N VAL E 264 -22.63 49.30 10.69
CA VAL E 264 -22.61 50.75 10.80
CA VAL E 264 -22.61 50.75 10.80
C VAL E 264 -21.26 51.17 11.34
N HIS E 265 -20.66 52.19 10.71
CA HIS E 265 -19.37 52.72 11.15
CA HIS E 265 -19.36 52.73 11.12
C HIS E 265 -19.55 54.09 11.78
N MET E 266 -18.73 54.35 12.80
CA MET E 266 -18.85 55.57 13.58
C MET E 266 -17.45 56.11 13.82
N VAL E 267 -17.29 57.44 13.75
CA VAL E 267 -16.01 58.10 14.03
C VAL E 267 -16.24 59.19 15.08
N LEU E 268 -15.40 59.19 16.11
CA LEU E 268 -15.37 60.26 17.09
C LEU E 268 -14.02 60.96 16.96
N GLN E 269 -14.04 62.15 16.35
CA GLN E 269 -12.85 62.98 16.22
C GLN E 269 -12.63 63.71 17.53
N VAL E 270 -11.44 63.58 18.10
CA VAL E 270 -11.11 64.24 19.37
C VAL E 270 -10.55 65.63 19.05
N PRO E 271 -11.22 66.71 19.48
CA PRO E 271 -10.94 68.13 19.27
C PRO E 271 -9.45 68.48 19.19
N GLY F 2 -44.70 12.57 10.31
CA GLY F 2 -44.63 13.00 8.93
C GLY F 2 -43.38 12.49 8.23
N GLN F 3 -42.74 11.49 8.83
CA GLN F 3 -41.55 10.88 8.26
C GLN F 3 -41.93 9.54 7.64
N ASN F 4 -41.27 9.19 6.55
CA ASN F 4 -41.63 8.01 5.77
CA ASN F 4 -41.62 8.01 5.77
C ASN F 4 -40.36 7.38 5.22
N ILE F 5 -40.36 6.06 5.10
CA ILE F 5 -39.29 5.35 4.44
C ILE F 5 -39.92 4.19 3.68
N ASP F 6 -39.58 4.04 2.41
CA ASP F 6 -40.33 3.16 1.53
C ASP F 6 -39.39 2.30 0.70
N GLN F 7 -39.75 1.03 0.55
CA GLN F 7 -39.02 0.12 -0.30
C GLN F 7 -40.01 -0.90 -0.86
N PRO F 8 -39.73 -1.46 -2.02
CA PRO F 8 -40.70 -2.39 -2.62
C PRO F 8 -40.90 -3.59 -1.70
N THR F 9 -42.10 -4.16 -1.77
CA THR F 9 -42.41 -5.34 -0.96
C THR F 9 -41.60 -6.55 -1.40
N GLU F 10 -41.48 -6.77 -2.71
CA GLU F 10 -40.85 -7.98 -3.22
C GLU F 10 -40.20 -7.66 -4.57
N MET F 11 -39.08 -8.34 -4.83
CA MET F 11 -38.43 -8.31 -6.14
C MET F 11 -38.01 -9.72 -6.52
N THR F 12 -38.09 -10.00 -7.82
CA THR F 12 -37.71 -11.31 -8.37
C THR F 12 -36.71 -11.11 -9.50
N ALA F 13 -35.57 -11.79 -9.42
CA ALA F 13 -34.56 -11.71 -10.48
C ALA F 13 -33.99 -13.10 -10.75
N THR F 14 -33.14 -13.21 -11.76
CA THR F 14 -32.59 -14.50 -12.16
CA THR F 14 -32.59 -14.51 -12.15
C THR F 14 -31.18 -14.67 -11.61
N GLU F 15 -30.87 -15.91 -11.20
CA GLU F 15 -29.52 -16.28 -10.80
C GLU F 15 -28.50 -15.76 -11.82
N GLY F 16 -27.42 -15.16 -11.34
CA GLY F 16 -26.38 -14.66 -12.20
C GLY F 16 -26.56 -13.23 -12.66
N ALA F 17 -27.75 -12.67 -12.50
CA ALA F 17 -28.00 -11.32 -12.95
C ALA F 17 -27.74 -10.31 -11.83
N ILE F 18 -28.19 -9.07 -12.02
CA ILE F 18 -27.99 -7.96 -11.08
CA ILE F 18 -28.00 -8.05 -11.00
C ILE F 18 -29.35 -7.45 -10.65
N VAL F 19 -29.47 -7.00 -9.40
CA VAL F 19 -30.73 -6.41 -8.94
C VAL F 19 -30.39 -5.16 -8.14
N GLN F 20 -31.26 -4.14 -8.25
CA GLN F 20 -31.11 -2.88 -7.53
CA GLN F 20 -31.11 -2.88 -7.53
C GLN F 20 -32.31 -2.71 -6.61
N ILE F 21 -32.07 -2.75 -5.29
CA ILE F 21 -33.17 -2.64 -4.32
C ILE F 21 -33.22 -1.19 -3.84
N ASN F 22 -34.33 -0.50 -4.08
CA ASN F 22 -34.45 0.93 -3.77
C ASN F 22 -34.99 1.19 -2.38
N CYS F 23 -34.56 2.31 -1.79
CA CYS F 23 -35.12 2.77 -0.52
C CYS F 23 -35.23 4.28 -0.62
N THR F 24 -36.44 4.81 -0.52
CA THR F 24 -36.66 6.26 -0.52
C THR F 24 -37.11 6.68 0.86
N TYR F 25 -36.67 7.87 1.28
CA TYR F 25 -37.01 8.33 2.62
C TYR F 25 -37.36 9.82 2.57
N GLN F 26 -38.27 10.19 3.44
CA GLN F 26 -38.68 11.58 3.62
C GLN F 26 -38.58 11.85 5.11
N THR F 27 -37.56 12.61 5.49
CA THR F 27 -37.29 12.91 6.88
C THR F 27 -36.97 14.39 7.00
N SER F 28 -37.10 14.93 8.21
CA SER F 28 -36.71 16.33 8.38
C SER F 28 -35.19 16.51 8.46
N GLY F 29 -34.44 15.48 8.83
CA GLY F 29 -32.99 15.56 8.83
C GLY F 29 -32.42 14.18 8.55
N PHE F 30 -31.10 14.09 8.43
CA PHE F 30 -30.51 12.85 7.95
C PHE F 30 -29.14 12.61 8.59
N ASN F 31 -28.95 11.41 9.14
CA ASN F 31 -27.70 11.07 9.82
C ASN F 31 -27.15 9.73 9.34
N GLY F 32 -27.60 9.25 8.19
CA GLY F 32 -27.08 8.02 7.62
C GLY F 32 -28.17 7.03 7.27
N LEU F 33 -27.85 6.11 6.35
CA LEU F 33 -28.78 5.11 5.86
C LEU F 33 -28.08 3.76 5.93
N PHE F 34 -28.73 2.80 6.55
CA PHE F 34 -28.20 1.45 6.75
C PHE F 34 -28.99 0.45 5.90
N TRP F 35 -28.30 -0.57 5.41
CA TRP F 35 -28.95 -1.77 4.87
C TRP F 35 -28.63 -2.97 5.75
N TYR F 36 -29.65 -3.79 6.01
CA TYR F 36 -29.50 -5.06 6.72
C TYR F 36 -30.02 -6.20 5.85
N GLN F 37 -29.42 -7.37 5.99
CA GLN F 37 -29.93 -8.58 5.35
C GLN F 37 -30.61 -9.45 6.41
N GLN F 38 -31.78 -10.00 6.10
CA GLN F 38 -32.46 -10.88 7.03
C GLN F 38 -32.94 -12.13 6.29
N HIS F 39 -32.26 -13.25 6.48
CA HIS F 39 -32.78 -14.50 5.95
C HIS F 39 -34.06 -14.88 6.68
N ALA F 40 -34.92 -15.62 6.01
CA ALA F 40 -36.19 -16.03 6.61
C ALA F 40 -35.94 -16.80 7.92
N GLY F 41 -36.64 -16.40 8.96
CA GLY F 41 -36.50 -17.02 10.28
C GLY F 41 -35.25 -16.66 11.05
N GLU F 42 -34.44 -15.72 10.56
CA GLU F 42 -33.15 -15.40 11.18
C GLU F 42 -33.12 -13.92 11.55
N ALA F 43 -32.02 -13.51 12.17
CA ALA F 43 -31.79 -12.15 12.66
C ALA F 43 -31.29 -11.26 11.51
N PRO F 44 -31.73 -10.01 11.44
CA PRO F 44 -31.08 -9.07 10.53
C PRO F 44 -29.61 -8.96 10.88
N THR F 45 -28.77 -8.76 9.85
CA THR F 45 -27.34 -8.53 10.04
C THR F 45 -26.94 -7.37 9.15
N PHE F 46 -26.05 -6.54 9.69
CA PHE F 46 -25.62 -5.33 9.01
C PHE F 46 -24.94 -5.63 7.68
N LEU F 47 -25.30 -4.87 6.65
CA LEU F 47 -24.69 -4.95 5.32
C LEU F 47 -23.90 -3.70 4.93
N SER F 48 -24.47 -2.51 5.10
CA SER F 48 -23.80 -1.32 4.56
C SER F 48 -24.32 -0.07 5.24
N TYR F 49 -23.54 1.00 5.12
CA TYR F 49 -23.86 2.31 5.67
C TYR F 49 -23.40 3.37 4.68
N ASN F 50 -24.25 4.35 4.38
CA ASN F 50 -23.91 5.48 3.53
C ASN F 50 -24.36 6.74 4.27
N VAL F 51 -23.57 7.81 4.20
CA VAL F 51 -24.03 9.07 4.77
C VAL F 51 -23.66 10.25 3.87
N LEU F 52 -22.60 10.13 3.08
CA LEU F 52 -22.32 11.10 2.04
C LEU F 52 -22.76 10.51 0.72
N ASP F 53 -22.72 11.33 -0.33
CA ASP F 53 -23.30 10.94 -1.61
C ASP F 53 -22.35 10.05 -2.40
N GLY F 54 -22.90 9.08 -3.11
CA GLY F 54 -22.10 8.30 -4.02
C GLY F 54 -22.27 6.82 -3.77
N LEU F 55 -21.38 6.04 -4.38
CA LEU F 55 -21.47 4.59 -4.42
C LEU F 55 -20.34 4.02 -3.58
N GLU F 56 -20.65 3.04 -2.73
CA GLU F 56 -19.63 2.36 -1.95
C GLU F 56 -19.68 0.86 -2.23
N GLU F 57 -18.56 0.26 -2.58
CA GLU F 57 -18.53 -1.14 -3.01
C GLU F 57 -18.00 -2.05 -1.90
N LYS F 58 -18.68 -3.19 -1.72
CA LYS F 58 -18.29 -4.19 -0.72
C LYS F 58 -18.57 -5.59 -1.31
N GLY F 59 -17.56 -6.15 -1.98
CA GLY F 59 -17.74 -7.47 -2.60
C GLY F 59 -18.73 -7.42 -3.76
N ARG F 60 -19.66 -8.37 -3.79
CA ARG F 60 -20.72 -8.39 -4.78
C ARG F 60 -21.81 -7.35 -4.52
N PHE F 61 -21.78 -6.70 -3.36
CA PHE F 61 -22.82 -5.74 -3.00
C PHE F 61 -22.25 -4.32 -3.04
N SER F 62 -23.06 -3.39 -3.52
CA SER F 62 -22.72 -1.97 -3.49
C SER F 62 -23.90 -1.22 -2.93
N SER F 63 -23.63 -0.08 -2.31
CA SER F 63 -24.73 0.73 -1.85
C SER F 63 -24.49 2.18 -2.23
N PHE F 64 -25.55 2.81 -2.70
CA PHE F 64 -25.52 4.15 -3.25
C PHE F 64 -26.40 5.06 -2.42
N LEU F 65 -26.03 6.33 -2.30
CA LEU F 65 -26.86 7.32 -1.62
C LEU F 65 -26.89 8.64 -2.40
N SER F 66 -28.08 9.23 -2.51
CA SER F 66 -28.24 10.63 -2.90
C SER F 66 -29.02 11.33 -1.79
N ARG F 67 -28.36 12.21 -1.03
CA ARG F 67 -29.05 12.94 0.02
C ARG F 67 -30.08 13.91 -0.55
N SER F 68 -29.75 14.60 -1.64
CA SER F 68 -30.68 15.60 -2.18
C SER F 68 -31.96 14.98 -2.73
N LYS F 69 -31.89 13.76 -3.27
CA LYS F 69 -33.08 13.09 -3.77
C LYS F 69 -33.69 12.15 -2.74
N GLY F 70 -33.06 11.99 -1.58
CA GLY F 70 -33.58 11.15 -0.53
C GLY F 70 -33.78 9.71 -0.95
N TYR F 71 -32.76 9.09 -1.54
CA TYR F 71 -32.91 7.66 -1.81
C TYR F 71 -31.54 6.98 -1.83
N SER F 72 -31.60 5.67 -1.65
CA SER F 72 -30.45 4.80 -1.67
C SER F 72 -30.85 3.57 -2.44
N TYR F 73 -29.87 2.86 -3.00
CA TYR F 73 -30.16 1.53 -3.46
C TYR F 73 -29.06 0.59 -3.00
N LEU F 74 -29.45 -0.65 -2.84
CA LEU F 74 -28.51 -1.74 -2.58
C LEU F 74 -28.38 -2.53 -3.87
N LEU F 75 -27.15 -2.68 -4.37
CA LEU F 75 -26.88 -3.29 -5.68
C LEU F 75 -26.24 -4.65 -5.45
N LEU F 76 -26.88 -5.70 -5.93
CA LEU F 76 -26.37 -7.07 -5.80
C LEU F 76 -26.04 -7.60 -7.19
N LYS F 77 -24.76 -7.87 -7.44
CA LYS F 77 -24.29 -8.41 -8.71
C LYS F 77 -24.08 -9.91 -8.62
N GLU F 78 -24.17 -10.58 -9.76
CA GLU F 78 -23.91 -12.02 -9.88
C GLU F 78 -24.73 -12.81 -8.85
N LEU F 79 -26.04 -12.62 -8.94
CA LEU F 79 -26.96 -13.17 -7.94
C LEU F 79 -26.80 -14.68 -7.80
N GLN F 80 -26.80 -15.13 -6.55
CA GLN F 80 -26.76 -16.54 -6.18
C GLN F 80 -28.00 -16.86 -5.37
N MET F 81 -28.38 -18.16 -5.35
CA MET F 81 -29.53 -18.57 -4.55
C MET F 81 -29.41 -18.15 -3.09
N LYS F 82 -28.19 -18.12 -2.54
CA LYS F 82 -28.06 -17.73 -1.14
C LYS F 82 -28.36 -16.26 -0.88
N ASP F 83 -28.49 -15.41 -1.91
CA ASP F 83 -28.90 -14.02 -1.73
C ASP F 83 -30.40 -13.88 -1.47
N SER F 84 -31.17 -14.96 -1.63
CA SER F 84 -32.59 -14.96 -1.30
C SER F 84 -32.78 -14.65 0.17
N ALA F 85 -33.43 -13.52 0.46
CA ALA F 85 -33.50 -12.97 1.80
C ALA F 85 -34.39 -11.73 1.70
N SER F 86 -34.74 -11.19 2.86
CA SER F 86 -35.25 -9.82 2.90
C SER F 86 -34.12 -8.84 3.17
N TYR F 87 -34.25 -7.65 2.59
CA TYR F 87 -33.27 -6.57 2.73
C TYR F 87 -34.01 -5.38 3.33
N LEU F 88 -33.54 -4.91 4.48
CA LEU F 88 -34.18 -3.86 5.26
C LEU F 88 -33.35 -2.60 5.19
N CYS F 89 -34.02 -1.50 4.91
N CYS F 89 -33.97 -1.48 4.85
CA CYS F 89 -33.42 -0.17 4.92
CA CYS F 89 -33.28 -0.21 4.94
C CYS F 89 -33.79 0.56 6.19
C CYS F 89 -33.78 0.58 6.14
N ALA F 90 -32.88 1.35 6.73
CA ALA F 90 -33.18 2.13 7.92
C ALA F 90 -32.42 3.44 7.83
N VAL F 91 -33.10 4.53 8.19
CA VAL F 91 -32.53 5.86 8.15
C VAL F 91 -32.47 6.43 9.56
N LYS F 92 -31.34 7.03 9.90
CA LYS F 92 -31.17 7.73 11.15
C LYS F 92 -31.59 9.17 10.93
N ASP F 93 -32.59 9.64 11.67
CA ASP F 93 -33.19 10.94 11.43
C ASP F 93 -32.49 12.02 12.26
N SER F 94 -33.06 13.22 12.30
CA SER F 94 -32.41 14.37 12.88
C SER F 94 -32.22 14.25 14.39
N ASN F 95 -32.99 13.39 15.05
CA ASN F 95 -32.82 13.13 16.47
C ASN F 95 -32.11 11.79 16.71
N TYR F 96 -31.36 11.32 15.71
CA TYR F 96 -30.57 10.10 15.79
C TYR F 96 -31.41 8.85 16.01
N GLN F 97 -32.69 8.91 15.63
CA GLN F 97 -33.59 7.78 15.78
C GLN F 97 -33.72 7.04 14.45
N LEU F 98 -33.78 5.72 14.51
CA LEU F 98 -33.88 4.91 13.30
C LEU F 98 -35.33 4.79 12.85
N ILE F 99 -35.61 5.04 11.57
CA ILE F 99 -36.88 4.71 10.93
CA ILE F 99 -36.88 4.67 10.98
C ILE F 99 -36.61 3.53 10.00
N TRP F 100 -37.39 2.46 10.12
CA TRP F 100 -37.17 1.22 9.38
C TRP F 100 -38.14 1.06 8.22
N GLY F 101 -37.61 0.76 7.04
CA GLY F 101 -38.45 0.32 5.95
C GLY F 101 -39.02 -1.05 6.24
N ALA F 102 -40.09 -1.38 5.52
CA ALA F 102 -40.81 -2.62 5.77
C ALA F 102 -40.09 -3.84 5.18
N GLY F 103 -38.98 -3.64 4.49
CA GLY F 103 -38.22 -4.75 3.95
C GLY F 103 -38.61 -5.14 2.54
N THR F 104 -37.62 -5.55 1.75
CA THR F 104 -37.84 -6.08 0.41
C THR F 104 -37.43 -7.55 0.40
N LYS F 105 -38.39 -8.42 0.11
CA LYS F 105 -38.08 -9.85 -0.06
C LYS F 105 -37.56 -10.07 -1.48
N LEU F 106 -36.33 -10.54 -1.58
CA LEU F 106 -35.70 -10.84 -2.85
C LEU F 106 -35.85 -12.33 -3.16
N ILE F 107 -36.46 -12.65 -4.30
CA ILE F 107 -36.66 -14.02 -4.78
C ILE F 107 -35.75 -14.22 -6.00
N ILE F 108 -35.05 -15.34 -6.04
CA ILE F 108 -34.08 -15.63 -7.11
CA ILE F 108 -34.10 -15.62 -7.12
C ILE F 108 -34.54 -16.87 -7.86
N LYS F 109 -34.69 -16.73 -9.18
CA LYS F 109 -35.03 -17.86 -10.02
CA LYS F 109 -35.03 -17.86 -10.03
C LYS F 109 -33.76 -18.59 -10.42
N PRO F 110 -33.63 -19.88 -10.11
CA PRO F 110 -32.42 -20.61 -10.53
C PRO F 110 -32.38 -20.79 -12.03
N ASP F 111 -31.17 -20.87 -12.56
CA ASP F 111 -30.96 -21.18 -13.96
C ASP F 111 -31.00 -22.70 -14.09
N ILE F 112 -32.11 -23.24 -14.60
CA ILE F 112 -32.27 -24.68 -14.77
C ILE F 112 -31.67 -25.07 -16.12
N GLN F 113 -30.57 -25.82 -16.09
CA GLN F 113 -29.82 -26.11 -17.31
C GLN F 113 -30.57 -27.07 -18.22
N ASN F 114 -31.19 -28.10 -17.65
CA ASN F 114 -31.81 -29.18 -18.43
C ASN F 114 -33.18 -29.49 -17.86
N PRO F 115 -34.18 -28.65 -18.15
CA PRO F 115 -35.51 -28.88 -17.57
C PRO F 115 -36.07 -30.22 -18.01
N ASP F 116 -36.78 -30.86 -17.11
CA ASP F 116 -37.34 -32.18 -17.36
C ASP F 116 -38.65 -32.24 -16.57
N PRO F 117 -39.59 -31.33 -16.85
CA PRO F 117 -40.77 -31.21 -15.99
C PRO F 117 -41.59 -32.51 -15.95
N ALA F 118 -42.06 -32.86 -14.77
CA ALA F 118 -42.75 -34.12 -14.54
C ALA F 118 -43.57 -34.03 -13.26
N VAL F 119 -44.70 -34.73 -13.25
CA VAL F 119 -45.49 -34.94 -12.04
C VAL F 119 -45.40 -36.42 -11.67
N TYR F 120 -44.94 -36.70 -10.46
CA TYR F 120 -44.77 -38.07 -9.99
C TYR F 120 -45.70 -38.33 -8.82
N GLN F 121 -46.16 -39.55 -8.71
CA GLN F 121 -46.92 -39.96 -7.55
C GLN F 121 -45.97 -40.66 -6.59
N LEU F 122 -45.84 -40.12 -5.38
CA LEU F 122 -44.99 -40.79 -4.41
CA LEU F 122 -45.01 -40.75 -4.37
C LEU F 122 -45.74 -41.94 -3.77
N ARG F 123 -44.98 -42.82 -3.10
CA ARG F 123 -45.59 -43.99 -2.50
C ARG F 123 -46.39 -43.59 -1.27
N ASP F 124 -47.57 -44.19 -1.11
CA ASP F 124 -48.36 -43.98 0.09
C ASP F 124 -47.56 -44.38 1.34
N SER F 125 -47.84 -43.70 2.45
CA SER F 125 -47.34 -44.08 3.76
C SER F 125 -48.42 -44.87 4.48
N LYS F 126 -48.04 -46.00 5.09
CA LYS F 126 -49.04 -46.80 5.77
C LYS F 126 -49.57 -46.12 7.03
N SER F 127 -49.01 -44.99 7.43
CA SER F 127 -49.49 -44.23 8.59
CA SER F 127 -49.50 -44.24 8.59
C SER F 127 -50.17 -42.93 8.19
N SER F 128 -50.62 -42.81 6.94
CA SER F 128 -51.27 -41.59 6.46
C SER F 128 -52.32 -41.97 5.42
N ASP F 129 -53.45 -41.24 5.42
CA ASP F 129 -54.48 -41.41 4.41
C ASP F 129 -54.28 -40.51 3.19
N LYS F 130 -53.18 -39.77 3.15
CA LYS F 130 -52.93 -38.81 2.07
C LYS F 130 -52.29 -39.47 0.86
N SER F 131 -52.65 -39.00 -0.32
CA SER F 131 -51.91 -39.28 -1.54
CA SER F 131 -51.89 -39.29 -1.53
C SER F 131 -51.10 -38.03 -1.89
N VAL F 132 -49.87 -38.23 -2.36
CA VAL F 132 -48.93 -37.14 -2.53
C VAL F 132 -48.35 -37.15 -3.95
N CYS F 133 -48.34 -35.99 -4.59
CA CYS F 133 -47.84 -35.78 -5.94
C CYS F 133 -46.75 -34.73 -5.92
N LEU F 134 -45.71 -34.94 -6.73
CA LEU F 134 -44.55 -34.06 -6.79
C LEU F 134 -44.39 -33.53 -8.21
N PHE F 135 -44.53 -32.21 -8.37
CA PHE F 135 -44.24 -31.53 -9.64
C PHE F 135 -42.81 -31.03 -9.55
N THR F 136 -41.94 -31.48 -10.46
CA THR F 136 -40.53 -31.24 -10.25
C THR F 136 -39.80 -31.06 -11.57
N ASP F 137 -38.63 -30.42 -11.49
CA ASP F 137 -37.66 -30.30 -12.57
C ASP F 137 -38.12 -29.38 -13.70
N PHE F 138 -39.10 -28.53 -13.44
CA PHE F 138 -39.52 -27.53 -14.40
C PHE F 138 -38.62 -26.29 -14.36
N ASP F 139 -38.57 -25.58 -15.48
CA ASP F 139 -37.83 -24.32 -15.60
CA ASP F 139 -37.77 -24.36 -15.50
C ASP F 139 -38.44 -23.27 -14.66
N SER F 140 -37.65 -22.26 -14.32
CA SER F 140 -38.04 -21.31 -13.30
C SER F 140 -39.13 -20.34 -13.73
N GLN F 141 -39.49 -20.31 -15.02
CA GLN F 141 -40.56 -19.39 -15.44
C GLN F 141 -41.94 -19.92 -15.10
N THR F 142 -42.05 -21.21 -14.79
CA THR F 142 -43.31 -21.79 -14.33
C THR F 142 -43.68 -21.29 -12.93
N ASN F 143 -44.92 -20.85 -12.77
CA ASN F 143 -45.48 -20.55 -11.46
C ASN F 143 -46.47 -21.64 -11.06
N VAL F 144 -46.55 -21.90 -9.77
CA VAL F 144 -47.44 -22.93 -9.23
C VAL F 144 -48.58 -22.22 -8.52
N SER F 145 -49.81 -22.48 -8.95
CA SER F 145 -50.97 -21.84 -8.36
C SER F 145 -51.47 -22.64 -7.17
N GLN F 146 -52.01 -21.91 -6.19
CA GLN F 146 -52.67 -22.53 -5.05
C GLN F 146 -53.84 -23.40 -5.51
N SER F 147 -54.26 -24.28 -4.62
CA SER F 147 -55.40 -25.15 -4.88
C SER F 147 -56.70 -24.36 -4.99
N LYS F 148 -57.57 -24.79 -5.89
CA LYS F 148 -58.94 -24.30 -5.97
C LYS F 148 -59.94 -25.22 -5.28
N ASP F 149 -59.51 -26.39 -4.83
CA ASP F 149 -60.32 -27.36 -4.11
C ASP F 149 -59.92 -27.30 -2.65
N SER F 150 -60.91 -27.12 -1.77
CA SER F 150 -60.63 -26.96 -0.34
CA SER F 150 -60.63 -26.96 -0.34
C SER F 150 -59.97 -28.19 0.28
N ASP F 151 -60.13 -29.37 -0.32
CA ASP F 151 -59.55 -30.58 0.25
C ASP F 151 -58.23 -30.98 -0.40
N VAL F 152 -57.69 -30.14 -1.29
CA VAL F 152 -56.40 -30.36 -1.92
C VAL F 152 -55.45 -29.26 -1.44
N TYR F 153 -54.23 -29.63 -1.09
CA TYR F 153 -53.24 -28.68 -0.60
C TYR F 153 -52.06 -28.67 -1.57
N ILE F 154 -51.68 -27.47 -2.01
CA ILE F 154 -50.55 -27.33 -2.94
C ILE F 154 -49.56 -26.32 -2.36
N THR F 155 -48.31 -26.73 -2.18
CA THR F 155 -47.31 -25.79 -1.70
CA THR F 155 -47.30 -25.80 -1.70
C THR F 155 -46.65 -25.06 -2.88
N ASP F 156 -46.01 -23.93 -2.58
CA ASP F 156 -45.33 -23.17 -3.62
C ASP F 156 -44.05 -23.88 -4.06
N LYS F 157 -43.48 -23.43 -5.17
CA LYS F 157 -42.25 -24.04 -5.64
C LYS F 157 -41.10 -23.73 -4.70
N CYS F 158 -40.18 -24.68 -4.60
CA CYS F 158 -39.04 -24.68 -3.70
C CYS F 158 -37.80 -25.10 -4.49
N VAL F 159 -36.69 -24.41 -4.28
CA VAL F 159 -35.44 -24.71 -5.00
C VAL F 159 -34.56 -25.58 -4.12
N LEU F 160 -34.26 -26.79 -4.58
CA LEU F 160 -33.34 -27.65 -3.84
CA LEU F 160 -33.38 -27.72 -3.89
C LEU F 160 -32.03 -27.77 -4.60
N ASP F 161 -30.94 -27.87 -3.83
CA ASP F 161 -29.59 -27.91 -4.35
C ASP F 161 -28.93 -29.21 -3.91
N MET F 162 -28.61 -30.08 -4.87
CA MET F 162 -27.81 -31.27 -4.59
C MET F 162 -26.35 -30.88 -4.80
N ARG F 163 -25.67 -30.59 -3.69
CA ARG F 163 -24.32 -30.02 -3.77
CA ARG F 163 -24.32 -30.02 -3.76
C ARG F 163 -23.35 -30.96 -4.46
N SER F 164 -23.39 -32.26 -4.12
CA SER F 164 -22.44 -33.23 -4.67
C SER F 164 -22.58 -33.37 -6.18
N MET F 165 -23.74 -33.09 -6.74
CA MET F 165 -23.94 -33.16 -8.18
C MET F 165 -23.99 -31.78 -8.82
N ASP F 166 -23.84 -30.71 -8.03
CA ASP F 166 -23.98 -29.34 -8.51
C ASP F 166 -25.24 -29.22 -9.38
N PHE F 167 -26.36 -29.65 -8.81
CA PHE F 167 -27.62 -29.78 -9.52
C PHE F 167 -28.71 -29.07 -8.72
N LYS F 168 -29.47 -28.20 -9.37
CA LYS F 168 -30.58 -27.50 -8.74
C LYS F 168 -31.88 -27.88 -9.45
N SER F 169 -32.97 -27.97 -8.69
CA SER F 169 -34.27 -28.25 -9.28
C SER F 169 -35.37 -27.55 -8.49
N ASN F 170 -36.40 -27.13 -9.23
CA ASN F 170 -37.65 -26.62 -8.67
C ASN F 170 -38.60 -27.76 -8.36
N SER F 171 -39.42 -27.60 -7.31
CA SER F 171 -40.50 -28.56 -7.11
C SER F 171 -41.59 -27.97 -6.22
N ALA F 172 -42.79 -28.52 -6.38
CA ALA F 172 -43.97 -28.20 -5.61
C ALA F 172 -44.67 -29.50 -5.26
N VAL F 173 -45.35 -29.52 -4.12
CA VAL F 173 -46.00 -30.73 -3.61
C VAL F 173 -47.49 -30.48 -3.52
N ALA F 174 -48.28 -31.48 -3.92
CA ALA F 174 -49.74 -31.46 -3.80
C ALA F 174 -50.19 -32.70 -3.05
N TRP F 175 -51.21 -32.57 -2.20
CA TRP F 175 -51.71 -33.75 -1.51
C TRP F 175 -53.18 -33.60 -1.15
N SER F 176 -53.79 -34.73 -0.80
CA SER F 176 -55.20 -34.80 -0.49
C SER F 176 -55.50 -36.21 0.00
N ASN F 177 -56.56 -36.34 0.81
CA ASN F 177 -57.07 -37.66 1.13
C ASN F 177 -58.38 -37.96 0.41
N LYS F 178 -58.76 -37.12 -0.55
CA LYS F 178 -59.97 -37.38 -1.34
C LYS F 178 -59.79 -38.64 -2.18
N SER F 179 -60.89 -39.37 -2.35
CA SER F 179 -60.89 -40.51 -3.26
C SER F 179 -60.70 -40.07 -4.71
N ASP F 180 -61.19 -38.89 -5.07
CA ASP F 180 -61.05 -38.37 -6.43
C ASP F 180 -59.61 -38.05 -6.79
N PHE F 181 -58.74 -37.87 -5.79
CA PHE F 181 -57.46 -37.22 -6.04
C PHE F 181 -56.55 -38.12 -6.88
N ALA F 182 -55.95 -37.53 -7.91
CA ALA F 182 -55.03 -38.21 -8.81
C ALA F 182 -53.98 -37.21 -9.24
N CYS F 183 -52.73 -37.67 -9.39
CA CYS F 183 -51.66 -36.75 -9.73
C CYS F 183 -51.84 -36.16 -11.12
N ALA F 184 -52.48 -36.91 -12.04
CA ALA F 184 -52.71 -36.39 -13.39
C ALA F 184 -53.49 -35.08 -13.38
N ASN F 185 -54.28 -34.81 -12.34
CA ASN F 185 -55.09 -33.60 -12.25
C ASN F 185 -54.73 -32.71 -11.07
N ALA F 186 -53.71 -33.06 -10.29
CA ALA F 186 -53.42 -32.32 -9.06
C ALA F 186 -53.08 -30.86 -9.34
N PHE F 187 -52.31 -30.60 -10.40
CA PHE F 187 -51.85 -29.26 -10.74
C PHE F 187 -52.64 -28.64 -11.89
N ASN F 188 -53.90 -29.05 -12.06
CA ASN F 188 -54.75 -28.54 -13.14
C ASN F 188 -54.99 -27.04 -13.07
N ASN F 189 -54.84 -26.43 -11.89
CA ASN F 189 -55.04 -24.99 -11.78
CA ASN F 189 -55.04 -24.99 -11.75
C ASN F 189 -53.79 -24.19 -12.10
N SER F 190 -52.67 -24.84 -12.36
CA SER F 190 -51.43 -24.18 -12.75
C SER F 190 -51.27 -24.25 -14.27
N ILE F 191 -50.54 -23.28 -14.80
CA ILE F 191 -50.07 -23.36 -16.18
C ILE F 191 -48.73 -24.09 -16.15
N ILE F 192 -48.72 -25.34 -16.62
CA ILE F 192 -47.51 -26.16 -16.53
C ILE F 192 -46.96 -26.42 -17.93
N PRO F 193 -45.68 -26.77 -18.07
CA PRO F 193 -45.11 -26.92 -19.42
C PRO F 193 -45.86 -27.99 -20.23
N GLU F 194 -46.00 -27.73 -21.53
CA GLU F 194 -46.71 -28.67 -22.38
C GLU F 194 -46.01 -30.02 -22.49
N ASP F 195 -44.71 -30.08 -22.20
CA ASP F 195 -43.99 -31.34 -22.26
C ASP F 195 -43.89 -32.02 -20.90
N THR F 196 -44.71 -31.62 -19.93
CA THR F 196 -44.63 -32.22 -18.60
C THR F 196 -44.90 -33.72 -18.70
N PHE F 197 -44.02 -34.50 -18.08
CA PHE F 197 -44.08 -35.95 -18.13
C PHE F 197 -45.04 -36.47 -17.06
N PHE F 198 -46.05 -37.23 -17.47
CA PHE F 198 -46.99 -37.86 -16.54
C PHE F 198 -46.84 -39.37 -16.64
N PRO F 199 -46.09 -40.02 -15.75
CA PRO F 199 -45.94 -41.47 -15.84
C PRO F 199 -47.28 -42.17 -15.65
N SER F 200 -47.42 -43.34 -16.26
CA SER F 200 -48.68 -44.07 -16.12
CA SER F 200 -48.66 -44.08 -16.12
C SER F 200 -48.93 -44.43 -14.66
N PRO F 201 -50.19 -44.47 -14.24
CA PRO F 201 -50.50 -44.85 -12.85
C PRO F 201 -50.53 -46.36 -12.67
N ASN G 2 -17.85 -14.75 22.81
CA ASN G 2 -18.07 -14.72 21.36
C ASN G 2 -19.51 -15.03 20.99
N ALA G 3 -20.40 -14.94 21.98
CA ALA G 3 -21.80 -15.32 21.78
C ALA G 3 -22.61 -14.24 21.07
N GLY G 4 -22.25 -12.98 21.25
CA GLY G 4 -23.04 -11.91 20.66
C GLY G 4 -24.25 -11.58 21.51
N VAL G 5 -25.41 -11.58 20.90
CA VAL G 5 -26.66 -11.24 21.57
C VAL G 5 -27.46 -12.52 21.76
N THR G 6 -27.78 -12.86 23.01
CA THR G 6 -28.47 -14.09 23.36
C THR G 6 -29.82 -13.73 23.97
N GLN G 7 -30.91 -14.10 23.30
CA GLN G 7 -32.23 -13.86 23.88
C GLN G 7 -33.01 -15.15 23.97
N THR G 8 -33.90 -15.19 24.95
CA THR G 8 -34.77 -16.33 25.23
C THR G 8 -36.13 -15.84 25.69
N PRO G 9 -37.18 -16.64 25.49
CA PRO G 9 -37.19 -17.94 24.80
C PRO G 9 -37.29 -17.76 23.30
N LYS G 10 -37.01 -18.82 22.53
CA LYS G 10 -37.13 -18.74 21.08
C LYS G 10 -38.59 -18.73 20.66
N PHE G 11 -39.43 -19.50 21.36
CA PHE G 11 -40.85 -19.60 21.09
C PHE G 11 -41.61 -19.55 22.40
N GLN G 12 -42.83 -19.01 22.34
CA GLN G 12 -43.68 -19.02 23.52
C GLN G 12 -45.12 -18.88 23.09
N VAL G 13 -46.00 -19.69 23.66
CA VAL G 13 -47.44 -19.51 23.57
C VAL G 13 -47.93 -18.91 24.88
N LEU G 14 -48.80 -17.91 24.79
CA LEU G 14 -49.38 -17.28 25.96
C LEU G 14 -50.89 -17.21 25.82
N LYS G 15 -51.58 -17.36 26.94
CA LYS G 15 -53.00 -17.06 27.02
C LYS G 15 -53.17 -15.57 27.32
N THR G 16 -54.22 -14.98 26.76
CA THR G 16 -54.55 -13.57 27.03
C THR G 16 -54.54 -13.31 28.54
N GLY G 17 -53.86 -12.23 28.94
CA GLY G 17 -53.79 -11.84 30.34
C GLY G 17 -52.59 -12.37 31.10
N GLN G 18 -51.87 -13.33 30.54
CA GLN G 18 -50.69 -13.88 31.18
C GLN G 18 -49.54 -12.89 31.11
N SER G 19 -48.70 -12.87 32.15
CA SER G 19 -47.51 -12.02 32.10
C SER G 19 -46.29 -12.85 31.67
N MET G 20 -45.27 -12.17 31.18
CA MET G 20 -44.09 -12.89 30.74
CA MET G 20 -44.13 -12.86 30.58
C MET G 20 -42.91 -11.94 30.58
N THR G 21 -41.72 -12.53 30.77
CA THR G 21 -40.46 -11.82 30.64
C THR G 21 -39.62 -12.45 29.54
N LEU G 22 -39.07 -11.63 28.65
CA LEU G 22 -38.07 -12.07 27.68
CA LEU G 22 -38.09 -12.07 27.68
C LEU G 22 -36.70 -11.62 28.14
N GLN G 23 -35.72 -12.51 28.06
CA GLN G 23 -34.37 -12.19 28.52
C GLN G 23 -33.46 -11.90 27.33
N CYS G 24 -32.55 -10.94 27.51
CA CYS G 24 -31.54 -10.66 26.51
CA CYS G 24 -31.54 -10.64 26.50
C CYS G 24 -30.23 -10.33 27.19
N ALA G 25 -29.16 -10.98 26.74
CA ALA G 25 -27.81 -10.68 27.20
C ALA G 25 -26.91 -10.47 26.01
N GLN G 26 -25.93 -9.58 26.15
CA GLN G 26 -24.92 -9.37 25.13
C GLN G 26 -23.55 -9.40 25.79
N ASP G 27 -22.60 -10.05 25.12
CA ASP G 27 -21.26 -10.17 25.69
C ASP G 27 -20.22 -9.45 24.84
N MET G 28 -20.66 -8.40 24.15
CA MET G 28 -19.77 -7.59 23.34
C MET G 28 -19.32 -6.33 24.05
N ASN G 29 -19.63 -6.21 25.35
CA ASN G 29 -19.33 -5.00 26.13
C ASN G 29 -19.97 -3.76 25.51
N HIS G 30 -21.13 -3.93 24.90
CA HIS G 30 -21.88 -2.83 24.34
C HIS G 30 -22.56 -2.03 25.44
N ASN G 31 -22.80 -0.75 25.17
CA ASN G 31 -23.46 0.11 26.14
C ASN G 31 -24.96 0.27 25.89
N SER G 32 -25.40 0.12 24.64
CA SER G 32 -26.78 0.44 24.26
C SER G 32 -27.50 -0.84 23.87
N MET G 33 -28.72 -1.01 24.38
CA MET G 33 -29.54 -2.17 24.07
C MET G 33 -30.97 -1.73 23.72
N TYR G 34 -31.67 -2.58 22.98
CA TYR G 34 -32.94 -2.23 22.35
C TYR G 34 -33.85 -3.45 22.33
N TRP G 35 -35.16 -3.20 22.40
CA TRP G 35 -36.16 -4.24 22.14
C TRP G 35 -37.08 -3.76 21.02
N TYR G 36 -37.17 -4.57 19.97
CA TYR G 36 -37.99 -4.31 18.79
C TYR G 36 -39.06 -5.38 18.64
N ARG G 37 -40.18 -5.02 18.01
CA ARG G 37 -41.06 -6.07 17.46
C ARG G 37 -41.11 -5.96 15.94
N GLN G 38 -41.27 -7.12 15.29
CA GLN G 38 -41.34 -7.25 13.84
C GLN G 38 -42.67 -7.89 13.47
N ASP G 39 -43.44 -7.21 12.66
CA ASP G 39 -44.76 -7.65 12.24
C ASP G 39 -44.82 -7.59 10.72
N PRO G 40 -45.57 -8.50 10.10
CA PRO G 40 -45.66 -8.52 8.63
C PRO G 40 -46.14 -7.20 8.09
N GLY G 41 -45.52 -6.76 7.01
CA GLY G 41 -45.98 -5.58 6.31
C GLY G 41 -45.50 -4.25 6.88
N MET G 42 -44.66 -4.24 7.91
CA MET G 42 -44.21 -2.96 8.44
C MET G 42 -42.76 -3.06 8.91
N GLY G 43 -42.13 -1.89 9.01
CA GLY G 43 -40.77 -1.84 9.50
C GLY G 43 -40.69 -2.20 10.98
N LEU G 44 -39.48 -2.56 11.41
CA LEU G 44 -39.25 -2.80 12.83
C LEU G 44 -39.72 -1.60 13.65
N ARG G 45 -40.35 -1.88 14.79
CA ARG G 45 -40.82 -0.85 15.72
C ARG G 45 -40.16 -1.02 17.07
N LEU G 46 -39.49 0.04 17.52
CA LEU G 46 -38.81 0.04 18.81
C LEU G 46 -39.83 0.10 19.95
N ILE G 47 -39.63 -0.74 20.95
CA ILE G 47 -40.56 -0.86 22.08
C ILE G 47 -39.99 -0.03 23.22
N TYR G 48 -38.78 -0.39 23.65
CA TYR G 48 -38.02 0.32 24.67
C TYR G 48 -36.54 0.25 24.29
N TYR G 49 -35.74 1.18 24.80
CA TYR G 49 -34.30 1.13 24.56
C TYR G 49 -33.57 1.58 25.82
N SER G 50 -32.27 1.31 25.85
CA SER G 50 -31.43 1.63 27.01
C SER G 50 -30.13 2.22 26.46
N ALA G 51 -30.00 3.56 26.54
CA ALA G 51 -28.86 4.24 25.91
C ALA G 51 -27.54 3.83 26.55
N SER G 52 -27.57 3.48 27.82
CA SER G 52 -26.38 3.19 28.59
CA SER G 52 -26.38 3.11 28.56
C SER G 52 -26.85 2.41 29.82
N GLU G 53 -25.91 1.74 30.48
CA GLU G 53 -26.26 1.09 31.73
C GLU G 53 -26.89 2.13 32.66
N GLY G 54 -27.99 1.78 33.30
CA GLY G 54 -28.58 2.68 34.28
C GLY G 54 -29.58 3.69 33.74
N THR G 55 -29.98 3.58 32.48
CA THR G 55 -31.07 4.40 31.98
C THR G 55 -31.84 3.62 30.92
N THR G 56 -33.15 3.86 30.85
CA THR G 56 -34.02 3.26 29.84
C THR G 56 -35.08 4.29 29.48
N ASP G 57 -35.68 4.12 28.29
CA ASP G 57 -36.78 5.00 27.91
C ASP G 57 -37.64 4.29 26.88
N LYS G 58 -38.87 4.77 26.76
CA LYS G 58 -39.81 4.23 25.78
C LYS G 58 -39.33 4.45 24.35
N GLY G 59 -39.68 3.51 23.49
CA GLY G 59 -39.54 3.67 22.06
C GLY G 59 -40.83 4.17 21.44
N GLU G 60 -41.17 3.61 20.28
CA GLU G 60 -42.37 3.98 19.54
C GLU G 60 -43.62 3.27 20.08
N VAL G 61 -43.52 2.02 20.51
CA VAL G 61 -44.71 1.30 20.94
C VAL G 61 -44.56 0.72 22.34
N PRO G 62 -44.39 1.56 23.37
CA PRO G 62 -44.14 1.03 24.72
C PRO G 62 -45.37 0.48 25.45
N ASN G 63 -46.59 0.74 24.98
CA ASN G 63 -47.77 0.42 25.77
C ASN G 63 -47.99 -1.08 25.87
N GLY G 64 -48.17 -1.57 27.09
CA GLY G 64 -48.31 -2.99 27.35
C GLY G 64 -47.02 -3.68 27.75
N TYR G 65 -45.91 -2.94 27.79
CA TYR G 65 -44.58 -3.50 28.02
C TYR G 65 -43.84 -2.64 29.03
N ASN G 66 -42.81 -3.23 29.65
CA ASN G 66 -41.83 -2.44 30.38
C ASN G 66 -40.50 -3.20 30.37
N VAL G 67 -39.43 -2.54 30.81
CA VAL G 67 -38.09 -3.11 30.69
C VAL G 67 -37.28 -2.88 31.95
N SER G 68 -36.23 -3.67 32.11
CA SER G 68 -35.20 -3.40 33.10
C SER G 68 -33.85 -3.62 32.43
N ARG G 69 -33.00 -2.60 32.48
CA ARG G 69 -31.56 -2.79 32.19
C ARG G 69 -30.95 -3.29 33.50
N LEU G 70 -30.87 -4.62 33.63
CA LEU G 70 -30.44 -5.22 34.90
C LEU G 70 -28.98 -4.89 35.22
N ASN G 71 -28.16 -4.77 34.18
CA ASN G 71 -26.73 -4.48 34.28
C ASN G 71 -26.24 -4.14 32.88
N LYS G 72 -24.93 -3.99 32.71
CA LYS G 72 -24.43 -3.63 31.39
C LYS G 72 -24.75 -4.69 30.33
N ARG G 73 -24.80 -5.96 30.74
CA ARG G 73 -25.01 -7.06 29.79
C ARG G 73 -26.47 -7.34 29.43
N GLU G 74 -27.41 -7.10 30.35
CA GLU G 74 -28.75 -7.70 30.27
C GLU G 74 -29.84 -6.65 30.24
N PHE G 75 -30.86 -6.90 29.40
CA PHE G 75 -31.97 -5.98 29.14
C PHE G 75 -33.23 -6.83 28.99
N SER G 76 -34.07 -6.86 30.03
CA SER G 76 -35.28 -7.69 30.08
C SER G 76 -36.47 -6.94 29.48
N LEU G 77 -37.34 -7.67 28.77
CA LEU G 77 -38.60 -7.13 28.27
C LEU G 77 -39.76 -7.85 28.93
N ARG G 78 -40.69 -7.11 29.54
CA ARG G 78 -41.85 -7.71 30.18
C ARG G 78 -43.12 -7.36 29.44
N LEU G 79 -43.97 -8.37 29.27
CA LEU G 79 -45.36 -8.18 28.86
C LEU G 79 -46.18 -8.22 30.13
N GLU G 80 -46.89 -7.12 30.42
CA GLU G 80 -47.64 -7.00 31.67
C GLU G 80 -48.89 -7.87 31.68
N SER G 81 -49.59 -7.95 30.55
CA SER G 81 -50.86 -8.66 30.50
C SER G 81 -51.09 -8.97 29.02
N ALA G 82 -50.68 -10.17 28.60
CA ALA G 82 -50.53 -10.46 27.18
C ALA G 82 -51.84 -10.23 26.45
N ALA G 83 -51.75 -9.63 25.27
CA ALA G 83 -52.91 -9.42 24.43
C ALA G 83 -52.65 -9.99 23.05
N PRO G 84 -53.70 -10.45 22.35
CA PRO G 84 -53.51 -10.99 21.00
C PRO G 84 -52.73 -10.08 20.07
N SER G 85 -52.88 -8.76 20.19
CA SER G 85 -52.10 -7.84 19.36
C SER G 85 -50.60 -7.91 19.64
N GLN G 86 -50.19 -8.50 20.76
CA GLN G 86 -48.76 -8.65 21.06
C GLN G 86 -48.17 -9.92 20.44
N THR G 87 -48.96 -10.72 19.73
CA THR G 87 -48.39 -11.78 18.89
C THR G 87 -47.43 -11.14 17.88
N SER G 88 -46.16 -11.55 17.91
CA SER G 88 -45.15 -10.86 17.12
C SER G 88 -43.87 -11.66 17.18
N VAL G 89 -42.86 -11.20 16.46
CA VAL G 89 -41.50 -11.66 16.68
C VAL G 89 -40.73 -10.51 17.33
N TYR G 90 -40.09 -10.81 18.45
CA TYR G 90 -39.41 -9.80 19.26
C TYR G 90 -37.92 -9.98 19.10
N PHE G 91 -37.22 -8.89 18.79
CA PHE G 91 -35.78 -8.90 18.63
C PHE G 91 -35.16 -7.98 19.64
N CYS G 92 -34.18 -8.49 20.37
CA CYS G 92 -33.25 -7.69 21.14
CA CYS G 92 -33.32 -7.58 21.08
C CYS G 92 -32.07 -7.31 20.26
N ALA G 93 -31.50 -6.12 20.49
CA ALA G 93 -30.34 -5.69 19.73
C ALA G 93 -29.46 -4.87 20.64
N SER G 94 -28.18 -4.74 20.25
CA SER G 94 -27.26 -3.90 20.98
C SER G 94 -26.34 -3.16 20.02
N SER G 95 -25.79 -2.03 20.49
CA SER G 95 -24.83 -1.27 19.72
C SER G 95 -23.79 -0.72 20.69
N VAL G 96 -22.61 -0.41 20.17
CA VAL G 96 -21.51 0.02 21.04
C VAL G 96 -21.94 1.24 21.86
N TRP G 97 -22.43 2.27 21.19
CA TRP G 97 -23.08 3.41 21.83
C TRP G 97 -24.38 3.68 21.07
N THR G 98 -25.09 4.74 21.45
CA THR G 98 -26.28 5.03 20.69
C THR G 98 -26.42 6.53 20.46
N GLY G 99 -27.20 6.84 19.44
CA GLY G 99 -27.42 8.22 19.11
C GLY G 99 -26.54 8.57 17.94
N GLU G 100 -25.48 9.32 18.21
CA GLU G 100 -24.66 9.77 17.11
C GLU G 100 -23.83 8.62 16.57
N GLY G 101 -23.47 8.74 15.31
CA GLY G 101 -22.45 7.89 14.75
C GLY G 101 -23.01 6.91 13.75
N SER G 102 -22.08 6.17 13.18
CA SER G 102 -22.34 5.25 12.10
C SER G 102 -22.47 3.81 12.57
N GLY G 103 -22.52 3.60 13.88
CA GLY G 103 -22.45 2.24 14.42
C GLY G 103 -23.71 1.44 14.11
N GLU G 104 -23.52 0.18 13.78
CA GLU G 104 -24.63 -0.70 13.43
C GLU G 104 -25.20 -1.39 14.67
N LEU G 105 -26.38 -1.98 14.49
CA LEU G 105 -27.00 -2.84 15.49
C LEU G 105 -26.59 -4.29 15.29
N PHE G 106 -26.49 -5.01 16.40
CA PHE G 106 -26.27 -6.46 16.40
C PHE G 106 -27.52 -7.10 17.00
N PHE G 107 -28.14 -8.04 16.28
CA PHE G 107 -29.44 -8.56 16.66
C PHE G 107 -29.35 -9.94 17.30
N GLY G 108 -30.20 -10.17 18.30
CA GLY G 108 -30.42 -11.52 18.80
C GLY G 108 -31.23 -12.36 17.81
N GLU G 109 -31.45 -13.63 18.17
CA GLU G 109 -32.07 -14.56 17.23
C GLU G 109 -33.56 -14.36 17.07
N GLY G 110 -34.20 -13.56 17.91
CA GLY G 110 -35.64 -13.41 17.82
C GLY G 110 -36.39 -14.31 18.78
N SER G 111 -37.54 -13.82 19.25
CA SER G 111 -38.41 -14.58 20.13
C SER G 111 -39.82 -14.53 19.54
N ARG G 112 -40.34 -15.69 19.15
CA ARG G 112 -41.65 -15.72 18.49
C ARG G 112 -42.71 -16.01 19.53
N LEU G 113 -43.62 -15.04 19.73
CA LEU G 113 -44.65 -15.13 20.75
CA LEU G 113 -44.65 -15.12 20.74
C LEU G 113 -46.02 -15.17 20.08
N THR G 114 -46.87 -16.09 20.51
CA THR G 114 -48.26 -16.13 20.05
C THR G 114 -49.18 -16.05 21.26
N VAL G 115 -50.05 -15.04 21.29
CA VAL G 115 -51.02 -14.83 22.37
C VAL G 115 -52.40 -15.27 21.88
N LEU G 116 -53.03 -16.18 22.61
CA LEU G 116 -54.32 -16.74 22.25
C LEU G 116 -55.36 -16.49 23.34
N GLU G 117 -56.60 -16.25 22.92
CA GLU G 117 -57.71 -16.17 23.86
C GLU G 117 -57.91 -17.49 24.56
N ASP G 118 -57.80 -18.60 23.83
CA ASP G 118 -58.04 -19.93 24.35
C ASP G 118 -56.99 -20.87 23.78
N LEU G 119 -56.40 -21.70 24.65
CA LEU G 119 -55.34 -22.60 24.22
C LEU G 119 -55.85 -23.78 23.41
N LYS G 120 -57.17 -23.96 23.31
CA LYS G 120 -57.67 -25.11 22.54
C LYS G 120 -57.40 -24.97 21.04
N ASN G 121 -56.86 -23.84 20.61
CA ASN G 121 -56.46 -23.63 19.22
C ASN G 121 -55.09 -24.25 18.91
N VAL G 122 -54.38 -24.81 19.90
CA VAL G 122 -53.02 -25.28 19.72
C VAL G 122 -53.05 -26.76 19.32
N PHE G 123 -52.35 -27.10 18.24
CA PHE G 123 -52.28 -28.47 17.72
C PHE G 123 -50.84 -28.78 17.32
N PRO G 124 -50.33 -29.96 17.67
CA PRO G 124 -49.04 -30.38 17.16
C PRO G 124 -49.15 -30.84 15.71
N PRO G 125 -48.04 -30.94 14.99
CA PRO G 125 -48.10 -31.43 13.61
C PRO G 125 -48.27 -32.94 13.54
N GLU G 126 -49.04 -33.39 12.56
CA GLU G 126 -49.00 -34.78 12.09
C GLU G 126 -47.89 -34.87 11.04
N VAL G 127 -46.98 -35.85 11.20
CA VAL G 127 -45.82 -35.94 10.33
C VAL G 127 -45.86 -37.27 9.57
N ALA G 128 -45.66 -37.20 8.25
CA ALA G 128 -45.63 -38.43 7.45
C ALA G 128 -44.58 -38.28 6.35
N VAL G 129 -43.92 -39.39 6.03
CA VAL G 129 -42.90 -39.44 4.98
CA VAL G 129 -42.94 -39.39 4.96
C VAL G 129 -43.41 -40.32 3.85
N PHE G 130 -43.18 -39.88 2.62
CA PHE G 130 -43.62 -40.59 1.43
C PHE G 130 -42.39 -40.95 0.61
N GLU G 131 -42.27 -42.23 0.25
CA GLU G 131 -41.11 -42.74 -0.42
C GLU G 131 -41.11 -42.37 -1.91
N PRO G 132 -39.94 -42.36 -2.55
CA PRO G 132 -39.85 -41.84 -3.93
C PRO G 132 -40.64 -42.67 -4.94
N SER G 133 -41.05 -41.98 -5.99
CA SER G 133 -41.69 -42.62 -7.13
C SER G 133 -40.67 -43.45 -7.92
N GLU G 134 -41.04 -44.69 -8.24
CA GLU G 134 -40.15 -45.50 -9.08
C GLU G 134 -40.01 -44.89 -10.47
N ALA G 135 -41.07 -44.21 -10.96
CA ALA G 135 -40.95 -43.51 -12.25
C ALA G 135 -39.87 -42.43 -12.21
N GLU G 136 -39.79 -41.67 -11.11
CA GLU G 136 -38.75 -40.65 -11.01
C GLU G 136 -37.37 -41.29 -11.05
N ILE G 137 -37.17 -42.34 -10.26
CA ILE G 137 -35.90 -43.06 -10.26
C ILE G 137 -35.53 -43.52 -11.66
N SER G 138 -36.50 -44.10 -12.39
CA SER G 138 -36.18 -44.60 -13.74
C SER G 138 -35.90 -43.45 -14.71
N HIS G 139 -36.62 -42.34 -14.55
CA HIS G 139 -36.51 -41.25 -15.53
C HIS G 139 -35.32 -40.35 -15.25
N THR G 140 -34.93 -40.16 -13.98
CA THR G 140 -33.93 -39.17 -13.64
C THR G 140 -32.70 -39.71 -12.91
N GLN G 141 -32.70 -40.97 -12.48
CA GLN G 141 -31.64 -41.51 -11.61
C GLN G 141 -31.54 -40.74 -10.30
N LYS G 142 -32.59 -40.05 -9.91
CA LYS G 142 -32.66 -39.38 -8.63
C LYS G 142 -33.93 -39.81 -7.92
N ALA G 143 -34.01 -39.56 -6.61
CA ALA G 143 -35.12 -40.06 -5.81
C ALA G 143 -35.48 -39.03 -4.77
N THR G 144 -36.71 -38.51 -4.82
CA THR G 144 -37.16 -37.46 -3.93
C THR G 144 -38.11 -38.07 -2.90
N LEU G 145 -37.74 -37.98 -1.63
CA LEU G 145 -38.64 -38.28 -0.53
C LEU G 145 -39.36 -36.99 -0.13
N VAL G 146 -40.60 -37.12 0.35
CA VAL G 146 -41.34 -35.92 0.80
C VAL G 146 -41.78 -36.13 2.23
N CYS G 147 -41.69 -35.06 3.02
CA CYS G 147 -42.19 -35.04 4.39
CA CYS G 147 -42.20 -35.04 4.38
C CYS G 147 -43.29 -33.99 4.48
N LEU G 148 -44.43 -34.38 5.05
CA LEU G 148 -45.55 -33.47 5.27
C LEU G 148 -45.82 -33.34 6.76
N ALA G 149 -45.89 -32.11 7.22
CA ALA G 149 -46.20 -31.77 8.60
C ALA G 149 -47.47 -30.92 8.56
N THR G 150 -48.58 -31.47 9.04
CA THR G 150 -49.89 -30.89 8.77
C THR G 150 -50.71 -30.70 10.04
N GLY G 151 -51.64 -29.75 9.99
CA GLY G 151 -52.57 -29.55 11.09
C GLY G 151 -52.01 -28.89 12.32
N PHE G 152 -50.85 -28.24 12.23
CA PHE G 152 -50.26 -27.69 13.45
C PHE G 152 -50.67 -26.22 13.65
N TYR G 153 -50.64 -25.77 14.90
CA TYR G 153 -50.88 -24.37 15.26
C TYR G 153 -50.35 -24.10 16.66
N PRO G 154 -49.67 -22.96 16.90
CA PRO G 154 -49.29 -21.90 15.95
C PRO G 154 -48.13 -22.35 15.08
N ASP G 155 -47.59 -21.47 14.23
CA ASP G 155 -46.49 -21.81 13.35
C ASP G 155 -45.19 -21.74 14.15
N HIS G 156 -45.01 -22.73 15.02
CA HIS G 156 -43.85 -22.86 15.90
C HIS G 156 -43.20 -24.23 15.64
N VAL G 157 -42.61 -24.42 14.46
CA VAL G 157 -42.08 -25.73 14.08
C VAL G 157 -40.70 -25.56 13.47
N GLU G 158 -39.89 -26.62 13.63
CA GLU G 158 -38.58 -26.73 12.99
C GLU G 158 -38.50 -28.13 12.41
N LEU G 159 -38.43 -28.23 11.09
CA LEU G 159 -38.39 -29.51 10.40
C LEU G 159 -36.95 -29.81 10.00
N SER G 160 -36.50 -31.04 10.24
CA SER G 160 -35.16 -31.45 9.89
C SER G 160 -35.17 -32.87 9.36
N TRP G 161 -34.21 -33.17 8.48
CA TRP G 161 -34.03 -34.50 7.91
C TRP G 161 -32.80 -35.15 8.49
N TRP G 162 -32.93 -36.44 8.78
CA TRP G 162 -31.86 -37.22 9.41
C TRP G 162 -31.62 -38.45 8.55
N VAL G 163 -30.40 -38.60 8.07
CA VAL G 163 -30.01 -39.72 7.23
C VAL G 163 -28.96 -40.50 7.98
N ASN G 164 -29.26 -41.77 8.28
CA ASN G 164 -28.41 -42.62 9.11
C ASN G 164 -28.06 -41.94 10.43
N GLY G 165 -29.05 -41.29 11.03
CA GLY G 165 -28.89 -40.71 12.34
C GLY G 165 -28.09 -39.44 12.40
N LYS G 166 -27.78 -38.81 11.27
CA LYS G 166 -27.12 -37.51 11.24
C LYS G 166 -27.96 -36.53 10.44
N GLU G 167 -28.06 -35.30 10.94
CA GLU G 167 -28.88 -34.31 10.26
C GLU G 167 -28.23 -33.86 8.97
N VAL G 168 -29.04 -33.67 7.93
CA VAL G 168 -28.53 -33.30 6.61
C VAL G 168 -29.28 -32.06 6.15
N HIS G 169 -28.67 -31.33 5.22
N HIS G 169 -28.61 -31.26 5.32
CA HIS G 169 -29.25 -30.12 4.65
CA HIS G 169 -29.26 -30.13 4.66
C HIS G 169 -29.04 -30.11 3.14
C HIS G 169 -29.01 -30.09 3.17
N SER G 170 -27.95 -30.70 2.66
CA SER G 170 -27.73 -30.77 1.23
C SER G 170 -28.83 -31.61 0.62
N GLY G 171 -29.37 -31.14 -0.51
CA GLY G 171 -30.44 -31.84 -1.16
C GLY G 171 -31.80 -31.69 -0.52
N VAL G 172 -31.94 -30.79 0.46
CA VAL G 172 -33.18 -30.56 1.19
C VAL G 172 -33.78 -29.23 0.75
N CYS G 173 -35.08 -29.17 0.57
CA CYS G 173 -35.78 -27.89 0.48
CA CYS G 173 -35.71 -27.87 0.60
C CYS G 173 -37.05 -27.98 1.31
N THR G 174 -37.20 -27.11 2.30
CA THR G 174 -38.39 -26.99 3.11
C THR G 174 -39.07 -25.68 2.75
N ASP G 175 -40.39 -25.70 2.59
CA ASP G 175 -41.13 -24.48 2.27
C ASP G 175 -40.73 -23.36 3.23
N PRO G 176 -40.38 -22.17 2.73
CA PRO G 176 -40.01 -21.08 3.65
C PRO G 176 -41.17 -20.59 4.50
N GLN G 177 -42.39 -20.66 4.00
CA GLN G 177 -43.57 -20.29 4.75
C GLN G 177 -44.55 -21.45 4.77
N PRO G 178 -45.31 -21.60 5.85
CA PRO G 178 -46.30 -22.67 5.90
C PRO G 178 -47.54 -22.30 5.10
N LEU G 179 -48.27 -23.34 4.71
CA LEU G 179 -49.56 -23.18 4.03
C LEU G 179 -50.67 -23.11 5.06
N LYS G 180 -51.57 -22.14 4.93
CA LYS G 180 -52.78 -22.14 5.75
C LYS G 180 -53.73 -23.18 5.18
N GLU G 181 -54.15 -24.13 6.02
CA GLU G 181 -55.01 -25.20 5.54
C GLU G 181 -56.42 -24.70 5.23
N GLN G 182 -56.89 -23.67 5.92
CA GLN G 182 -58.17 -23.01 5.63
C GLN G 182 -57.89 -21.51 5.50
N PRO G 183 -57.40 -21.06 4.33
CA PRO G 183 -56.85 -19.70 4.21
C PRO G 183 -57.77 -18.59 4.68
N ALA G 184 -59.08 -18.85 4.66
CA ALA G 184 -60.04 -17.84 5.09
C ALA G 184 -60.12 -17.69 6.61
N LEU G 185 -59.62 -18.65 7.38
CA LEU G 185 -59.79 -18.58 8.84
C LEU G 185 -58.59 -17.91 9.50
N ASN G 186 -58.88 -17.02 10.46
CA ASN G 186 -57.81 -16.24 11.10
C ASN G 186 -56.87 -17.13 11.90
N ASP G 187 -57.41 -18.14 12.58
CA ASP G 187 -56.62 -19.07 13.38
C ASP G 187 -56.40 -20.40 12.67
N SER G 188 -56.36 -20.39 11.34
CA SER G 188 -56.27 -21.63 10.57
C SER G 188 -55.05 -22.44 10.98
N ARG G 189 -55.21 -23.75 11.01
CA ARG G 189 -54.06 -24.62 11.21
C ARG G 189 -53.20 -24.62 9.95
N TYR G 190 -51.93 -25.01 10.12
CA TYR G 190 -50.90 -24.87 9.09
C TYR G 190 -50.45 -26.24 8.57
N ALA G 191 -49.88 -26.20 7.37
CA ALA G 191 -49.19 -27.34 6.77
C ALA G 191 -47.84 -26.88 6.23
N LEU G 192 -46.87 -27.80 6.25
CA LEU G 192 -45.51 -27.52 5.83
C LEU G 192 -44.99 -28.75 5.11
N SER G 193 -44.40 -28.56 3.93
CA SER G 193 -43.81 -29.68 3.18
C SER G 193 -42.30 -29.51 3.07
N SER G 194 -41.59 -30.64 2.99
CA SER G 194 -40.16 -30.65 2.73
C SER G 194 -39.83 -31.78 1.78
N ARG G 195 -38.77 -31.60 0.98
CA ARG G 195 -38.26 -32.65 0.12
C ARG G 195 -36.80 -32.93 0.45
N LEU G 196 -36.42 -34.20 0.34
CA LEU G 196 -35.02 -34.60 0.37
C LEU G 196 -34.76 -35.41 -0.89
N ARG G 197 -33.83 -34.95 -1.72
CA ARG G 197 -33.53 -35.64 -2.97
C ARG G 197 -32.12 -36.19 -2.89
N VAL G 198 -31.97 -37.48 -3.21
CA VAL G 198 -30.69 -38.17 -3.21
C VAL G 198 -30.55 -38.91 -4.52
N SER G 199 -29.34 -39.40 -4.79
CA SER G 199 -29.14 -40.20 -5.99
C SER G 199 -29.95 -41.48 -5.90
N ALA G 200 -30.33 -42.03 -7.04
CA ALA G 200 -31.01 -43.32 -7.06
C ALA G 200 -30.16 -44.39 -6.39
N THR G 201 -28.83 -44.36 -6.59
CA THR G 201 -27.99 -45.40 -6.00
C THR G 201 -27.99 -45.32 -4.48
N PHE G 202 -28.10 -44.11 -3.92
CA PHE G 202 -28.18 -43.96 -2.48
C PHE G 202 -29.50 -44.51 -1.94
N TRP G 203 -30.61 -44.18 -2.62
CA TRP G 203 -31.91 -44.67 -2.19
C TRP G 203 -32.00 -46.20 -2.27
N GLN G 204 -31.35 -46.80 -3.24
CA GLN G 204 -31.47 -48.25 -3.45
C GLN G 204 -30.53 -49.07 -2.56
N ASN G 205 -29.82 -48.46 -1.62
CA ASN G 205 -29.06 -49.21 -0.62
C ASN G 205 -30.00 -49.55 0.53
N PRO G 206 -30.27 -50.84 0.78
CA PRO G 206 -31.30 -51.21 1.76
C PRO G 206 -31.00 -50.82 3.20
N ARG G 207 -29.78 -50.44 3.53
CA ARG G 207 -29.44 -50.10 4.91
CA ARG G 207 -29.45 -50.10 4.91
C ARG G 207 -29.33 -48.60 5.14
N ASN G 208 -29.72 -47.77 4.16
CA ASN G 208 -29.80 -46.32 4.38
C ASN G 208 -31.13 -45.98 5.05
N HIS G 209 -31.08 -45.16 6.08
CA HIS G 209 -32.24 -44.84 6.89
C HIS G 209 -32.53 -43.35 6.78
N PHE G 210 -33.79 -42.99 6.53
CA PHE G 210 -34.21 -41.61 6.38
C PHE G 210 -35.27 -41.31 7.43
N ARG G 211 -35.16 -40.15 8.06
CA ARG G 211 -36.16 -39.73 9.05
C ARG G 211 -36.41 -38.25 8.92
N CYS G 212 -37.67 -37.84 8.94
CA CYS G 212 -37.97 -36.43 9.04
CA CYS G 212 -38.05 -36.44 9.00
C CYS G 212 -38.55 -36.14 10.41
N GLN G 213 -38.05 -35.07 11.02
CA GLN G 213 -38.35 -34.74 12.40
C GLN G 213 -38.92 -33.33 12.44
N VAL G 214 -40.01 -33.14 13.17
CA VAL G 214 -40.57 -31.81 13.34
C VAL G 214 -40.59 -31.52 14.83
N GLN G 215 -39.79 -30.54 15.24
CA GLN G 215 -39.84 -30.03 16.59
C GLN G 215 -40.98 -29.03 16.68
N PHE G 216 -41.93 -29.25 17.57
CA PHE G 216 -43.06 -28.36 17.81
C PHE G 216 -42.85 -27.67 19.15
N TYR G 217 -43.07 -26.37 19.19
CA TYR G 217 -43.00 -25.62 20.44
C TYR G 217 -44.43 -25.26 20.81
N GLY G 218 -44.94 -25.88 21.86
CA GLY G 218 -46.33 -25.71 22.20
C GLY G 218 -46.52 -25.34 23.66
N LEU G 219 -47.34 -26.10 24.35
CA LEU G 219 -47.68 -25.78 25.73
C LEU G 219 -46.64 -26.35 26.69
N SER G 220 -46.61 -25.77 27.87
CA SER G 220 -45.73 -26.18 28.95
C SER G 220 -46.55 -26.83 30.04
N GLU G 221 -45.84 -27.37 31.03
CA GLU G 221 -46.46 -28.10 32.13
C GLU G 221 -47.53 -27.28 32.83
N ASN G 222 -47.27 -25.97 33.01
CA ASN G 222 -48.15 -25.15 33.82
C ASN G 222 -49.39 -24.67 33.06
N ASP G 223 -49.37 -24.69 31.73
CA ASP G 223 -50.57 -24.37 30.96
C ASP G 223 -51.70 -25.34 31.29
N GLU G 224 -52.90 -24.79 31.51
CA GLU G 224 -54.07 -25.59 31.79
C GLU G 224 -54.61 -26.20 30.49
N TRP G 225 -55.04 -27.45 30.56
CA TRP G 225 -55.54 -28.17 29.38
C TRP G 225 -56.86 -28.84 29.74
N THR G 226 -57.92 -28.54 28.97
CA THR G 226 -59.23 -29.11 29.23
C THR G 226 -59.84 -29.85 28.04
N GLN G 227 -59.14 -29.97 26.91
CA GLN G 227 -59.71 -30.67 25.77
C GLN G 227 -59.55 -32.18 25.92
N ASP G 228 -60.36 -32.93 25.17
CA ASP G 228 -60.34 -34.39 25.26
C ASP G 228 -59.11 -34.99 24.59
N ARG G 229 -58.55 -34.30 23.60
CA ARG G 229 -57.36 -34.80 22.94
C ARG G 229 -56.13 -34.54 23.81
N ALA G 230 -54.99 -35.09 23.38
CA ALA G 230 -53.76 -34.98 24.15
C ALA G 230 -53.27 -33.54 24.22
N LYS G 231 -52.76 -33.15 25.37
CA LYS G 231 -52.22 -31.81 25.59
C LYS G 231 -51.08 -31.51 24.62
N PRO G 232 -51.18 -30.47 23.80
CA PRO G 232 -50.14 -30.21 22.78
C PRO G 232 -48.91 -29.53 23.36
N VAL G 233 -48.20 -30.28 24.19
CA VAL G 233 -46.96 -29.76 24.76
C VAL G 233 -45.88 -29.72 23.69
N THR G 234 -44.82 -28.98 23.99
CA THR G 234 -43.61 -29.00 23.18
C THR G 234 -43.14 -30.44 22.99
N GLN G 235 -42.84 -30.81 21.74
CA GLN G 235 -42.61 -32.22 21.44
C GLN G 235 -41.98 -32.35 20.06
N ILE G 236 -41.42 -33.55 19.82
CA ILE G 236 -40.83 -33.91 18.53
C ILE G 236 -41.70 -35.02 17.93
N VAL G 237 -42.19 -34.80 16.72
CA VAL G 237 -42.96 -35.78 15.94
C VAL G 237 -42.11 -36.16 14.72
N SER G 238 -41.95 -37.46 14.47
CA SER G 238 -41.10 -37.89 13.36
CA SER G 238 -41.07 -37.93 13.40
C SER G 238 -41.75 -39.02 12.58
N ALA G 239 -41.20 -39.25 11.38
CA ALA G 239 -41.61 -40.35 10.51
C ALA G 239 -40.40 -40.78 9.68
N GLU G 240 -40.34 -42.07 9.34
CA GLU G 240 -39.10 -42.64 8.82
C GLU G 240 -39.35 -43.48 7.56
N ALA G 241 -38.25 -43.78 6.86
CA ALA G 241 -38.25 -44.68 5.71
C ALA G 241 -36.88 -45.33 5.62
N TRP G 242 -36.84 -46.55 5.08
CA TRP G 242 -35.58 -47.20 4.75
C TRP G 242 -35.38 -47.23 3.25
N GLY G 243 -34.12 -47.25 2.83
CA GLY G 243 -33.82 -47.46 1.42
C GLY G 243 -34.41 -48.75 0.90
N ARG G 244 -34.63 -48.80 -0.41
CA ARG G 244 -35.39 -49.86 -1.05
C ARG G 244 -34.54 -50.45 -2.16
N ALA G 245 -34.06 -51.67 -1.96
CA ALA G 245 -33.23 -52.34 -2.96
C ALA G 245 -34.05 -52.81 -4.17
N MET H 1 1.21 20.10 32.98
CA MET H 1 -0.17 20.58 32.99
C MET H 1 -0.24 22.11 33.20
N ILE H 2 -0.88 22.79 32.24
CA ILE H 2 -0.98 24.25 32.25
C ILE H 2 -2.27 24.62 32.98
N GLN H 3 -2.13 25.24 34.15
CA GLN H 3 -3.24 25.88 34.82
C GLN H 3 -3.21 27.37 34.50
N ARG H 4 -4.38 27.95 34.26
CA ARG H 4 -4.49 29.32 33.82
C ARG H 4 -5.21 30.14 34.88
N THR H 5 -4.58 31.22 35.31
CA THR H 5 -5.10 32.03 36.39
C THR H 5 -6.21 32.96 35.87
N PRO H 6 -7.23 33.20 36.70
CA PRO H 6 -8.38 34.00 36.22
C PRO H 6 -8.02 35.46 36.02
N LYS H 7 -8.56 36.03 34.95
CA LYS H 7 -8.60 37.48 34.76
C LYS H 7 -9.84 38.01 35.47
N ILE H 8 -9.68 39.10 36.23
CA ILE H 8 -10.71 39.62 37.13
C ILE H 8 -10.98 41.07 36.77
N GLN H 9 -12.20 41.35 36.32
CA GLN H 9 -12.59 42.70 35.93
C GLN H 9 -13.85 43.09 36.66
N VAL H 10 -13.86 44.31 37.18
CA VAL H 10 -14.90 44.83 38.07
C VAL H 10 -15.39 46.15 37.49
N TYR H 11 -16.70 46.26 37.29
CA TYR H 11 -17.24 47.38 36.54
C TYR H 11 -18.74 47.44 36.79
N SER H 12 -19.31 48.61 36.58
CA SER H 12 -20.75 48.76 36.77
C SER H 12 -21.47 48.46 35.47
N ARG H 13 -22.76 48.09 35.59
CA ARG H 13 -23.56 47.79 34.41
C ARG H 13 -23.74 49.03 33.53
N HIS H 14 -24.13 50.15 34.14
CA HIS H 14 -24.25 51.45 33.52
C HIS H 14 -23.18 52.38 34.08
N PRO H 15 -22.84 53.45 33.34
CA PRO H 15 -21.95 54.46 33.92
C PRO H 15 -22.42 54.89 35.30
N ALA H 16 -21.49 54.88 36.26
CA ALA H 16 -21.85 55.04 37.66
C ALA H 16 -22.13 56.51 37.98
N GLU H 17 -23.25 56.74 38.68
CA GLU H 17 -23.59 58.04 39.24
C GLU H 17 -23.95 57.84 40.70
N ASN H 18 -23.18 58.47 41.59
CA ASN H 18 -23.51 58.42 43.01
C ASN H 18 -24.98 58.76 43.23
N GLY H 19 -25.64 57.95 44.06
CA GLY H 19 -27.05 58.08 44.31
C GLY H 19 -27.95 57.30 43.37
N LYS H 20 -27.44 56.87 42.21
CA LYS H 20 -28.26 56.22 41.20
C LYS H 20 -28.05 54.70 41.28
N SER H 21 -29.15 53.97 41.46
CA SER H 21 -29.07 52.52 41.58
C SER H 21 -28.45 51.91 40.33
N ASN H 22 -27.72 50.83 40.52
CA ASN H 22 -26.86 50.28 39.47
C ASN H 22 -26.64 48.80 39.78
N PHE H 23 -25.75 48.16 39.02
CA PHE H 23 -25.32 46.80 39.26
C PHE H 23 -23.80 46.77 39.22
N LEU H 24 -23.20 46.13 40.21
CA LEU H 24 -21.76 45.93 40.24
C LEU H 24 -21.43 44.55 39.69
N ASN H 25 -20.55 44.50 38.69
CA ASN H 25 -20.21 43.25 38.01
C ASN H 25 -18.77 42.86 38.32
N CYS H 26 -18.54 41.57 38.53
CA CYS H 26 -17.21 40.99 38.54
C CYS H 26 -17.19 39.87 37.52
N TYR H 27 -16.42 40.06 36.45
CA TYR H 27 -16.34 39.11 35.36
C TYR H 27 -15.01 38.40 35.49
N VAL H 28 -15.08 37.09 35.70
CA VAL H 28 -13.90 36.27 35.95
C VAL H 28 -13.77 35.34 34.76
N SER H 29 -12.64 35.41 34.06
CA SER H 29 -12.55 34.71 32.78
C SER H 29 -11.14 34.18 32.55
N GLY H 30 -11.04 33.29 31.57
CA GLY H 30 -9.76 32.74 31.15
C GLY H 30 -9.11 31.78 32.11
N PHE H 31 -9.83 31.24 33.08
CA PHE H 31 -9.20 30.34 34.04
C PHE H 31 -9.40 28.88 33.66
N HIS H 32 -8.54 28.02 34.19
CA HIS H 32 -8.61 26.58 34.04
C HIS H 32 -7.76 25.95 35.13
N PRO H 33 -8.25 24.91 35.84
CA PRO H 33 -9.54 24.21 35.70
C PRO H 33 -10.73 25.02 36.24
N SER H 34 -11.92 24.42 36.39
CA SER H 34 -13.12 25.23 36.55
C SER H 34 -13.47 25.60 37.99
N ASP H 35 -12.91 24.94 39.00
CA ASP H 35 -13.25 25.29 40.38
C ASP H 35 -12.77 26.69 40.69
N ILE H 36 -13.64 27.49 41.31
CA ILE H 36 -13.31 28.89 41.57
C ILE H 36 -14.30 29.43 42.60
N GLU H 37 -13.86 30.43 43.34
CA GLU H 37 -14.65 31.03 44.41
C GLU H 37 -14.57 32.54 44.24
N VAL H 38 -15.74 33.19 44.16
CA VAL H 38 -15.82 34.63 43.91
C VAL H 38 -16.73 35.26 44.96
N ASP H 39 -16.29 36.40 45.50
CA ASP H 39 -17.12 37.19 46.40
C ASP H 39 -17.05 38.65 46.00
N LEU H 40 -18.18 39.33 46.10
CA LEU H 40 -18.20 40.78 46.01
C LEU H 40 -18.04 41.36 47.41
N LEU H 41 -17.24 42.42 47.53
CA LEU H 41 -16.92 43.03 48.82
C LEU H 41 -17.38 44.48 48.85
N LYS H 42 -17.89 44.91 50.00
CA LYS H 42 -18.25 46.31 50.24
C LYS H 42 -17.56 46.76 51.50
N ASN H 43 -16.60 47.67 51.36
CA ASN H 43 -15.74 48.11 52.45
C ASN H 43 -15.02 46.93 53.09
N GLY H 44 -14.56 45.99 52.26
CA GLY H 44 -13.86 44.82 52.73
C GLY H 44 -14.75 43.69 53.23
N GLU H 45 -16.05 43.91 53.36
CA GLU H 45 -16.99 42.92 53.86
C GLU H 45 -17.70 42.24 52.71
N ARG H 46 -18.02 40.96 52.89
CA ARG H 46 -18.64 40.16 51.84
C ARG H 46 -20.11 40.53 51.68
N ILE H 47 -20.51 40.85 50.46
CA ILE H 47 -21.92 41.11 50.15
C ILE H 47 -22.67 39.79 50.14
N GLU H 48 -23.88 39.79 50.69
CA GLU H 48 -24.64 38.56 50.87
C GLU H 48 -25.49 38.20 49.66
N LYS H 49 -26.29 39.15 49.16
CA LYS H 49 -27.19 38.90 48.04
C LYS H 49 -26.40 39.09 46.75
N VAL H 50 -25.71 38.04 46.33
CA VAL H 50 -24.88 38.06 45.13
C VAL H 50 -25.35 36.95 44.21
N GLU H 51 -25.60 37.29 42.95
CA GLU H 51 -26.02 36.31 41.96
C GLU H 51 -24.90 36.07 40.95
N HIS H 52 -25.02 34.98 40.21
CA HIS H 52 -23.98 34.64 39.26
C HIS H 52 -24.56 33.79 38.14
N SER H 53 -23.99 33.94 36.96
CA SER H 53 -24.33 33.10 35.81
C SER H 53 -23.79 31.68 36.01
N ASP H 54 -24.32 30.74 35.23
CA ASP H 54 -23.75 29.41 35.20
C ASP H 54 -22.32 29.47 34.64
N LEU H 55 -21.50 28.51 35.07
CA LEU H 55 -20.19 28.30 34.46
C LEU H 55 -20.31 28.26 32.94
N SER H 56 -19.54 29.10 32.27
CA SER H 56 -19.58 29.19 30.82
C SER H 56 -18.26 28.72 30.22
N PHE H 57 -18.34 28.32 28.95
CA PHE H 57 -17.25 27.62 28.27
C PHE H 57 -16.74 28.46 27.12
N SER H 58 -15.43 28.71 27.09
CA SER H 58 -14.84 29.44 25.98
C SER H 58 -14.24 28.48 24.96
N LYS H 59 -14.14 28.96 23.71
CA LYS H 59 -13.60 28.15 22.63
C LYS H 59 -12.15 27.74 22.90
N ASP H 60 -11.40 28.55 23.65
CA ASP H 60 -10.01 28.22 23.95
C ASP H 60 -9.89 27.29 25.13
N TRP H 61 -11.01 26.71 25.57
CA TRP H 61 -11.14 25.71 26.62
C TRP H 61 -11.13 26.33 28.02
N SER H 62 -10.93 27.63 28.15
CA SER H 62 -11.03 28.25 29.46
C SER H 62 -12.50 28.47 29.82
N PHE H 63 -12.73 28.97 31.03
CA PHE H 63 -14.06 29.15 31.59
C PHE H 63 -14.25 30.61 31.96
N TYR H 64 -15.51 31.03 32.07
CA TYR H 64 -15.81 32.38 32.55
C TYR H 64 -17.14 32.35 33.30
N LEU H 65 -17.28 33.33 34.20
CA LEU H 65 -18.43 33.54 35.07
C LEU H 65 -18.63 35.03 35.28
N LEU H 66 -19.89 35.44 35.44
CA LEU H 66 -20.21 36.81 35.83
C LEU H 66 -20.89 36.78 37.19
N TYR H 67 -20.32 37.52 38.14
CA TYR H 67 -20.93 37.75 39.44
C TYR H 67 -21.42 39.19 39.51
N TYR H 68 -22.56 39.42 40.15
CA TYR H 68 -23.12 40.77 40.15
C TYR H 68 -24.07 40.96 41.32
N THR H 69 -24.26 42.23 41.70
CA THR H 69 -25.25 42.56 42.72
C THR H 69 -25.75 43.97 42.47
N GLU H 70 -27.00 44.20 42.81
CA GLU H 70 -27.58 45.53 42.73
C GLU H 70 -26.99 46.41 43.83
N PHE H 71 -26.63 47.64 43.48
CA PHE H 71 -26.07 48.54 44.47
C PHE H 71 -26.30 50.00 44.06
N THR H 72 -26.19 50.88 45.02
CA THR H 72 -26.22 52.32 44.76
C THR H 72 -24.87 52.89 45.17
N PRO H 73 -24.01 53.25 44.23
CA PRO H 73 -22.68 53.74 44.60
C PRO H 73 -22.78 55.07 45.36
N THR H 74 -21.81 55.28 46.24
CA THR H 74 -21.64 56.53 46.98
C THR H 74 -20.17 56.91 46.94
N GLU H 75 -19.88 58.16 47.30
CA GLU H 75 -18.49 58.60 47.42
C GLU H 75 -17.77 57.80 48.49
N LYS H 76 -18.47 57.50 49.60
CA LYS H 76 -17.81 56.88 50.75
C LYS H 76 -17.52 55.41 50.50
N ASP H 77 -18.48 54.67 49.94
CA ASP H 77 -18.42 53.21 49.91
C ASP H 77 -17.46 52.70 48.85
N GLU H 78 -16.63 51.73 49.22
CA GLU H 78 -15.68 51.09 48.33
C GLU H 78 -16.11 49.66 48.05
N TYR H 79 -15.84 49.20 46.85
CA TYR H 79 -16.27 47.88 46.39
C TYR H 79 -15.11 47.15 45.75
N ALA H 80 -15.15 45.81 45.80
CA ALA H 80 -14.05 45.00 45.32
C ALA H 80 -14.56 43.59 45.05
N CYS H 81 -13.73 42.80 44.35
CA CYS H 81 -14.04 41.42 44.00
C CYS H 81 -12.93 40.51 44.49
N ARG H 82 -13.29 39.47 45.24
CA ARG H 82 -12.33 38.56 45.85
C ARG H 82 -12.48 37.19 45.20
N VAL H 83 -11.38 36.67 44.65
CA VAL H 83 -11.39 35.47 43.82
C VAL H 83 -10.34 34.50 44.34
N ASN H 84 -10.72 33.25 44.51
CA ASN H 84 -9.76 32.19 44.80
C ASN H 84 -9.79 31.13 43.72
N HIS H 85 -8.62 30.53 43.47
CA HIS H 85 -8.44 29.57 42.39
C HIS H 85 -7.17 28.78 42.70
N VAL H 86 -7.06 27.57 42.14
CA VAL H 86 -5.90 26.74 42.42
C VAL H 86 -4.60 27.45 42.03
N THR H 87 -4.66 28.30 41.00
CA THR H 87 -3.51 29.09 40.57
C THR H 87 -3.10 30.18 41.56
N LEU H 88 -3.89 30.44 42.59
CA LEU H 88 -3.68 31.59 43.48
C LEU H 88 -3.31 31.11 44.87
N SER H 89 -2.12 31.53 45.35
CA SER H 89 -1.68 31.14 46.68
C SER H 89 -2.50 31.84 47.77
N GLN H 90 -2.93 33.06 47.50
CA GLN H 90 -3.84 33.81 48.35
C GLN H 90 -4.95 34.37 47.50
N PRO H 91 -6.14 34.58 48.06
CA PRO H 91 -7.22 35.23 47.29
C PRO H 91 -6.75 36.56 46.74
N LYS H 92 -7.17 36.87 45.52
CA LYS H 92 -6.80 38.12 44.88
C LYS H 92 -7.96 39.10 44.99
N ILE H 93 -7.66 40.32 45.41
CA ILE H 93 -8.65 41.40 45.52
C ILE H 93 -8.44 42.36 44.37
N VAL H 94 -9.51 42.67 43.66
CA VAL H 94 -9.50 43.67 42.60
C VAL H 94 -10.55 44.72 42.94
N LYS H 95 -10.10 45.94 43.16
CA LYS H 95 -10.97 47.04 43.54
C LYS H 95 -11.75 47.55 42.33
N TRP H 96 -12.98 47.98 42.58
CA TRP H 96 -13.71 48.78 41.60
C TRP H 96 -13.15 50.19 41.62
N ASP H 97 -12.72 50.69 40.46
CA ASP H 97 -12.29 52.07 40.33
C ASP H 97 -13.13 52.75 39.25
N ARG H 98 -13.55 53.97 39.53
CA ARG H 98 -14.49 54.67 38.67
C ARG H 98 -13.81 55.87 37.99
N1 LFN I . 22.97 0.92 -4.58
C2 LFN I . 22.42 2.11 -4.20
C10 LFN I . 24.26 0.60 -4.26
O2 LFN I . 21.25 2.38 -4.43
N3 LFN I . 23.25 2.96 -3.51
C4 LFN I . 24.56 2.73 -3.16
O4 LFN I . 25.22 3.57 -2.55
C4A LFN I . 25.05 1.47 -3.56
N5 LFN I . 26.29 1.10 -3.16
C5A LFN I . 26.79 -0.16 -3.48
C6 LFN I . 28.03 -0.58 -3.00
C9A LFN I . 26.02 -1.04 -4.26
C7 LFN I . 28.51 -1.85 -3.30
C7M LFN I . 29.79 -2.31 -2.66
C8 LFN I . 27.75 -2.71 -4.12
C8M LFN I . 28.27 -4.05 -4.54
C9 LFN I . 26.50 -2.29 -4.59
N10 LFN I . 24.73 -0.63 -4.62
C1' LFN I . 23.88 -1.55 -5.38
NA NA J . 3.23 22.77 6.20
N1 LFN K . -23.91 17.52 22.21
C2 LFN K . -23.48 17.86 23.47
C10 LFN K . -25.21 17.70 21.84
O2 LFN K . -22.30 17.80 23.79
N3 LFN K . -24.44 18.34 24.33
C4 LFN K . -25.77 18.55 24.05
O4 LFN K . -26.54 18.99 24.92
C4A LFN K . -26.14 18.23 22.71
N5 LFN K . -27.39 18.47 22.30
C5A LFN K . -27.79 18.20 20.99
C6 LFN K . -29.06 18.58 20.57
C9A LFN K . -26.89 17.61 20.11
C7 LFN K . -29.44 18.36 19.24
C7M LFN K . -30.81 18.81 18.79
C8 LFN K . -28.54 17.72 18.36
C8M LFN K . -28.95 17.40 16.93
C9 LFN K . -27.27 17.36 18.79
N10 LFN K . -25.58 17.38 20.55
C1' LFN K . -24.59 16.82 19.62
C1 GOL L . -37.31 7.84 31.59
O1 GOL L . -37.52 6.47 31.37
C2 GOL L . -36.28 8.05 32.70
O2 GOL L . -35.09 7.37 32.35
C3 GOL L . -36.08 9.55 32.93
O3 GOL L . -35.28 9.73 34.09
#